data_5QXP
# 
_entry.id   5QXP 
# 
_audit_conform.dict_name       mmcif_pdbx.dic 
_audit_conform.dict_version    5.387 
_audit_conform.dict_location   http://mmcif.pdb.org/dictionaries/ascii/mmcif_pdbx.dic 
# 
loop_
_database_2.database_id 
_database_2.database_code 
_database_2.pdbx_database_accession 
_database_2.pdbx_DOI 
PDB   5QXP         pdb_00005qxp 10.2210/pdb5qxp/pdb 
WWPDB D_1001402448 ?            ?                   
# 
loop_
_pdbx_audit_revision_history.ordinal 
_pdbx_audit_revision_history.data_content_type 
_pdbx_audit_revision_history.major_revision 
_pdbx_audit_revision_history.minor_revision 
_pdbx_audit_revision_history.revision_date 
1 'Structure model' 1 0 2020-04-08 
2 'Structure model' 1 1 2024-03-06 
# 
_pdbx_audit_revision_details.ordinal             1 
_pdbx_audit_revision_details.revision_ordinal    1 
_pdbx_audit_revision_details.data_content_type   'Structure model' 
_pdbx_audit_revision_details.provider            repository 
_pdbx_audit_revision_details.type                'Initial release' 
_pdbx_audit_revision_details.description         ? 
_pdbx_audit_revision_details.details             ? 
# 
loop_
_pdbx_audit_revision_group.ordinal 
_pdbx_audit_revision_group.revision_ordinal 
_pdbx_audit_revision_group.data_content_type 
_pdbx_audit_revision_group.group 
1 2 'Structure model' 'Data collection'     
2 2 'Structure model' 'Database references' 
# 
loop_
_pdbx_audit_revision_category.ordinal 
_pdbx_audit_revision_category.revision_ordinal 
_pdbx_audit_revision_category.data_content_type 
_pdbx_audit_revision_category.category 
1 2 'Structure model' chem_comp_atom 
2 2 'Structure model' chem_comp_bond 
3 2 'Structure model' database_2     
# 
loop_
_pdbx_audit_revision_item.ordinal 
_pdbx_audit_revision_item.revision_ordinal 
_pdbx_audit_revision_item.data_content_type 
_pdbx_audit_revision_item.item 
1 2 'Structure model' '_database_2.pdbx_DOI'                
2 2 'Structure model' '_database_2.pdbx_database_accession' 
# 
_pdbx_database_status.entry_id                        5QXP 
_pdbx_database_status.status_code                     REL 
_pdbx_database_status.status_code_sf                  REL 
_pdbx_database_status.status_code_mr                  ? 
_pdbx_database_status.status_code_cs                  ? 
_pdbx_database_status.recvd_initial_deposition_date   2020-02-11 
_pdbx_database_status.deposit_site                    RCSB 
_pdbx_database_status.process_site                    RCSB 
_pdbx_database_status.SG_entry                        ? 
_pdbx_database_status.pdb_format_compatible           Y 
_pdbx_database_status.methods_development_category    ? 
_pdbx_database_status.status_code_nmr_data            ? 
# 
loop_
_audit_author.name 
_audit_author.pdbx_ordinal 
'Snee, M.'         1 
'Talon, R.'        2 
'Fowley, D.'       3 
'Collins, P.'      4 
'Nelson, A.'       5 
'Arrowsmith, C.H.' 6 
'Bountra, C.'      7 
'Edwards, A.'      8 
'Von-Delft, F.'    9 
# 
_citation.id                        primary 
_citation.title                     'PanDDA analysis group deposition - Bromodomain of human ATAD2 fragment screening' 
_citation.journal_abbrev            'To Be Published' 
_citation.journal_volume            ? 
_citation.page_first                ? 
_citation.page_last                 ? 
_citation.year                      ? 
_citation.journal_id_ASTM           ? 
_citation.country                   ? 
_citation.journal_id_ISSN           ? 
_citation.journal_id_CSD            0353 
_citation.book_publisher            ? 
_citation.pdbx_database_id_PubMed   ? 
_citation.pdbx_database_id_DOI      ? 
# 
loop_
_citation_author.citation_id 
_citation_author.name 
_citation_author.identifier_ORCID 
_citation_author.ordinal 
primary 'Snee, M.'         ? 1 
primary 'Talon, R.'        ? 2 
primary 'Fowley, D.'       ? 3 
primary 'Collins, P.'      ? 4 
primary 'Nelson, A.'       ? 5 
primary 'Arrowsmith, C.H.' ? 6 
primary 'Bountra, C.'      ? 7 
primary 'Edwards, A.'      ? 8 
primary 'Von-Delft, F.'    ? 9 
# 
loop_
_entity.id 
_entity.type 
_entity.src_method 
_entity.pdbx_description 
_entity.formula_weight 
_entity.pdbx_number_of_molecules 
_entity.pdbx_ec 
_entity.pdbx_mutation 
_entity.pdbx_fragment 
_entity.details 
1 polymer     man 'ATPase family AAA domain-containing protein 2'         15512.562 1   3.6.1.3 ? ? ? 
2 non-polymer syn 'methyl (2R)-3-(furan-2-yl)-2-(pyridin-4-yl)propanoate' 231.247   1   ?       ? ? ? 
3 non-polymer syn 'SULFATE ION'                                           96.063    2   ?       ? ? ? 
4 non-polymer syn 1,2-ETHANEDIOL                                          62.068    4   ?       ? ? ? 
5 water       nat water                                                   18.015    225 ?       ? ? ? 
# 
_entity_name_com.entity_id   1 
_entity_name_com.name        'AAA nuclear coregulator cancer-associated protein,ANCCA' 
# 
_entity_poly.entity_id                      1 
_entity_poly.type                           'polypeptide(L)' 
_entity_poly.nstd_linkage                   no 
_entity_poly.nstd_monomer                   no 
_entity_poly.pdbx_seq_one_letter_code       
;SMQEEDTFRELRIFLRNVTHRLAIDKRFRVFTKPVDPDEVPDYRTVIKEPMDLSSVISKIDLHKYLTVKDYLRDIDLICS
NALEYNPDRDPGDRLIRHRACALRDTAYAIIKEELDEDFEQLCEEIQESR
;
_entity_poly.pdbx_seq_one_letter_code_can   
;SMQEEDTFRELRIFLRNVTHRLAIDKRFRVFTKPVDPDEVPDYRTVIKEPMDLSSVISKIDLHKYLTVKDYLRDIDLICS
NALEYNPDRDPGDRLIRHRACALRDTAYAIIKEELDEDFEQLCEEIQESR
;
_entity_poly.pdbx_strand_id                 A 
_entity_poly.pdbx_target_identifier         ? 
# 
loop_
_pdbx_entity_nonpoly.entity_id 
_pdbx_entity_nonpoly.name 
_pdbx_entity_nonpoly.comp_id 
2 'methyl (2R)-3-(furan-2-yl)-2-(pyridin-4-yl)propanoate' RH4 
3 'SULFATE ION'                                           SO4 
4 1,2-ETHANEDIOL                                          EDO 
5 water                                                   HOH 
# 
loop_
_entity_poly_seq.entity_id 
_entity_poly_seq.num 
_entity_poly_seq.mon_id 
_entity_poly_seq.hetero 
1 1   SER n 
1 2   MET n 
1 3   GLN n 
1 4   GLU n 
1 5   GLU n 
1 6   ASP n 
1 7   THR n 
1 8   PHE n 
1 9   ARG n 
1 10  GLU n 
1 11  LEU n 
1 12  ARG n 
1 13  ILE n 
1 14  PHE n 
1 15  LEU n 
1 16  ARG n 
1 17  ASN n 
1 18  VAL n 
1 19  THR n 
1 20  HIS n 
1 21  ARG n 
1 22  LEU n 
1 23  ALA n 
1 24  ILE n 
1 25  ASP n 
1 26  LYS n 
1 27  ARG n 
1 28  PHE n 
1 29  ARG n 
1 30  VAL n 
1 31  PHE n 
1 32  THR n 
1 33  LYS n 
1 34  PRO n 
1 35  VAL n 
1 36  ASP n 
1 37  PRO n 
1 38  ASP n 
1 39  GLU n 
1 40  VAL n 
1 41  PRO n 
1 42  ASP n 
1 43  TYR n 
1 44  ARG n 
1 45  THR n 
1 46  VAL n 
1 47  ILE n 
1 48  LYS n 
1 49  GLU n 
1 50  PRO n 
1 51  MET n 
1 52  ASP n 
1 53  LEU n 
1 54  SER n 
1 55  SER n 
1 56  VAL n 
1 57  ILE n 
1 58  SER n 
1 59  LYS n 
1 60  ILE n 
1 61  ASP n 
1 62  LEU n 
1 63  HIS n 
1 64  LYS n 
1 65  TYR n 
1 66  LEU n 
1 67  THR n 
1 68  VAL n 
1 69  LYS n 
1 70  ASP n 
1 71  TYR n 
1 72  LEU n 
1 73  ARG n 
1 74  ASP n 
1 75  ILE n 
1 76  ASP n 
1 77  LEU n 
1 78  ILE n 
1 79  CYS n 
1 80  SER n 
1 81  ASN n 
1 82  ALA n 
1 83  LEU n 
1 84  GLU n 
1 85  TYR n 
1 86  ASN n 
1 87  PRO n 
1 88  ASP n 
1 89  ARG n 
1 90  ASP n 
1 91  PRO n 
1 92  GLY n 
1 93  ASP n 
1 94  ARG n 
1 95  LEU n 
1 96  ILE n 
1 97  ARG n 
1 98  HIS n 
1 99  ARG n 
1 100 ALA n 
1 101 CYS n 
1 102 ALA n 
1 103 LEU n 
1 104 ARG n 
1 105 ASP n 
1 106 THR n 
1 107 ALA n 
1 108 TYR n 
1 109 ALA n 
1 110 ILE n 
1 111 ILE n 
1 112 LYS n 
1 113 GLU n 
1 114 GLU n 
1 115 LEU n 
1 116 ASP n 
1 117 GLU n 
1 118 ASP n 
1 119 PHE n 
1 120 GLU n 
1 121 GLN n 
1 122 LEU n 
1 123 CYS n 
1 124 GLU n 
1 125 GLU n 
1 126 ILE n 
1 127 GLN n 
1 128 GLU n 
1 129 SER n 
1 130 ARG n 
# 
_entity_src_gen.entity_id                          1 
_entity_src_gen.pdbx_src_id                        1 
_entity_src_gen.pdbx_alt_source_flag               sample 
_entity_src_gen.pdbx_seq_type                      'Biological sequence' 
_entity_src_gen.pdbx_beg_seq_num                   1 
_entity_src_gen.pdbx_end_seq_num                   130 
_entity_src_gen.gene_src_common_name               Human 
_entity_src_gen.gene_src_genus                     ? 
_entity_src_gen.pdbx_gene_src_gene                 'ATAD2, L16, PRO2000' 
_entity_src_gen.gene_src_species                   ? 
_entity_src_gen.gene_src_strain                    ? 
_entity_src_gen.gene_src_tissue                    ? 
_entity_src_gen.gene_src_tissue_fraction           ? 
_entity_src_gen.gene_src_details                   ? 
_entity_src_gen.pdbx_gene_src_fragment             ? 
_entity_src_gen.pdbx_gene_src_scientific_name      'Homo sapiens' 
_entity_src_gen.pdbx_gene_src_ncbi_taxonomy_id     9606 
_entity_src_gen.pdbx_gene_src_variant              ? 
_entity_src_gen.pdbx_gene_src_cell_line            ? 
_entity_src_gen.pdbx_gene_src_atcc                 ? 
_entity_src_gen.pdbx_gene_src_organ                ? 
_entity_src_gen.pdbx_gene_src_organelle            ? 
_entity_src_gen.pdbx_gene_src_cell                 ? 
_entity_src_gen.pdbx_gene_src_cellular_location    ? 
_entity_src_gen.host_org_common_name               ? 
_entity_src_gen.pdbx_host_org_scientific_name      'Escherichia coli' 
_entity_src_gen.pdbx_host_org_ncbi_taxonomy_id     562 
_entity_src_gen.host_org_genus                     ? 
_entity_src_gen.pdbx_host_org_gene                 ? 
_entity_src_gen.pdbx_host_org_organ                ? 
_entity_src_gen.host_org_species                   ? 
_entity_src_gen.pdbx_host_org_tissue               ? 
_entity_src_gen.pdbx_host_org_tissue_fraction      ? 
_entity_src_gen.pdbx_host_org_strain               ? 
_entity_src_gen.pdbx_host_org_variant              ? 
_entity_src_gen.pdbx_host_org_cell_line            ? 
_entity_src_gen.pdbx_host_org_atcc                 ? 
_entity_src_gen.pdbx_host_org_culture_collection   ? 
_entity_src_gen.pdbx_host_org_cell                 ? 
_entity_src_gen.pdbx_host_org_organelle            ? 
_entity_src_gen.pdbx_host_org_cellular_location    ? 
_entity_src_gen.pdbx_host_org_vector_type          ? 
_entity_src_gen.pdbx_host_org_vector               ? 
_entity_src_gen.host_org_details                   ? 
_entity_src_gen.expression_system_id               ? 
_entity_src_gen.plasmid_name                       ? 
_entity_src_gen.plasmid_details                    ? 
_entity_src_gen.pdbx_description                   ? 
# 
loop_
_chem_comp.id 
_chem_comp.type 
_chem_comp.mon_nstd_flag 
_chem_comp.name 
_chem_comp.pdbx_synonyms 
_chem_comp.formula 
_chem_comp.formula_weight 
ALA 'L-peptide linking' y ALANINE                                                 ?                 'C3 H7 N O2'     89.093  
ARG 'L-peptide linking' y ARGININE                                                ?                 'C6 H15 N4 O2 1' 175.209 
ASN 'L-peptide linking' y ASPARAGINE                                              ?                 'C4 H8 N2 O3'    132.118 
ASP 'L-peptide linking' y 'ASPARTIC ACID'                                         ?                 'C4 H7 N O4'     133.103 
CYS 'L-peptide linking' y CYSTEINE                                                ?                 'C3 H7 N O2 S'   121.158 
EDO non-polymer         . 1,2-ETHANEDIOL                                          'ETHYLENE GLYCOL' 'C2 H6 O2'       62.068  
GLN 'L-peptide linking' y GLUTAMINE                                               ?                 'C5 H10 N2 O3'   146.144 
GLU 'L-peptide linking' y 'GLUTAMIC ACID'                                         ?                 'C5 H9 N O4'     147.129 
GLY 'peptide linking'   y GLYCINE                                                 ?                 'C2 H5 N O2'     75.067  
HIS 'L-peptide linking' y HISTIDINE                                               ?                 'C6 H10 N3 O2 1' 156.162 
HOH non-polymer         . WATER                                                   ?                 'H2 O'           18.015  
ILE 'L-peptide linking' y ISOLEUCINE                                              ?                 'C6 H13 N O2'    131.173 
LEU 'L-peptide linking' y LEUCINE                                                 ?                 'C6 H13 N O2'    131.173 
LYS 'L-peptide linking' y LYSINE                                                  ?                 'C6 H15 N2 O2 1' 147.195 
MET 'L-peptide linking' y METHIONINE                                              ?                 'C5 H11 N O2 S'  149.211 
PHE 'L-peptide linking' y PHENYLALANINE                                           ?                 'C9 H11 N O2'    165.189 
PRO 'L-peptide linking' y PROLINE                                                 ?                 'C5 H9 N O2'     115.130 
RH4 non-polymer         . 'methyl (2R)-3-(furan-2-yl)-2-(pyridin-4-yl)propanoate' ?                 'C13 H13 N O3'   231.247 
SER 'L-peptide linking' y SERINE                                                  ?                 'C3 H7 N O3'     105.093 
SO4 non-polymer         . 'SULFATE ION'                                           ?                 'O4 S -2'        96.063  
THR 'L-peptide linking' y THREONINE                                               ?                 'C4 H9 N O3'     119.119 
TYR 'L-peptide linking' y TYROSINE                                                ?                 'C9 H11 N O3'    181.189 
VAL 'L-peptide linking' y VALINE                                                  ?                 'C5 H11 N O2'    117.146 
# 
loop_
_pdbx_poly_seq_scheme.asym_id 
_pdbx_poly_seq_scheme.entity_id 
_pdbx_poly_seq_scheme.seq_id 
_pdbx_poly_seq_scheme.mon_id 
_pdbx_poly_seq_scheme.ndb_seq_num 
_pdbx_poly_seq_scheme.pdb_seq_num 
_pdbx_poly_seq_scheme.auth_seq_num 
_pdbx_poly_seq_scheme.pdb_mon_id 
_pdbx_poly_seq_scheme.auth_mon_id 
_pdbx_poly_seq_scheme.pdb_strand_id 
_pdbx_poly_seq_scheme.pdb_ins_code 
_pdbx_poly_seq_scheme.hetero 
A 1 1   SER 1   979  979  SER SER A . n 
A 1 2   MET 2   980  980  MET MET A . n 
A 1 3   GLN 3   981  981  GLN GLN A . n 
A 1 4   GLU 4   982  982  GLU GLU A . n 
A 1 5   GLU 5   983  983  GLU GLU A . n 
A 1 6   ASP 6   984  984  ASP ASP A . n 
A 1 7   THR 7   985  985  THR THR A . n 
A 1 8   PHE 8   986  986  PHE PHE A . n 
A 1 9   ARG 9   987  987  ARG ARG A . n 
A 1 10  GLU 10  988  988  GLU GLU A . n 
A 1 11  LEU 11  989  989  LEU LEU A . n 
A 1 12  ARG 12  990  990  ARG ARG A . n 
A 1 13  ILE 13  991  991  ILE ILE A . n 
A 1 14  PHE 14  992  992  PHE PHE A . n 
A 1 15  LEU 15  993  993  LEU LEU A . n 
A 1 16  ARG 16  994  994  ARG ARG A . n 
A 1 17  ASN 17  995  995  ASN ASN A . n 
A 1 18  VAL 18  996  996  VAL VAL A . n 
A 1 19  THR 19  997  997  THR THR A . n 
A 1 20  HIS 20  998  998  HIS HIS A . n 
A 1 21  ARG 21  999  999  ARG ARG A . n 
A 1 22  LEU 22  1000 1000 LEU LEU A . n 
A 1 23  ALA 23  1001 1001 ALA ALA A . n 
A 1 24  ILE 24  1002 1002 ILE ILE A . n 
A 1 25  ASP 25  1003 1003 ASP ASP A . n 
A 1 26  LYS 26  1004 1004 LYS LYS A . n 
A 1 27  ARG 27  1005 1005 ARG ARG A . n 
A 1 28  PHE 28  1006 1006 PHE PHE A . n 
A 1 29  ARG 29  1007 1007 ARG ARG A . n 
A 1 30  VAL 30  1008 1008 VAL VAL A . n 
A 1 31  PHE 31  1009 1009 PHE PHE A . n 
A 1 32  THR 32  1010 1010 THR THR A . n 
A 1 33  LYS 33  1011 1011 LYS LYS A . n 
A 1 34  PRO 34  1012 1012 PRO PRO A . n 
A 1 35  VAL 35  1013 1013 VAL VAL A . n 
A 1 36  ASP 36  1014 1014 ASP ASP A . n 
A 1 37  PRO 37  1015 1015 PRO PRO A . n 
A 1 38  ASP 38  1016 1016 ASP ASP A . n 
A 1 39  GLU 39  1017 1017 GLU GLU A . n 
A 1 40  VAL 40  1018 1018 VAL VAL A . n 
A 1 41  PRO 41  1019 1019 PRO PRO A . n 
A 1 42  ASP 42  1020 1020 ASP ASP A . n 
A 1 43  TYR 43  1021 1021 TYR TYR A . n 
A 1 44  ARG 44  1022 1022 ARG ARG A . n 
A 1 45  THR 45  1023 1023 THR THR A . n 
A 1 46  VAL 46  1024 1024 VAL VAL A . n 
A 1 47  ILE 47  1025 1025 ILE ILE A . n 
A 1 48  LYS 48  1026 1026 LYS LYS A . n 
A 1 49  GLU 49  1027 1027 GLU GLU A . n 
A 1 50  PRO 50  1028 1028 PRO PRO A . n 
A 1 51  MET 51  1029 1029 MET MET A . n 
A 1 52  ASP 52  1030 1030 ASP ASP A . n 
A 1 53  LEU 53  1031 1031 LEU LEU A . n 
A 1 54  SER 54  1032 1032 SER SER A . n 
A 1 55  SER 55  1033 1033 SER SER A . n 
A 1 56  VAL 56  1034 1034 VAL VAL A . n 
A 1 57  ILE 57  1035 1035 ILE ILE A . n 
A 1 58  SER 58  1036 1036 SER SER A . n 
A 1 59  LYS 59  1037 1037 LYS LYS A . n 
A 1 60  ILE 60  1038 1038 ILE ILE A . n 
A 1 61  ASP 61  1039 1039 ASP ASP A . n 
A 1 62  LEU 62  1040 1040 LEU LEU A . n 
A 1 63  HIS 63  1041 1041 HIS HIS A . n 
A 1 64  LYS 64  1042 1042 LYS LYS A . n 
A 1 65  TYR 65  1043 1043 TYR TYR A . n 
A 1 66  LEU 66  1044 1044 LEU LEU A . n 
A 1 67  THR 67  1045 1045 THR THR A . n 
A 1 68  VAL 68  1046 1046 VAL VAL A . n 
A 1 69  LYS 69  1047 1047 LYS LYS A . n 
A 1 70  ASP 70  1048 1048 ASP ASP A . n 
A 1 71  TYR 71  1049 1049 TYR TYR A . n 
A 1 72  LEU 72  1050 1050 LEU LEU A . n 
A 1 73  ARG 73  1051 1051 ARG ARG A . n 
A 1 74  ASP 74  1052 1052 ASP ASP A . n 
A 1 75  ILE 75  1053 1053 ILE ILE A . n 
A 1 76  ASP 76  1054 1054 ASP ASP A . n 
A 1 77  LEU 77  1055 1055 LEU LEU A . n 
A 1 78  ILE 78  1056 1056 ILE ILE A . n 
A 1 79  CYS 79  1057 1057 CYS CYS A . n 
A 1 80  SER 80  1058 1058 SER SER A . n 
A 1 81  ASN 81  1059 1059 ASN ASN A . n 
A 1 82  ALA 82  1060 1060 ALA ALA A . n 
A 1 83  LEU 83  1061 1061 LEU LEU A . n 
A 1 84  GLU 84  1062 1062 GLU GLU A . n 
A 1 85  TYR 85  1063 1063 TYR TYR A . n 
A 1 86  ASN 86  1064 1064 ASN ASN A . n 
A 1 87  PRO 87  1065 1065 PRO PRO A . n 
A 1 88  ASP 88  1066 1066 ASP ASP A . n 
A 1 89  ARG 89  1067 1067 ARG ARG A . n 
A 1 90  ASP 90  1068 1068 ASP ASP A . n 
A 1 91  PRO 91  1069 1069 PRO PRO A . n 
A 1 92  GLY 92  1070 1070 GLY GLY A . n 
A 1 93  ASP 93  1071 1071 ASP ASP A . n 
A 1 94  ARG 94  1072 1072 ARG ARG A . n 
A 1 95  LEU 95  1073 1073 LEU LEU A . n 
A 1 96  ILE 96  1074 1074 ILE ILE A . n 
A 1 97  ARG 97  1075 1075 ARG ARG A . n 
A 1 98  HIS 98  1076 1076 HIS HIS A . n 
A 1 99  ARG 99  1077 1077 ARG ARG A . n 
A 1 100 ALA 100 1078 1078 ALA ALA A . n 
A 1 101 CYS 101 1079 1079 CYS CYS A . n 
A 1 102 ALA 102 1080 1080 ALA ALA A . n 
A 1 103 LEU 103 1081 1081 LEU LEU A . n 
A 1 104 ARG 104 1082 1082 ARG ARG A . n 
A 1 105 ASP 105 1083 1083 ASP ASP A . n 
A 1 106 THR 106 1084 1084 THR THR A . n 
A 1 107 ALA 107 1085 1085 ALA ALA A . n 
A 1 108 TYR 108 1086 1086 TYR TYR A . n 
A 1 109 ALA 109 1087 1087 ALA ALA A . n 
A 1 110 ILE 110 1088 1088 ILE ILE A . n 
A 1 111 ILE 111 1089 1089 ILE ILE A . n 
A 1 112 LYS 112 1090 1090 LYS LYS A . n 
A 1 113 GLU 113 1091 1091 GLU GLU A . n 
A 1 114 GLU 114 1092 1092 GLU GLU A . n 
A 1 115 LEU 115 1093 1093 LEU LEU A . n 
A 1 116 ASP 116 1094 1094 ASP ASP A . n 
A 1 117 GLU 117 1095 1095 GLU GLU A . n 
A 1 118 ASP 118 1096 1096 ASP ASP A . n 
A 1 119 PHE 119 1097 1097 PHE PHE A . n 
A 1 120 GLU 120 1098 1098 GLU GLU A . n 
A 1 121 GLN 121 1099 1099 GLN GLN A . n 
A 1 122 LEU 122 1100 1100 LEU LEU A . n 
A 1 123 CYS 123 1101 1101 CYS CYS A . n 
A 1 124 GLU 124 1102 1102 GLU GLU A . n 
A 1 125 GLU 125 1103 1103 GLU GLU A . n 
A 1 126 ILE 126 1104 1104 ILE ILE A . n 
A 1 127 GLN 127 1105 1105 GLN GLN A . n 
A 1 128 GLU 128 1106 1106 GLU GLU A . n 
A 1 129 SER 129 1107 1107 SER SER A . n 
A 1 130 ARG 130 1108 1108 ARG ARG A . n 
# 
loop_
_pdbx_nonpoly_scheme.asym_id 
_pdbx_nonpoly_scheme.entity_id 
_pdbx_nonpoly_scheme.mon_id 
_pdbx_nonpoly_scheme.ndb_seq_num 
_pdbx_nonpoly_scheme.pdb_seq_num 
_pdbx_nonpoly_scheme.auth_seq_num 
_pdbx_nonpoly_scheme.pdb_mon_id 
_pdbx_nonpoly_scheme.auth_mon_id 
_pdbx_nonpoly_scheme.pdb_strand_id 
_pdbx_nonpoly_scheme.pdb_ins_code 
B 2 RH4 1   1201 1201 RH4 LIG A . 
C 3 SO4 1   1202 1    SO4 SO4 A . 
D 3 SO4 1   1203 2    SO4 SO4 A . 
E 4 EDO 1   1204 3    EDO EDO A . 
F 4 EDO 1   1205 5    EDO EDO A . 
G 4 EDO 1   1206 6    EDO EDO A . 
H 4 EDO 1   1207 7    EDO EDO A . 
I 5 HOH 1   1301 158  HOH HOH A . 
I 5 HOH 2   1302 134  HOH HOH A . 
I 5 HOH 3   1303 184  HOH HOH A . 
I 5 HOH 4   1304 79   HOH HOH A . 
I 5 HOH 5   1305 256  HOH HOH A . 
I 5 HOH 6   1306 144  HOH HOH A . 
I 5 HOH 7   1307 161  HOH HOH A . 
I 5 HOH 8   1308 68   HOH HOH A . 
I 5 HOH 9   1309 191  HOH HOH A . 
I 5 HOH 10  1310 128  HOH HOH A . 
I 5 HOH 11  1311 111  HOH HOH A . 
I 5 HOH 12  1312 32   HOH HOH A . 
I 5 HOH 13  1313 243  HOH HOH A . 
I 5 HOH 14  1314 194  HOH HOH A . 
I 5 HOH 15  1315 118  HOH HOH A . 
I 5 HOH 16  1316 94   HOH HOH A . 
I 5 HOH 17  1317 88   HOH HOH A . 
I 5 HOH 18  1318 98   HOH HOH A . 
I 5 HOH 19  1319 5    HOH HOH A . 
I 5 HOH 20  1320 201  HOH HOH A . 
I 5 HOH 21  1321 87   HOH HOH A . 
I 5 HOH 22  1322 52   HOH HOH A . 
I 5 HOH 23  1323 129  HOH HOH A . 
I 5 HOH 24  1324 113  HOH HOH A . 
I 5 HOH 25  1325 27   HOH HOH A . 
I 5 HOH 26  1326 171  HOH HOH A . 
I 5 HOH 27  1327 23   HOH HOH A . 
I 5 HOH 28  1328 50   HOH HOH A . 
I 5 HOH 29  1329 59   HOH HOH A . 
I 5 HOH 30  1330 28   HOH HOH A . 
I 5 HOH 31  1331 20   HOH HOH A . 
I 5 HOH 32  1332 163  HOH HOH A . 
I 5 HOH 33  1333 106  HOH HOH A . 
I 5 HOH 34  1334 192  HOH HOH A . 
I 5 HOH 35  1335 109  HOH HOH A . 
I 5 HOH 36  1336 64   HOH HOH A . 
I 5 HOH 37  1337 221  HOH HOH A . 
I 5 HOH 38  1338 55   HOH HOH A . 
I 5 HOH 39  1339 203  HOH HOH A . 
I 5 HOH 40  1340 13   HOH HOH A . 
I 5 HOH 41  1341 142  HOH HOH A . 
I 5 HOH 42  1342 75   HOH HOH A . 
I 5 HOH 43  1343 200  HOH HOH A . 
I 5 HOH 44  1344 77   HOH HOH A . 
I 5 HOH 45  1345 162  HOH HOH A . 
I 5 HOH 46  1346 132  HOH HOH A . 
I 5 HOH 47  1347 206  HOH HOH A . 
I 5 HOH 48  1348 16   HOH HOH A . 
I 5 HOH 49  1349 56   HOH HOH A . 
I 5 HOH 50  1350 25   HOH HOH A . 
I 5 HOH 51  1351 9    HOH HOH A . 
I 5 HOH 52  1352 17   HOH HOH A . 
I 5 HOH 53  1353 80   HOH HOH A . 
I 5 HOH 54  1354 34   HOH HOH A . 
I 5 HOH 55  1355 165  HOH HOH A . 
I 5 HOH 56  1356 2    HOH HOH A . 
I 5 HOH 57  1357 42   HOH HOH A . 
I 5 HOH 58  1358 99   HOH HOH A . 
I 5 HOH 59  1359 19   HOH HOH A . 
I 5 HOH 60  1360 47   HOH HOH A . 
I 5 HOH 61  1361 33   HOH HOH A . 
I 5 HOH 62  1362 189  HOH HOH A . 
I 5 HOH 63  1363 61   HOH HOH A . 
I 5 HOH 64  1364 31   HOH HOH A . 
I 5 HOH 65  1365 141  HOH HOH A . 
I 5 HOH 66  1366 24   HOH HOH A . 
I 5 HOH 67  1367 43   HOH HOH A . 
I 5 HOH 68  1368 46   HOH HOH A . 
I 5 HOH 69  1369 76   HOH HOH A . 
I 5 HOH 70  1370 160  HOH HOH A . 
I 5 HOH 71  1371 48   HOH HOH A . 
I 5 HOH 72  1372 139  HOH HOH A . 
I 5 HOH 73  1373 172  HOH HOH A . 
I 5 HOH 74  1374 104  HOH HOH A . 
I 5 HOH 75  1375 7    HOH HOH A . 
I 5 HOH 76  1376 1    HOH HOH A . 
I 5 HOH 77  1377 22   HOH HOH A . 
I 5 HOH 78  1378 29   HOH HOH A . 
I 5 HOH 79  1379 21   HOH HOH A . 
I 5 HOH 80  1380 14   HOH HOH A . 
I 5 HOH 81  1381 45   HOH HOH A . 
I 5 HOH 82  1382 89   HOH HOH A . 
I 5 HOH 83  1383 15   HOH HOH A . 
I 5 HOH 84  1384 197  HOH HOH A . 
I 5 HOH 85  1385 73   HOH HOH A . 
I 5 HOH 86  1386 236  HOH HOH A . 
I 5 HOH 87  1387 131  HOH HOH A . 
I 5 HOH 88  1388 54   HOH HOH A . 
I 5 HOH 89  1389 100  HOH HOH A . 
I 5 HOH 90  1390 92   HOH HOH A . 
I 5 HOH 91  1391 187  HOH HOH A . 
I 5 HOH 92  1392 216  HOH HOH A . 
I 5 HOH 93  1393 130  HOH HOH A . 
I 5 HOH 94  1394 58   HOH HOH A . 
I 5 HOH 95  1395 120  HOH HOH A . 
I 5 HOH 96  1396 12   HOH HOH A . 
I 5 HOH 97  1397 6    HOH HOH A . 
I 5 HOH 98  1398 154  HOH HOH A . 
I 5 HOH 99  1399 4    HOH HOH A . 
I 5 HOH 100 1400 90   HOH HOH A . 
I 5 HOH 101 1401 70   HOH HOH A . 
I 5 HOH 102 1402 102  HOH HOH A . 
I 5 HOH 103 1403 36   HOH HOH A . 
I 5 HOH 104 1404 85   HOH HOH A . 
I 5 HOH 105 1405 30   HOH HOH A . 
I 5 HOH 106 1406 107  HOH HOH A . 
I 5 HOH 107 1407 67   HOH HOH A . 
I 5 HOH 108 1408 155  HOH HOH A . 
I 5 HOH 109 1409 40   HOH HOH A . 
I 5 HOH 110 1410 105  HOH HOH A . 
I 5 HOH 111 1411 176  HOH HOH A . 
I 5 HOH 112 1412 83   HOH HOH A . 
I 5 HOH 113 1413 49   HOH HOH A . 
I 5 HOH 114 1414 82   HOH HOH A . 
I 5 HOH 115 1415 190  HOH HOH A . 
I 5 HOH 116 1416 51   HOH HOH A . 
I 5 HOH 117 1417 240  HOH HOH A . 
I 5 HOH 118 1418 3    HOH HOH A . 
I 5 HOH 119 1419 95   HOH HOH A . 
I 5 HOH 120 1420 196  HOH HOH A . 
I 5 HOH 121 1421 237  HOH HOH A . 
I 5 HOH 122 1422 145  HOH HOH A . 
I 5 HOH 123 1423 101  HOH HOH A . 
I 5 HOH 124 1424 207  HOH HOH A . 
I 5 HOH 125 1425 234  HOH HOH A . 
I 5 HOH 126 1426 147  HOH HOH A . 
I 5 HOH 127 1427 72   HOH HOH A . 
I 5 HOH 128 1428 78   HOH HOH A . 
I 5 HOH 129 1429 39   HOH HOH A . 
I 5 HOH 130 1430 97   HOH HOH A . 
I 5 HOH 131 1431 62   HOH HOH A . 
I 5 HOH 132 1432 86   HOH HOH A . 
I 5 HOH 133 1433 18   HOH HOH A . 
I 5 HOH 134 1434 209  HOH HOH A . 
I 5 HOH 135 1435 11   HOH HOH A . 
I 5 HOH 136 1436 10   HOH HOH A . 
I 5 HOH 137 1437 123  HOH HOH A . 
I 5 HOH 138 1438 124  HOH HOH A . 
I 5 HOH 139 1439 247  HOH HOH A . 
I 5 HOH 140 1440 258  HOH HOH A . 
I 5 HOH 141 1441 246  HOH HOH A . 
I 5 HOH 142 1442 254  HOH HOH A . 
I 5 HOH 143 1443 53   HOH HOH A . 
I 5 HOH 144 1444 26   HOH HOH A . 
I 5 HOH 145 1445 57   HOH HOH A . 
I 5 HOH 146 1446 175  HOH HOH A . 
I 5 HOH 147 1447 215  HOH HOH A . 
I 5 HOH 148 1448 230  HOH HOH A . 
I 5 HOH 149 1449 93   HOH HOH A . 
I 5 HOH 150 1450 180  HOH HOH A . 
I 5 HOH 151 1451 96   HOH HOH A . 
I 5 HOH 152 1452 115  HOH HOH A . 
I 5 HOH 153 1453 178  HOH HOH A . 
I 5 HOH 154 1454 177  HOH HOH A . 
I 5 HOH 155 1455 38   HOH HOH A . 
I 5 HOH 156 1456 181  HOH HOH A . 
I 5 HOH 157 1457 122  HOH HOH A . 
I 5 HOH 158 1458 179  HOH HOH A . 
I 5 HOH 159 1459 244  HOH HOH A . 
I 5 HOH 160 1460 188  HOH HOH A . 
I 5 HOH 161 1461 164  HOH HOH A . 
I 5 HOH 162 1462 199  HOH HOH A . 
I 5 HOH 163 1463 114  HOH HOH A . 
I 5 HOH 164 1464 41   HOH HOH A . 
I 5 HOH 165 1465 257  HOH HOH A . 
I 5 HOH 166 1466 81   HOH HOH A . 
I 5 HOH 167 1467 110  HOH HOH A . 
I 5 HOH 168 1468 248  HOH HOH A . 
I 5 HOH 169 1469 152  HOH HOH A . 
I 5 HOH 170 1470 167  HOH HOH A . 
I 5 HOH 171 1471 91   HOH HOH A . 
I 5 HOH 172 1472 186  HOH HOH A . 
I 5 HOH 173 1473 69   HOH HOH A . 
I 5 HOH 174 1474 150  HOH HOH A . 
I 5 HOH 175 1475 60   HOH HOH A . 
I 5 HOH 176 1476 224  HOH HOH A . 
I 5 HOH 177 1477 217  HOH HOH A . 
I 5 HOH 178 1478 220  HOH HOH A . 
I 5 HOH 179 1479 159  HOH HOH A . 
I 5 HOH 180 1480 135  HOH HOH A . 
I 5 HOH 181 1481 37   HOH HOH A . 
I 5 HOH 182 1482 250  HOH HOH A . 
I 5 HOH 183 1483 205  HOH HOH A . 
I 5 HOH 184 1484 225  HOH HOH A . 
I 5 HOH 185 1485 151  HOH HOH A . 
I 5 HOH 186 1486 157  HOH HOH A . 
I 5 HOH 187 1487 112  HOH HOH A . 
I 5 HOH 188 1488 8    HOH HOH A . 
I 5 HOH 189 1489 66   HOH HOH A . 
I 5 HOH 190 1490 146  HOH HOH A . 
I 5 HOH 191 1491 103  HOH HOH A . 
I 5 HOH 192 1492 174  HOH HOH A . 
I 5 HOH 193 1493 84   HOH HOH A . 
I 5 HOH 194 1494 210  HOH HOH A . 
I 5 HOH 195 1495 233  HOH HOH A . 
I 5 HOH 196 1496 119  HOH HOH A . 
I 5 HOH 197 1497 143  HOH HOH A . 
I 5 HOH 198 1498 137  HOH HOH A . 
I 5 HOH 199 1499 71   HOH HOH A . 
I 5 HOH 200 1500 74   HOH HOH A . 
I 5 HOH 201 1501 125  HOH HOH A . 
I 5 HOH 202 1502 44   HOH HOH A . 
I 5 HOH 203 1503 202  HOH HOH A . 
I 5 HOH 204 1504 185  HOH HOH A . 
I 5 HOH 205 1505 63   HOH HOH A . 
I 5 HOH 206 1506 148  HOH HOH A . 
I 5 HOH 207 1507 117  HOH HOH A . 
I 5 HOH 208 1508 127  HOH HOH A . 
I 5 HOH 209 1509 149  HOH HOH A . 
I 5 HOH 210 1510 251  HOH HOH A . 
I 5 HOH 211 1511 245  HOH HOH A . 
I 5 HOH 212 1512 211  HOH HOH A . 
I 5 HOH 213 1513 35   HOH HOH A . 
I 5 HOH 214 1514 259  HOH HOH A . 
I 5 HOH 215 1515 183  HOH HOH A . 
I 5 HOH 216 1516 168  HOH HOH A . 
I 5 HOH 217 1517 249  HOH HOH A . 
I 5 HOH 218 1518 260  HOH HOH A . 
I 5 HOH 219 1519 255  HOH HOH A . 
I 5 HOH 220 1520 213  HOH HOH A . 
I 5 HOH 221 1521 219  HOH HOH A . 
I 5 HOH 222 1522 121  HOH HOH A . 
I 5 HOH 223 1523 136  HOH HOH A . 
I 5 HOH 224 1524 214  HOH HOH A . 
I 5 HOH 225 1525 204  HOH HOH A . 
# 
loop_
_pdbx_unobs_or_zero_occ_atoms.id 
_pdbx_unobs_or_zero_occ_atoms.PDB_model_num 
_pdbx_unobs_or_zero_occ_atoms.polymer_flag 
_pdbx_unobs_or_zero_occ_atoms.occupancy_flag 
_pdbx_unobs_or_zero_occ_atoms.auth_asym_id 
_pdbx_unobs_or_zero_occ_atoms.auth_comp_id 
_pdbx_unobs_or_zero_occ_atoms.auth_seq_id 
_pdbx_unobs_or_zero_occ_atoms.PDB_ins_code 
_pdbx_unobs_or_zero_occ_atoms.auth_atom_id 
_pdbx_unobs_or_zero_occ_atoms.label_alt_id 
_pdbx_unobs_or_zero_occ_atoms.label_asym_id 
_pdbx_unobs_or_zero_occ_atoms.label_comp_id 
_pdbx_unobs_or_zero_occ_atoms.label_seq_id 
_pdbx_unobs_or_zero_occ_atoms.label_atom_id 
1 1 Y 1 A LYS 1004 ? CG ? A LYS 26 CG 
2 1 Y 1 A LYS 1004 ? CD ? A LYS 26 CD 
3 1 Y 1 A LYS 1004 ? CE ? A LYS 26 CE 
4 1 Y 1 A LYS 1004 ? NZ ? A LYS 26 NZ 
# 
loop_
_software.pdbx_ordinal 
_software.name 
_software.version 
_software.date 
_software.type 
_software.contact_author 
_software.contact_author_email 
_software.classification 
_software.location 
_software.language 
_software.citation_id 
1 REFMAC      5.8.0238 ?               program 'Garib N. Murshudov' garib@ysbl.york.ac.uk    refinement        
http://www.ccp4.ac.uk/dist/html/refmac5.html        Fortran_77 ? 
2 Aimless     0.5.23   02/02/16        program 'Phil Evans'         ?                        'data scaling'    
http://www.mrc-lmb.cam.ac.uk/harry/pre/aimless.html ?          ? 
3 PDB_EXTRACT 3.23     'SEP. 23, 2016' package PDB                  deposit@deposit.rcsb.org 'data extraction' 
http://sw-tools.pdb.org/apps/PDB_EXTRACT/           C++        ? 
4 XDS         .        ?               program ?                    ?                        'data reduction'  ? ?          ? 
5 REFMAC      .        ?               program ?                    ?                        phasing           ? ?          ? 
# 
_cell.entry_id           5QXP 
_cell.length_a           80.500 
_cell.length_b           80.500 
_cell.length_c           139.790 
_cell.angle_alpha        90.000 
_cell.angle_beta         90.000 
_cell.angle_gamma        120.000 
_cell.Z_PDB              12 
_cell.pdbx_unique_axis   ? 
# 
_symmetry.entry_id                         5QXP 
_symmetry.Int_Tables_number                179 
_symmetry.space_group_name_H-M             'P 65 2 2' 
_symmetry.pdbx_full_space_group_name_H-M   ? 
_symmetry.cell_setting                     ? 
# 
_exptl.crystals_number   1 
_exptl.entry_id          5QXP 
_exptl.method            'X-RAY DIFFRACTION' 
# 
_exptl_crystal.id                    1 
_exptl_crystal.pdbx_mosaicity        0.000 
_exptl_crystal.pdbx_mosaicity_esd    ? 
_exptl_crystal.density_Matthews      4.2 
_exptl_crystal.density_diffrn        ? 
_exptl_crystal.density_meas          ? 
_exptl_crystal.density_meas_temp     ? 
_exptl_crystal.density_percent_sol   70.7 
_exptl_crystal.size_max              ? 
_exptl_crystal.size_mid              ? 
_exptl_crystal.size_min              ? 
_exptl_crystal.size_rad              ? 
_exptl_crystal.description           ? 
# 
_exptl_crystal_grow.crystal_id      1 
_exptl_crystal_grow.method          'VAPOR DIFFUSION, SITTING DROP' 
_exptl_crystal_grow.pH              5.5 
_exptl_crystal_grow.temp            277 
_exptl_crystal_grow.pdbx_details    '1.6M Ammonium Sulfate, 0.1M bis-tris pH 5.5' 
_exptl_crystal_grow.temp_details    ? 
_exptl_crystal_grow.pdbx_pH_range   ? 
# 
_diffrn.id                     1 
_diffrn.ambient_temp           100 
_diffrn.crystal_id             1 
_diffrn.ambient_temp_details   ? 
# 
_diffrn_detector.detector               PIXEL 
_diffrn_detector.type                   'DECTRIS PILATUS 6M' 
_diffrn_detector.pdbx_collection_date   2016-04-23 
_diffrn_detector.diffrn_id              1 
_diffrn_detector.details                ? 
# 
_diffrn_radiation.diffrn_id                        1 
_diffrn_radiation.wavelength_id                    1 
_diffrn_radiation.pdbx_diffrn_protocol             'SINGLE WAVELENGTH' 
_diffrn_radiation.pdbx_monochromatic_or_laue_m_l   ? 
_diffrn_radiation.monochromator                    ? 
_diffrn_radiation.pdbx_scattering_type             x-ray 
# 
_diffrn_radiation_wavelength.id           1 
_diffrn_radiation_wavelength.wavelength   0.92819 
_diffrn_radiation_wavelength.wt           1.0 
# 
_diffrn_source.diffrn_id                   1 
_diffrn_source.source                      SYNCHROTRON 
_diffrn_source.type                        'DIAMOND BEAMLINE I04-1' 
_diffrn_source.pdbx_wavelength_list        0.92819 
_diffrn_source.pdbx_synchrotron_site       Diamond 
_diffrn_source.pdbx_synchrotron_beamline   I04-1 
_diffrn_source.pdbx_wavelength             ? 
# 
_reflns.entry_id                     5QXP 
_reflns.pdbx_diffrn_id               1 
_reflns.pdbx_ordinal                 1 
_reflns.observed_criterion_sigma_I   ? 
_reflns.observed_criterion_sigma_F   ? 
_reflns.d_resolution_low             69.720 
_reflns.d_resolution_high            1.410 
_reflns.number_obs                   52288 
_reflns.number_all                   ? 
_reflns.percent_possible_obs         100.000 
_reflns.pdbx_Rmerge_I_obs            0.108 
_reflns.pdbx_Rsym_value              ? 
_reflns.pdbx_netI_over_sigmaI        17.000 
_reflns.B_iso_Wilson_estimate        ? 
_reflns.pdbx_redundancy              19.000 
_reflns.pdbx_Rrim_I_all              0.111 
_reflns.pdbx_Rpim_I_all              0.025 
_reflns.pdbx_CC_half                 0.999 
_reflns.pdbx_netI_over_av_sigmaI     ? 
_reflns.pdbx_number_measured_all     993533 
_reflns.pdbx_scaling_rejects         0 
_reflns.pdbx_chi_squared             ? 
_reflns.Rmerge_F_all                 ? 
_reflns.Rmerge_F_obs                 ? 
_reflns.observed_criterion_F_max     ? 
_reflns.observed_criterion_F_min     ? 
_reflns.observed_criterion_I_max     ? 
_reflns.observed_criterion_I_min     ? 
_reflns.pdbx_d_res_high_opt          ? 
_reflns.pdbx_d_res_low_opt           ? 
_reflns.details                      ? 
# 
loop_
_reflns_shell.pdbx_diffrn_id 
_reflns_shell.pdbx_ordinal 
_reflns_shell.d_res_high 
_reflns_shell.d_res_low 
_reflns_shell.number_measured_obs 
_reflns_shell.number_measured_all 
_reflns_shell.number_unique_obs 
_reflns_shell.pdbx_rejects 
_reflns_shell.Rmerge_I_obs 
_reflns_shell.meanI_over_sigI_obs 
_reflns_shell.pdbx_Rsym_value 
_reflns_shell.pdbx_chi_squared 
_reflns_shell.pdbx_redundancy 
_reflns_shell.percent_possible_obs 
_reflns_shell.pdbx_netI_over_sigmaI_obs 
_reflns_shell.number_possible 
_reflns_shell.number_unique_all 
_reflns_shell.Rmerge_F_all 
_reflns_shell.Rmerge_F_obs 
_reflns_shell.Rmerge_I_all 
_reflns_shell.meanI_over_sigI_all 
_reflns_shell.percent_possible_all 
_reflns_shell.pdbx_Rrim_I_all 
_reflns_shell.pdbx_Rpim_I_all 
_reflns_shell.pdbx_CC_half 
1 1 1.410 1.450  ? 61212 ? ? 2.470 ? ? ? 16.200 ? 1.300  ? 3774 ? ? ? ? 100.000 2.551 0.631 0.547 
1 2 6.310 69.720 ? 12362 ? ? 0.036 ? ? ? 17.000 ? 63.700 ? 729  ? ? ? ? 100.000 0.037 0.009 0.999 
# 
_refine.entry_id                                 5QXP 
_refine.pdbx_refine_id                           'X-RAY DIFFRACTION' 
_refine.ls_d_res_high                            1.4100 
_refine.ls_d_res_low                             69.7200 
_refine.pdbx_ls_sigma_F                          0.000 
_refine.pdbx_data_cutoff_high_absF               ? 
_refine.pdbx_data_cutoff_low_absF                ? 
_refine.ls_percent_reflns_obs                    99.9600 
_refine.ls_number_reflns_obs                     49568 
_refine.ls_number_reflns_all                     ? 
_refine.pdbx_ls_cross_valid_method               THROUGHOUT 
_refine.ls_matrix_type                           ? 
_refine.pdbx_R_Free_selection_details            RANDOM 
_refine.details                                  
'HYDROGENS HAVE BEEN ADDED IN THE RIDING POSITIONS U VALUES      : REFINED INDIVIDUALLY' 
_refine.ls_R_factor_all                          ? 
_refine.ls_R_factor_obs                          0.1751 
_refine.ls_R_factor_R_work                       0.1743 
_refine.ls_wR_factor_R_work                      ? 
_refine.ls_R_factor_R_free                       0.1903 
_refine.ls_wR_factor_R_free                      ? 
_refine.ls_percent_reflns_R_free                 5.1000 
_refine.ls_number_reflns_R_free                  2645 
_refine.ls_number_reflns_R_work                  ? 
_refine.ls_R_factor_R_free_error                 ? 
_refine.B_iso_mean                               23.2360 
_refine.solvent_model_param_bsol                 ? 
_refine.solvent_model_param_ksol                 ? 
_refine.pdbx_isotropic_thermal_model             ? 
_refine.aniso_B[1][1]                            0.2200 
_refine.aniso_B[2][2]                            0.2200 
_refine.aniso_B[3][3]                            -0.7200 
_refine.aniso_B[1][2]                            0.1100 
_refine.aniso_B[1][3]                            0.0000 
_refine.aniso_B[2][3]                            -0.0000 
_refine.correlation_coeff_Fo_to_Fc               0.9670 
_refine.correlation_coeff_Fo_to_Fc_free          0.9440 
_refine.overall_SU_R_Cruickshank_DPI             ? 
_refine.pdbx_overall_SU_R_free_Cruickshank_DPI   ? 
_refine.pdbx_overall_SU_R_Blow_DPI               ? 
_refine.pdbx_overall_SU_R_free_Blow_DPI          ? 
_refine.overall_SU_R_free                        ? 
_refine.pdbx_overall_ESU_R                       0.0580 
_refine.pdbx_overall_ESU_R_Free                  0.0570 
_refine.overall_SU_ML                            0.0420 
_refine.overall_SU_B                             1.1160 
_refine.solvent_model_details                    MASK 
_refine.pdbx_solvent_vdw_probe_radii             1.2000 
_refine.pdbx_solvent_ion_probe_radii             0.8000 
_refine.pdbx_solvent_shrinkage_radii             0.8000 
_refine.ls_number_parameters                     ? 
_refine.ls_number_restraints                     ? 
_refine.pdbx_starting_model                      3DAI 
_refine.pdbx_method_to_determine_struct          'FOURIER SYNTHESIS' 
_refine.pdbx_stereochemistry_target_values       'MAXIMUM LIKELIHOOD' 
_refine.pdbx_stereochem_target_val_spec_case     ? 
_refine.overall_FOM_work_R_set                   ? 
_refine.B_iso_max                                95.290 
_refine.B_iso_min                                10.700 
_refine.pdbx_overall_phase_error                 ? 
_refine.occupancy_max                            ? 
_refine.occupancy_min                            ? 
_refine.pdbx_diffrn_id                           1 
_refine.pdbx_TLS_residual_ADP_flag               ? 
_refine.pdbx_ls_sigma_I                          ? 
_refine.pdbx_data_cutoff_high_rms_absF           ? 
_refine.ls_R_factor_R_free_error_details         ? 
# 
_refine_hist.cycle_id                         final 
_refine_hist.pdbx_refine_id                   'X-RAY DIFFRACTION' 
_refine_hist.d_res_high                       1.4100 
_refine_hist.d_res_low                        69.7200 
_refine_hist.pdbx_number_atoms_ligand         43 
_refine_hist.number_atoms_solvent             225 
_refine_hist.number_atoms_total               1352 
_refine_hist.pdbx_number_residues_total       130 
_refine_hist.pdbx_B_iso_mean_ligand           32.11 
_refine_hist.pdbx_B_iso_mean_solvent          34.98 
_refine_hist.pdbx_number_atoms_protein        1084 
_refine_hist.pdbx_number_atoms_nucleic_acid   0 
# 
loop_
_refine_ls_restr.pdbx_refine_id 
_refine_ls_restr.type 
_refine_ls_restr.number 
_refine_ls_restr.dev_ideal 
_refine_ls_restr.dev_ideal_target 
_refine_ls_restr.weight 
_refine_ls_restr.pdbx_restraint_function 
'X-RAY DIFFRACTION' r_bond_refined_d       2969 0.013  0.016  ? ? 
'X-RAY DIFFRACTION' r_bond_other_d         1761 0.001  0.017  ? ? 
'X-RAY DIFFRACTION' r_angle_refined_deg    2772 1.965  1.688  ? ? 
'X-RAY DIFFRACTION' r_angle_other_deg      4127 1.446  1.617  ? ? 
'X-RAY DIFFRACTION' r_dihedral_angle_1_deg 279  4.815  5.000  ? ? 
'X-RAY DIFFRACTION' r_dihedral_angle_2_deg 131  29.992 21.298 ? ? 
'X-RAY DIFFRACTION' r_dihedral_angle_3_deg 336  13.390 15.000 ? ? 
'X-RAY DIFFRACTION' r_dihedral_angle_4_deg 24   15.655 15.000 ? ? 
'X-RAY DIFFRACTION' r_chiral_restr         239  0.103  0.200  ? ? 
'X-RAY DIFFRACTION' r_gen_planes_refined   2752 0.008  0.020  ? ? 
'X-RAY DIFFRACTION' r_gen_planes_other     480  0.003  0.020  ? ? 
'X-RAY DIFFRACTION' r_mcbond_it            1411 1.524  2.102  ? ? 
'X-RAY DIFFRACTION' r_mcbond_other         1323 1.562  2.042  ? ? 
'X-RAY DIFFRACTION' r_mcangle_it           1267 3.006  2.966  ? ? 
# 
_refine_ls_shell.d_res_high                       1.4100 
_refine_ls_shell.d_res_low                        1.4470 
_refine_ls_shell.pdbx_total_number_of_bins_used   20 
_refine_ls_shell.percent_reflns_obs               99.9200 
_refine_ls_shell.number_reflns_R_work             3591 
_refine_ls_shell.R_factor_all                     ? 
_refine_ls_shell.R_factor_R_work                  0.3100 
_refine_ls_shell.R_factor_R_free                  0.3150 
_refine_ls_shell.percent_reflns_R_free            ? 
_refine_ls_shell.number_reflns_R_free             178 
_refine_ls_shell.R_factor_R_free_error            ? 
_refine_ls_shell.number_reflns_all                3769 
_refine_ls_shell.number_reflns_obs                ? 
_refine_ls_shell.pdbx_refine_id                   'X-RAY DIFFRACTION' 
# 
_struct.entry_id                  5QXP 
_struct.title                     'PanDDA analysis group deposition -- Crystal Structure of ATAD2 in complex with TCJ732' 
_struct.pdbx_model_details        ? 
_struct.pdbx_CASP_flag            ? 
_struct.pdbx_model_type_details   ? 
# 
_struct_keywords.entry_id        5QXP 
_struct_keywords.text            
'SGC - Diamond I04-1 fragment screening, PanDDA, XChemExplorer, HYDROLASE-HYDROLASE INHIBITOR complex' 
_struct_keywords.pdbx_keywords   'HYDROLASE/HYDROLASE INHIBITOR' 
# 
loop_
_struct_asym.id 
_struct_asym.pdbx_blank_PDB_chainid_flag 
_struct_asym.pdbx_modified 
_struct_asym.entity_id 
_struct_asym.details 
A N N 1 ? 
B N N 2 ? 
C N N 3 ? 
D N N 3 ? 
E N N 4 ? 
F N N 4 ? 
G N N 4 ? 
H N N 4 ? 
I N N 5 ? 
# 
_struct_ref.id                         1 
_struct_ref.db_name                    UNP 
_struct_ref.db_code                    ATAD2_HUMAN 
_struct_ref.pdbx_db_accession          Q6PL18 
_struct_ref.pdbx_db_isoform            ? 
_struct_ref.entity_id                  1 
_struct_ref.pdbx_seq_one_letter_code   
;QEEDTFRELRIFLRNVTHRLAIDKRFRVFTKPVDPDEVPDYVTVIKQPMDLSSVISKIDLHKYLTVKDYLRDIDLICSNA
LEYNPDRDPGDRLIRHRACALRDTAYAIIKEELDEDFEQLCEEIQESR
;
_struct_ref.pdbx_align_begin           981 
# 
_struct_ref_seq.align_id                      1 
_struct_ref_seq.ref_id                        1 
_struct_ref_seq.pdbx_PDB_id_code              5QXP 
_struct_ref_seq.pdbx_strand_id                A 
_struct_ref_seq.seq_align_beg                 3 
_struct_ref_seq.pdbx_seq_align_beg_ins_code   ? 
_struct_ref_seq.seq_align_end                 130 
_struct_ref_seq.pdbx_seq_align_end_ins_code   ? 
_struct_ref_seq.pdbx_db_accession             Q6PL18 
_struct_ref_seq.db_align_beg                  981 
_struct_ref_seq.pdbx_db_align_beg_ins_code    ? 
_struct_ref_seq.db_align_end                  1108 
_struct_ref_seq.pdbx_db_align_end_ins_code    ? 
_struct_ref_seq.pdbx_auth_seq_align_beg       981 
_struct_ref_seq.pdbx_auth_seq_align_end       1108 
# 
loop_
_struct_ref_seq_dif.align_id 
_struct_ref_seq_dif.pdbx_pdb_id_code 
_struct_ref_seq_dif.mon_id 
_struct_ref_seq_dif.pdbx_pdb_strand_id 
_struct_ref_seq_dif.seq_num 
_struct_ref_seq_dif.pdbx_pdb_ins_code 
_struct_ref_seq_dif.pdbx_seq_db_name 
_struct_ref_seq_dif.pdbx_seq_db_accession_code 
_struct_ref_seq_dif.db_mon_id 
_struct_ref_seq_dif.pdbx_seq_db_seq_num 
_struct_ref_seq_dif.details 
_struct_ref_seq_dif.pdbx_auth_seq_num 
_struct_ref_seq_dif.pdbx_ordinal 
1 5QXP SER A 1  ? UNP Q6PL18 ?   ?    'expression tag' 979  1 
1 5QXP MET A 2  ? UNP Q6PL18 ?   ?    'expression tag' 980  2 
1 5QXP ARG A 44 ? UNP Q6PL18 VAL 1022 conflict         1022 3 
1 5QXP GLU A 49 ? UNP Q6PL18 GLN 1027 conflict         1027 4 
# 
_pdbx_struct_assembly.id                   1 
_pdbx_struct_assembly.details              author_and_software_defined_assembly 
_pdbx_struct_assembly.method_details       PISA 
_pdbx_struct_assembly.oligomeric_details   monomeric 
_pdbx_struct_assembly.oligomeric_count     1 
# 
_pdbx_struct_assembly_gen.assembly_id       1 
_pdbx_struct_assembly_gen.oper_expression   1 
_pdbx_struct_assembly_gen.asym_id_list      A,B,C,D,E,F,G,H,I 
# 
_pdbx_struct_oper_list.id                   1 
_pdbx_struct_oper_list.type                 'identity operation' 
_pdbx_struct_oper_list.name                 1_555 
_pdbx_struct_oper_list.symmetry_operation   x,y,z 
_pdbx_struct_oper_list.matrix[1][1]         1.0000000000 
_pdbx_struct_oper_list.matrix[1][2]         0.0000000000 
_pdbx_struct_oper_list.matrix[1][3]         0.0000000000 
_pdbx_struct_oper_list.vector[1]            0.0000000000 
_pdbx_struct_oper_list.matrix[2][1]         0.0000000000 
_pdbx_struct_oper_list.matrix[2][2]         1.0000000000 
_pdbx_struct_oper_list.matrix[2][3]         0.0000000000 
_pdbx_struct_oper_list.vector[2]            0.0000000000 
_pdbx_struct_oper_list.matrix[3][1]         0.0000000000 
_pdbx_struct_oper_list.matrix[3][2]         0.0000000000 
_pdbx_struct_oper_list.matrix[3][3]         1.0000000000 
_pdbx_struct_oper_list.vector[3]            0.0000000000 
# 
loop_
_struct_conf.conf_type_id 
_struct_conf.id 
_struct_conf.pdbx_PDB_helix_id 
_struct_conf.beg_label_comp_id 
_struct_conf.beg_label_asym_id 
_struct_conf.beg_label_seq_id 
_struct_conf.pdbx_beg_PDB_ins_code 
_struct_conf.end_label_comp_id 
_struct_conf.end_label_asym_id 
_struct_conf.end_label_seq_id 
_struct_conf.pdbx_end_PDB_ins_code 
_struct_conf.beg_auth_comp_id 
_struct_conf.beg_auth_asym_id 
_struct_conf.beg_auth_seq_id 
_struct_conf.end_auth_comp_id 
_struct_conf.end_auth_asym_id 
_struct_conf.end_auth_seq_id 
_struct_conf.pdbx_PDB_helix_class 
_struct_conf.details 
_struct_conf.pdbx_PDB_helix_length 
HELX_P HELX_P1 AA1 SER A 1   ? ILE A 24  ? SER A 979  ILE A 1002 1 ? 24 
HELX_P HELX_P2 AA2 ASP A 25  ? THR A 32  ? ASP A 1003 THR A 1010 5 ? 8  
HELX_P HELX_P3 AA3 ASP A 42  ? ILE A 47  ? ASP A 1020 ILE A 1025 1 ? 6  
HELX_P HELX_P4 AA4 ASP A 52  ? LEU A 62  ? ASP A 1030 LEU A 1040 1 ? 11 
HELX_P HELX_P5 AA5 THR A 67  ? ASN A 86  ? THR A 1045 ASN A 1064 1 ? 20 
HELX_P HELX_P6 AA6 ASP A 90  ? LEU A 115 ? ASP A 1068 LEU A 1093 1 ? 26 
HELX_P HELX_P7 AA7 ASP A 116 ? SER A 129 ? ASP A 1094 SER A 1107 1 ? 14 
# 
_struct_conf_type.id          HELX_P 
_struct_conf_type.criteria    ? 
_struct_conf_type.reference   ? 
# 
loop_
_struct_site.id 
_struct_site.pdbx_evidence_code 
_struct_site.pdbx_auth_asym_id 
_struct_site.pdbx_auth_comp_id 
_struct_site.pdbx_auth_seq_id 
_struct_site.pdbx_auth_ins_code 
_struct_site.pdbx_num_residues 
_struct_site.details 
AC1 Software A RH4 1201 ? 7 'binding site for residue RH4 A 1201' 
AC2 Software A SO4 1202 ? 9 'binding site for residue SO4 A 1202' 
AC3 Software A SO4 1203 ? 8 'binding site for residue SO4 A 1203' 
AC4 Software A EDO 1204 ? 5 'binding site for residue EDO A 1204' 
AC5 Software A EDO 1205 ? 5 'binding site for residue EDO A 1205' 
AC6 Software A EDO 1206 ? 5 'binding site for residue EDO A 1206' 
AC7 Software A EDO 1207 ? 3 'binding site for residue EDO A 1207' 
# 
loop_
_struct_site_gen.id 
_struct_site_gen.site_id 
_struct_site_gen.pdbx_num_res 
_struct_site_gen.label_comp_id 
_struct_site_gen.label_asym_id 
_struct_site_gen.label_seq_id 
_struct_site_gen.pdbx_auth_ins_code 
_struct_site_gen.auth_comp_id 
_struct_site_gen.auth_asym_id 
_struct_site_gen.auth_seq_id 
_struct_site_gen.label_atom_id 
_struct_site_gen.label_alt_id 
_struct_site_gen.symmetry 
_struct_site_gen.details 
1  AC1 7 VAL A 30  ? VAL A 1008 . ? 1_555  ? 
2  AC1 7 VAL A 35  ? VAL A 1013 . ? 1_555  ? 
3  AC1 7 VAL A 40  ? VAL A 1018 . ? 1_555  ? 
4  AC1 7 TYR A 85  ? TYR A 1063 . ? 1_555  ? 
5  AC1 7 ASN A 86  ? ASN A 1064 . ? 1_555  ? 
6  AC1 7 ILE A 96  ? ILE A 1074 . ? 1_555  ? 
7  AC1 7 EDO H .   ? EDO A 1207 . ? 1_555  ? 
8  AC2 9 ARG A 9   ? ARG A 987  . ? 6_654  ? 
9  AC2 9 ARG A 12  ? ARG A 990  . ? 6_654  ? 
10 AC2 9 ARG A 16  ? ARG A 994  . ? 6_654  ? 
11 AC2 9 ARG A 89  ? ARG A 1067 . ? 1_555  ? 
12 AC2 9 ARG A 94  ? ARG A 1072 . ? 1_555  ? 
13 AC2 9 HOH I .   ? HOH A 1305 . ? 1_555  ? 
14 AC2 9 HOH I .   ? HOH A 1347 . ? 1_555  ? 
15 AC2 9 HOH I .   ? HOH A 1393 . ? 1_555  ? 
16 AC2 9 HOH I .   ? HOH A 1437 . ? 1_555  ? 
17 AC3 8 LYS A 64  ? LYS A 1042 . ? 12_564 ? 
18 AC3 8 LYS A 64  ? LYS A 1042 . ? 1_555  ? 
19 AC3 8 HOH I .   ? HOH A 1341 . ? 1_555  ? 
20 AC3 8 HOH I .   ? HOH A 1341 . ? 12_564 ? 
21 AC3 8 HOH I .   ? HOH A 1346 . ? 1_555  ? 
22 AC3 8 HOH I .   ? HOH A 1346 . ? 12_564 ? 
23 AC3 8 HOH I .   ? HOH A 1354 . ? 1_555  ? 
24 AC3 8 HOH I .   ? HOH A 1354 . ? 12_564 ? 
25 AC4 5 GLU A 10  ? GLU A 988  . ? 1_555  ? 
26 AC4 5 ASP A 116 ? ASP A 1094 . ? 1_555  ? 
27 AC4 5 PHE A 119 ? PHE A 1097 . ? 1_555  ? 
28 AC4 5 HOH I .   ? HOH A 1356 . ? 1_555  ? 
29 AC4 5 HOH I .   ? HOH A 1439 . ? 1_555  ? 
30 AC5 5 HIS A 20  ? HIS A 998  . ? 10_665 ? 
31 AC5 5 GLU A 113 ? GLU A 1091 . ? 1_555  ? 
32 AC5 5 GLU A 114 ? GLU A 1092 . ? 1_555  ? 
33 AC5 5 LEU A 115 ? LEU A 1093 . ? 1_555  ? 
34 AC5 5 ASP A 116 ? ASP A 1094 . ? 1_555  ? 
35 AC6 5 PRO A 50  ? PRO A 1028 . ? 12_564 ? 
36 AC6 5 SER A 58  ? SER A 1036 . ? 1_555  ? 
37 AC6 5 HOH I .   ? HOH A 1327 . ? 1_555  ? 
38 AC6 5 HOH I .   ? HOH A 1369 . ? 1_555  ? 
39 AC6 5 HOH I .   ? HOH A 1422 . ? 1_555  ? 
40 AC7 3 VAL A 40  ? VAL A 1018 . ? 1_555  ? 
41 AC7 3 TYR A 85  ? TYR A 1063 . ? 1_555  ? 
42 AC7 3 RH4 B .   ? RH4 A 1201 . ? 1_555  ? 
# 
loop_
_pdbx_validate_rmsd_bond.id 
_pdbx_validate_rmsd_bond.PDB_model_num 
_pdbx_validate_rmsd_bond.auth_atom_id_1 
_pdbx_validate_rmsd_bond.auth_asym_id_1 
_pdbx_validate_rmsd_bond.auth_comp_id_1 
_pdbx_validate_rmsd_bond.auth_seq_id_1 
_pdbx_validate_rmsd_bond.PDB_ins_code_1 
_pdbx_validate_rmsd_bond.label_alt_id_1 
_pdbx_validate_rmsd_bond.auth_atom_id_2 
_pdbx_validate_rmsd_bond.auth_asym_id_2 
_pdbx_validate_rmsd_bond.auth_comp_id_2 
_pdbx_validate_rmsd_bond.auth_seq_id_2 
_pdbx_validate_rmsd_bond.PDB_ins_code_2 
_pdbx_validate_rmsd_bond.label_alt_id_2 
_pdbx_validate_rmsd_bond.bond_value 
_pdbx_validate_rmsd_bond.bond_target_value 
_pdbx_validate_rmsd_bond.bond_deviation 
_pdbx_validate_rmsd_bond.bond_standard_deviation 
_pdbx_validate_rmsd_bond.linker_flag 
1 1 CD A GLU 983  ? ? OE2 A GLU 983  ? ? 1.318 1.252 0.066 0.011 N 
2 1 CD A GLU 1102 ? ? OE2 A GLU 1102 ? ? 1.347 1.252 0.095 0.011 N 
# 
loop_
_pdbx_validate_rmsd_angle.id 
_pdbx_validate_rmsd_angle.PDB_model_num 
_pdbx_validate_rmsd_angle.auth_atom_id_1 
_pdbx_validate_rmsd_angle.auth_asym_id_1 
_pdbx_validate_rmsd_angle.auth_comp_id_1 
_pdbx_validate_rmsd_angle.auth_seq_id_1 
_pdbx_validate_rmsd_angle.PDB_ins_code_1 
_pdbx_validate_rmsd_angle.label_alt_id_1 
_pdbx_validate_rmsd_angle.auth_atom_id_2 
_pdbx_validate_rmsd_angle.auth_asym_id_2 
_pdbx_validate_rmsd_angle.auth_comp_id_2 
_pdbx_validate_rmsd_angle.auth_seq_id_2 
_pdbx_validate_rmsd_angle.PDB_ins_code_2 
_pdbx_validate_rmsd_angle.label_alt_id_2 
_pdbx_validate_rmsd_angle.auth_atom_id_3 
_pdbx_validate_rmsd_angle.auth_asym_id_3 
_pdbx_validate_rmsd_angle.auth_comp_id_3 
_pdbx_validate_rmsd_angle.auth_seq_id_3 
_pdbx_validate_rmsd_angle.PDB_ins_code_3 
_pdbx_validate_rmsd_angle.label_alt_id_3 
_pdbx_validate_rmsd_angle.angle_value 
_pdbx_validate_rmsd_angle.angle_target_value 
_pdbx_validate_rmsd_angle.angle_deviation 
_pdbx_validate_rmsd_angle.angle_standard_deviation 
_pdbx_validate_rmsd_angle.linker_flag 
1 1 NE A ARG 987  ? B CZ A ARG 987  ? B NH1 A ARG 987  ? B 115.65 120.30 -4.65 0.50 N 
2 1 NE A ARG 987  ? C CZ A ARG 987  ? C NH1 A ARG 987  ? C 116.59 120.30 -3.71 0.50 N 
3 1 NE A ARG 987  ? B CZ A ARG 987  ? B NH2 A ARG 987  ? B 124.21 120.30 3.91  0.50 N 
4 1 NE A ARG 987  ? C CZ A ARG 987  ? C NH2 A ARG 987  ? C 123.47 120.30 3.17  0.50 N 
5 1 NE A ARG 994  ? ? CZ A ARG 994  ? ? NH1 A ARG 994  ? ? 124.76 120.30 4.46  0.50 N 
6 1 NE A ARG 994  ? ? CZ A ARG 994  ? ? NH2 A ARG 994  ? ? 116.64 120.30 -3.66 0.50 N 
7 1 NE A ARG 1067 ? ? CZ A ARG 1067 ? ? NH2 A ARG 1067 ? ? 116.14 120.30 -4.16 0.50 N 
8 1 NE A ARG 1077 ? ? CZ A ARG 1077 ? ? NH2 A ARG 1077 ? ? 117.29 120.30 -3.01 0.50 N 
# 
loop_
_pdbx_struct_special_symmetry.id 
_pdbx_struct_special_symmetry.PDB_model_num 
_pdbx_struct_special_symmetry.auth_asym_id 
_pdbx_struct_special_symmetry.auth_comp_id 
_pdbx_struct_special_symmetry.auth_seq_id 
_pdbx_struct_special_symmetry.PDB_ins_code 
_pdbx_struct_special_symmetry.label_asym_id 
_pdbx_struct_special_symmetry.label_comp_id 
_pdbx_struct_special_symmetry.label_seq_id 
1 1 A SO4 1203 ? D SO4 . 
2 1 A HOH 1336 ? I HOH . 
# 
_phasing.method   MR 
# 
_pdbx_entry_details.entry_id                 5QXP 
_pdbx_entry_details.has_ligand_of_interest   Y 
_pdbx_entry_details.compound_details         ? 
_pdbx_entry_details.source_details           ? 
_pdbx_entry_details.nonpolymer_details       ? 
_pdbx_entry_details.sequence_details         ? 
# 
loop_
_pdbx_distant_solvent_atoms.id 
_pdbx_distant_solvent_atoms.PDB_model_num 
_pdbx_distant_solvent_atoms.auth_atom_id 
_pdbx_distant_solvent_atoms.label_alt_id 
_pdbx_distant_solvent_atoms.auth_asym_id 
_pdbx_distant_solvent_atoms.auth_comp_id 
_pdbx_distant_solvent_atoms.auth_seq_id 
_pdbx_distant_solvent_atoms.PDB_ins_code 
_pdbx_distant_solvent_atoms.neighbor_macromolecule_distance 
_pdbx_distant_solvent_atoms.neighbor_ligand_distance 
1 1 O ? A HOH 1524 ? 5.84 . 
2 1 O ? A HOH 1525 ? 6.53 . 
# 
loop_
_chem_comp_atom.comp_id 
_chem_comp_atom.atom_id 
_chem_comp_atom.type_symbol 
_chem_comp_atom.pdbx_aromatic_flag 
_chem_comp_atom.pdbx_stereo_config 
_chem_comp_atom.pdbx_ordinal 
ALA N    N N N 1   
ALA CA   C N S 2   
ALA C    C N N 3   
ALA O    O N N 4   
ALA CB   C N N 5   
ALA OXT  O N N 6   
ALA H    H N N 7   
ALA H2   H N N 8   
ALA HA   H N N 9   
ALA HB1  H N N 10  
ALA HB2  H N N 11  
ALA HB3  H N N 12  
ALA HXT  H N N 13  
ARG N    N N N 14  
ARG CA   C N S 15  
ARG C    C N N 16  
ARG O    O N N 17  
ARG CB   C N N 18  
ARG CG   C N N 19  
ARG CD   C N N 20  
ARG NE   N N N 21  
ARG CZ   C N N 22  
ARG NH1  N N N 23  
ARG NH2  N N N 24  
ARG OXT  O N N 25  
ARG H    H N N 26  
ARG H2   H N N 27  
ARG HA   H N N 28  
ARG HB2  H N N 29  
ARG HB3  H N N 30  
ARG HG2  H N N 31  
ARG HG3  H N N 32  
ARG HD2  H N N 33  
ARG HD3  H N N 34  
ARG HE   H N N 35  
ARG HH11 H N N 36  
ARG HH12 H N N 37  
ARG HH21 H N N 38  
ARG HH22 H N N 39  
ARG HXT  H N N 40  
ASN N    N N N 41  
ASN CA   C N S 42  
ASN C    C N N 43  
ASN O    O N N 44  
ASN CB   C N N 45  
ASN CG   C N N 46  
ASN OD1  O N N 47  
ASN ND2  N N N 48  
ASN OXT  O N N 49  
ASN H    H N N 50  
ASN H2   H N N 51  
ASN HA   H N N 52  
ASN HB2  H N N 53  
ASN HB3  H N N 54  
ASN HD21 H N N 55  
ASN HD22 H N N 56  
ASN HXT  H N N 57  
ASP N    N N N 58  
ASP CA   C N S 59  
ASP C    C N N 60  
ASP O    O N N 61  
ASP CB   C N N 62  
ASP CG   C N N 63  
ASP OD1  O N N 64  
ASP OD2  O N N 65  
ASP OXT  O N N 66  
ASP H    H N N 67  
ASP H2   H N N 68  
ASP HA   H N N 69  
ASP HB2  H N N 70  
ASP HB3  H N N 71  
ASP HD2  H N N 72  
ASP HXT  H N N 73  
CYS N    N N N 74  
CYS CA   C N R 75  
CYS C    C N N 76  
CYS O    O N N 77  
CYS CB   C N N 78  
CYS SG   S N N 79  
CYS OXT  O N N 80  
CYS H    H N N 81  
CYS H2   H N N 82  
CYS HA   H N N 83  
CYS HB2  H N N 84  
CYS HB3  H N N 85  
CYS HG   H N N 86  
CYS HXT  H N N 87  
EDO C1   C N N 88  
EDO O1   O N N 89  
EDO C2   C N N 90  
EDO O2   O N N 91  
EDO H11  H N N 92  
EDO H12  H N N 93  
EDO HO1  H N N 94  
EDO H21  H N N 95  
EDO H22  H N N 96  
EDO HO2  H N N 97  
GLN N    N N N 98  
GLN CA   C N S 99  
GLN C    C N N 100 
GLN O    O N N 101 
GLN CB   C N N 102 
GLN CG   C N N 103 
GLN CD   C N N 104 
GLN OE1  O N N 105 
GLN NE2  N N N 106 
GLN OXT  O N N 107 
GLN H    H N N 108 
GLN H2   H N N 109 
GLN HA   H N N 110 
GLN HB2  H N N 111 
GLN HB3  H N N 112 
GLN HG2  H N N 113 
GLN HG3  H N N 114 
GLN HE21 H N N 115 
GLN HE22 H N N 116 
GLN HXT  H N N 117 
GLU N    N N N 118 
GLU CA   C N S 119 
GLU C    C N N 120 
GLU O    O N N 121 
GLU CB   C N N 122 
GLU CG   C N N 123 
GLU CD   C N N 124 
GLU OE1  O N N 125 
GLU OE2  O N N 126 
GLU OXT  O N N 127 
GLU H    H N N 128 
GLU H2   H N N 129 
GLU HA   H N N 130 
GLU HB2  H N N 131 
GLU HB3  H N N 132 
GLU HG2  H N N 133 
GLU HG3  H N N 134 
GLU HE2  H N N 135 
GLU HXT  H N N 136 
GLY N    N N N 137 
GLY CA   C N N 138 
GLY C    C N N 139 
GLY O    O N N 140 
GLY OXT  O N N 141 
GLY H    H N N 142 
GLY H2   H N N 143 
GLY HA2  H N N 144 
GLY HA3  H N N 145 
GLY HXT  H N N 146 
HIS N    N N N 147 
HIS CA   C N S 148 
HIS C    C N N 149 
HIS O    O N N 150 
HIS CB   C N N 151 
HIS CG   C Y N 152 
HIS ND1  N Y N 153 
HIS CD2  C Y N 154 
HIS CE1  C Y N 155 
HIS NE2  N Y N 156 
HIS OXT  O N N 157 
HIS H    H N N 158 
HIS H2   H N N 159 
HIS HA   H N N 160 
HIS HB2  H N N 161 
HIS HB3  H N N 162 
HIS HD1  H N N 163 
HIS HD2  H N N 164 
HIS HE1  H N N 165 
HIS HE2  H N N 166 
HIS HXT  H N N 167 
HOH O    O N N 168 
HOH H1   H N N 169 
HOH H2   H N N 170 
ILE N    N N N 171 
ILE CA   C N S 172 
ILE C    C N N 173 
ILE O    O N N 174 
ILE CB   C N S 175 
ILE CG1  C N N 176 
ILE CG2  C N N 177 
ILE CD1  C N N 178 
ILE OXT  O N N 179 
ILE H    H N N 180 
ILE H2   H N N 181 
ILE HA   H N N 182 
ILE HB   H N N 183 
ILE HG12 H N N 184 
ILE HG13 H N N 185 
ILE HG21 H N N 186 
ILE HG22 H N N 187 
ILE HG23 H N N 188 
ILE HD11 H N N 189 
ILE HD12 H N N 190 
ILE HD13 H N N 191 
ILE HXT  H N N 192 
LEU N    N N N 193 
LEU CA   C N S 194 
LEU C    C N N 195 
LEU O    O N N 196 
LEU CB   C N N 197 
LEU CG   C N N 198 
LEU CD1  C N N 199 
LEU CD2  C N N 200 
LEU OXT  O N N 201 
LEU H    H N N 202 
LEU H2   H N N 203 
LEU HA   H N N 204 
LEU HB2  H N N 205 
LEU HB3  H N N 206 
LEU HG   H N N 207 
LEU HD11 H N N 208 
LEU HD12 H N N 209 
LEU HD13 H N N 210 
LEU HD21 H N N 211 
LEU HD22 H N N 212 
LEU HD23 H N N 213 
LEU HXT  H N N 214 
LYS N    N N N 215 
LYS CA   C N S 216 
LYS C    C N N 217 
LYS O    O N N 218 
LYS CB   C N N 219 
LYS CG   C N N 220 
LYS CD   C N N 221 
LYS CE   C N N 222 
LYS NZ   N N N 223 
LYS OXT  O N N 224 
LYS H    H N N 225 
LYS H2   H N N 226 
LYS HA   H N N 227 
LYS HB2  H N N 228 
LYS HB3  H N N 229 
LYS HG2  H N N 230 
LYS HG3  H N N 231 
LYS HD2  H N N 232 
LYS HD3  H N N 233 
LYS HE2  H N N 234 
LYS HE3  H N N 235 
LYS HZ1  H N N 236 
LYS HZ2  H N N 237 
LYS HZ3  H N N 238 
LYS HXT  H N N 239 
MET N    N N N 240 
MET CA   C N S 241 
MET C    C N N 242 
MET O    O N N 243 
MET CB   C N N 244 
MET CG   C N N 245 
MET SD   S N N 246 
MET CE   C N N 247 
MET OXT  O N N 248 
MET H    H N N 249 
MET H2   H N N 250 
MET HA   H N N 251 
MET HB2  H N N 252 
MET HB3  H N N 253 
MET HG2  H N N 254 
MET HG3  H N N 255 
MET HE1  H N N 256 
MET HE2  H N N 257 
MET HE3  H N N 258 
MET HXT  H N N 259 
PHE N    N N N 260 
PHE CA   C N S 261 
PHE C    C N N 262 
PHE O    O N N 263 
PHE CB   C N N 264 
PHE CG   C Y N 265 
PHE CD1  C Y N 266 
PHE CD2  C Y N 267 
PHE CE1  C Y N 268 
PHE CE2  C Y N 269 
PHE CZ   C Y N 270 
PHE OXT  O N N 271 
PHE H    H N N 272 
PHE H2   H N N 273 
PHE HA   H N N 274 
PHE HB2  H N N 275 
PHE HB3  H N N 276 
PHE HD1  H N N 277 
PHE HD2  H N N 278 
PHE HE1  H N N 279 
PHE HE2  H N N 280 
PHE HZ   H N N 281 
PHE HXT  H N N 282 
PRO N    N N N 283 
PRO CA   C N S 284 
PRO C    C N N 285 
PRO O    O N N 286 
PRO CB   C N N 287 
PRO CG   C N N 288 
PRO CD   C N N 289 
PRO OXT  O N N 290 
PRO H    H N N 291 
PRO HA   H N N 292 
PRO HB2  H N N 293 
PRO HB3  H N N 294 
PRO HG2  H N N 295 
PRO HG3  H N N 296 
PRO HD2  H N N 297 
PRO HD3  H N N 298 
PRO HXT  H N N 299 
RH4 C4   C Y N 300 
RH4 C5   C Y N 301 
RH4 C6   C Y N 302 
RH4 C7   C Y N 303 
RH4 C8   C Y N 304 
RH4 C10  C Y N 305 
RH4 N    N Y N 306 
RH4 C    C N N 307 
RH4 O    O N N 308 
RH4 C1   C N N 309 
RH4 C11  C Y N 310 
RH4 C12  C Y N 311 
RH4 C2   C N R 312 
RH4 C3   C N N 313 
RH4 C9   C Y N 314 
RH4 O1   O N N 315 
RH4 O2   O Y N 316 
RH4 H1   H N N 317 
RH4 H2   H N N 318 
RH4 H3   H N N 319 
RH4 H4   H N N 320 
RH4 H5   H N N 321 
RH4 H6   H N N 322 
RH4 H7   H N N 323 
RH4 H8   H N N 324 
RH4 H9   H N N 325 
RH4 H10  H N N 326 
RH4 H11  H N N 327 
RH4 H12  H N N 328 
RH4 H13  H N N 329 
SER N    N N N 330 
SER CA   C N S 331 
SER C    C N N 332 
SER O    O N N 333 
SER CB   C N N 334 
SER OG   O N N 335 
SER OXT  O N N 336 
SER H    H N N 337 
SER H2   H N N 338 
SER HA   H N N 339 
SER HB2  H N N 340 
SER HB3  H N N 341 
SER HG   H N N 342 
SER HXT  H N N 343 
SO4 S    S N N 344 
SO4 O1   O N N 345 
SO4 O2   O N N 346 
SO4 O3   O N N 347 
SO4 O4   O N N 348 
THR N    N N N 349 
THR CA   C N S 350 
THR C    C N N 351 
THR O    O N N 352 
THR CB   C N R 353 
THR OG1  O N N 354 
THR CG2  C N N 355 
THR OXT  O N N 356 
THR H    H N N 357 
THR H2   H N N 358 
THR HA   H N N 359 
THR HB   H N N 360 
THR HG1  H N N 361 
THR HG21 H N N 362 
THR HG22 H N N 363 
THR HG23 H N N 364 
THR HXT  H N N 365 
TYR N    N N N 366 
TYR CA   C N S 367 
TYR C    C N N 368 
TYR O    O N N 369 
TYR CB   C N N 370 
TYR CG   C Y N 371 
TYR CD1  C Y N 372 
TYR CD2  C Y N 373 
TYR CE1  C Y N 374 
TYR CE2  C Y N 375 
TYR CZ   C Y N 376 
TYR OH   O N N 377 
TYR OXT  O N N 378 
TYR H    H N N 379 
TYR H2   H N N 380 
TYR HA   H N N 381 
TYR HB2  H N N 382 
TYR HB3  H N N 383 
TYR HD1  H N N 384 
TYR HD2  H N N 385 
TYR HE1  H N N 386 
TYR HE2  H N N 387 
TYR HH   H N N 388 
TYR HXT  H N N 389 
VAL N    N N N 390 
VAL CA   C N S 391 
VAL C    C N N 392 
VAL O    O N N 393 
VAL CB   C N N 394 
VAL CG1  C N N 395 
VAL CG2  C N N 396 
VAL OXT  O N N 397 
VAL H    H N N 398 
VAL H2   H N N 399 
VAL HA   H N N 400 
VAL HB   H N N 401 
VAL HG11 H N N 402 
VAL HG12 H N N 403 
VAL HG13 H N N 404 
VAL HG21 H N N 405 
VAL HG22 H N N 406 
VAL HG23 H N N 407 
VAL HXT  H N N 408 
# 
loop_
_chem_comp_bond.comp_id 
_chem_comp_bond.atom_id_1 
_chem_comp_bond.atom_id_2 
_chem_comp_bond.value_order 
_chem_comp_bond.pdbx_aromatic_flag 
_chem_comp_bond.pdbx_stereo_config 
_chem_comp_bond.pdbx_ordinal 
ALA N   CA   sing N N 1   
ALA N   H    sing N N 2   
ALA N   H2   sing N N 3   
ALA CA  C    sing N N 4   
ALA CA  CB   sing N N 5   
ALA CA  HA   sing N N 6   
ALA C   O    doub N N 7   
ALA C   OXT  sing N N 8   
ALA CB  HB1  sing N N 9   
ALA CB  HB2  sing N N 10  
ALA CB  HB3  sing N N 11  
ALA OXT HXT  sing N N 12  
ARG N   CA   sing N N 13  
ARG N   H    sing N N 14  
ARG N   H2   sing N N 15  
ARG CA  C    sing N N 16  
ARG CA  CB   sing N N 17  
ARG CA  HA   sing N N 18  
ARG C   O    doub N N 19  
ARG C   OXT  sing N N 20  
ARG CB  CG   sing N N 21  
ARG CB  HB2  sing N N 22  
ARG CB  HB3  sing N N 23  
ARG CG  CD   sing N N 24  
ARG CG  HG2  sing N N 25  
ARG CG  HG3  sing N N 26  
ARG CD  NE   sing N N 27  
ARG CD  HD2  sing N N 28  
ARG CD  HD3  sing N N 29  
ARG NE  CZ   sing N N 30  
ARG NE  HE   sing N N 31  
ARG CZ  NH1  sing N N 32  
ARG CZ  NH2  doub N N 33  
ARG NH1 HH11 sing N N 34  
ARG NH1 HH12 sing N N 35  
ARG NH2 HH21 sing N N 36  
ARG NH2 HH22 sing N N 37  
ARG OXT HXT  sing N N 38  
ASN N   CA   sing N N 39  
ASN N   H    sing N N 40  
ASN N   H2   sing N N 41  
ASN CA  C    sing N N 42  
ASN CA  CB   sing N N 43  
ASN CA  HA   sing N N 44  
ASN C   O    doub N N 45  
ASN C   OXT  sing N N 46  
ASN CB  CG   sing N N 47  
ASN CB  HB2  sing N N 48  
ASN CB  HB3  sing N N 49  
ASN CG  OD1  doub N N 50  
ASN CG  ND2  sing N N 51  
ASN ND2 HD21 sing N N 52  
ASN ND2 HD22 sing N N 53  
ASN OXT HXT  sing N N 54  
ASP N   CA   sing N N 55  
ASP N   H    sing N N 56  
ASP N   H2   sing N N 57  
ASP CA  C    sing N N 58  
ASP CA  CB   sing N N 59  
ASP CA  HA   sing N N 60  
ASP C   O    doub N N 61  
ASP C   OXT  sing N N 62  
ASP CB  CG   sing N N 63  
ASP CB  HB2  sing N N 64  
ASP CB  HB3  sing N N 65  
ASP CG  OD1  doub N N 66  
ASP CG  OD2  sing N N 67  
ASP OD2 HD2  sing N N 68  
ASP OXT HXT  sing N N 69  
CYS N   CA   sing N N 70  
CYS N   H    sing N N 71  
CYS N   H2   sing N N 72  
CYS CA  C    sing N N 73  
CYS CA  CB   sing N N 74  
CYS CA  HA   sing N N 75  
CYS C   O    doub N N 76  
CYS C   OXT  sing N N 77  
CYS CB  SG   sing N N 78  
CYS CB  HB2  sing N N 79  
CYS CB  HB3  sing N N 80  
CYS SG  HG   sing N N 81  
CYS OXT HXT  sing N N 82  
EDO C1  O1   sing N N 83  
EDO C1  C2   sing N N 84  
EDO C1  H11  sing N N 85  
EDO C1  H12  sing N N 86  
EDO O1  HO1  sing N N 87  
EDO C2  O2   sing N N 88  
EDO C2  H21  sing N N 89  
EDO C2  H22  sing N N 90  
EDO O2  HO2  sing N N 91  
GLN N   CA   sing N N 92  
GLN N   H    sing N N 93  
GLN N   H2   sing N N 94  
GLN CA  C    sing N N 95  
GLN CA  CB   sing N N 96  
GLN CA  HA   sing N N 97  
GLN C   O    doub N N 98  
GLN C   OXT  sing N N 99  
GLN CB  CG   sing N N 100 
GLN CB  HB2  sing N N 101 
GLN CB  HB3  sing N N 102 
GLN CG  CD   sing N N 103 
GLN CG  HG2  sing N N 104 
GLN CG  HG3  sing N N 105 
GLN CD  OE1  doub N N 106 
GLN CD  NE2  sing N N 107 
GLN NE2 HE21 sing N N 108 
GLN NE2 HE22 sing N N 109 
GLN OXT HXT  sing N N 110 
GLU N   CA   sing N N 111 
GLU N   H    sing N N 112 
GLU N   H2   sing N N 113 
GLU CA  C    sing N N 114 
GLU CA  CB   sing N N 115 
GLU CA  HA   sing N N 116 
GLU C   O    doub N N 117 
GLU C   OXT  sing N N 118 
GLU CB  CG   sing N N 119 
GLU CB  HB2  sing N N 120 
GLU CB  HB3  sing N N 121 
GLU CG  CD   sing N N 122 
GLU CG  HG2  sing N N 123 
GLU CG  HG3  sing N N 124 
GLU CD  OE1  doub N N 125 
GLU CD  OE2  sing N N 126 
GLU OE2 HE2  sing N N 127 
GLU OXT HXT  sing N N 128 
GLY N   CA   sing N N 129 
GLY N   H    sing N N 130 
GLY N   H2   sing N N 131 
GLY CA  C    sing N N 132 
GLY CA  HA2  sing N N 133 
GLY CA  HA3  sing N N 134 
GLY C   O    doub N N 135 
GLY C   OXT  sing N N 136 
GLY OXT HXT  sing N N 137 
HIS N   CA   sing N N 138 
HIS N   H    sing N N 139 
HIS N   H2   sing N N 140 
HIS CA  C    sing N N 141 
HIS CA  CB   sing N N 142 
HIS CA  HA   sing N N 143 
HIS C   O    doub N N 144 
HIS C   OXT  sing N N 145 
HIS CB  CG   sing N N 146 
HIS CB  HB2  sing N N 147 
HIS CB  HB3  sing N N 148 
HIS CG  ND1  sing Y N 149 
HIS CG  CD2  doub Y N 150 
HIS ND1 CE1  doub Y N 151 
HIS ND1 HD1  sing N N 152 
HIS CD2 NE2  sing Y N 153 
HIS CD2 HD2  sing N N 154 
HIS CE1 NE2  sing Y N 155 
HIS CE1 HE1  sing N N 156 
HIS NE2 HE2  sing N N 157 
HIS OXT HXT  sing N N 158 
HOH O   H1   sing N N 159 
HOH O   H2   sing N N 160 
ILE N   CA   sing N N 161 
ILE N   H    sing N N 162 
ILE N   H2   sing N N 163 
ILE CA  C    sing N N 164 
ILE CA  CB   sing N N 165 
ILE CA  HA   sing N N 166 
ILE C   O    doub N N 167 
ILE C   OXT  sing N N 168 
ILE CB  CG1  sing N N 169 
ILE CB  CG2  sing N N 170 
ILE CB  HB   sing N N 171 
ILE CG1 CD1  sing N N 172 
ILE CG1 HG12 sing N N 173 
ILE CG1 HG13 sing N N 174 
ILE CG2 HG21 sing N N 175 
ILE CG2 HG22 sing N N 176 
ILE CG2 HG23 sing N N 177 
ILE CD1 HD11 sing N N 178 
ILE CD1 HD12 sing N N 179 
ILE CD1 HD13 sing N N 180 
ILE OXT HXT  sing N N 181 
LEU N   CA   sing N N 182 
LEU N   H    sing N N 183 
LEU N   H2   sing N N 184 
LEU CA  C    sing N N 185 
LEU CA  CB   sing N N 186 
LEU CA  HA   sing N N 187 
LEU C   O    doub N N 188 
LEU C   OXT  sing N N 189 
LEU CB  CG   sing N N 190 
LEU CB  HB2  sing N N 191 
LEU CB  HB3  sing N N 192 
LEU CG  CD1  sing N N 193 
LEU CG  CD2  sing N N 194 
LEU CG  HG   sing N N 195 
LEU CD1 HD11 sing N N 196 
LEU CD1 HD12 sing N N 197 
LEU CD1 HD13 sing N N 198 
LEU CD2 HD21 sing N N 199 
LEU CD2 HD22 sing N N 200 
LEU CD2 HD23 sing N N 201 
LEU OXT HXT  sing N N 202 
LYS N   CA   sing N N 203 
LYS N   H    sing N N 204 
LYS N   H2   sing N N 205 
LYS CA  C    sing N N 206 
LYS CA  CB   sing N N 207 
LYS CA  HA   sing N N 208 
LYS C   O    doub N N 209 
LYS C   OXT  sing N N 210 
LYS CB  CG   sing N N 211 
LYS CB  HB2  sing N N 212 
LYS CB  HB3  sing N N 213 
LYS CG  CD   sing N N 214 
LYS CG  HG2  sing N N 215 
LYS CG  HG3  sing N N 216 
LYS CD  CE   sing N N 217 
LYS CD  HD2  sing N N 218 
LYS CD  HD3  sing N N 219 
LYS CE  NZ   sing N N 220 
LYS CE  HE2  sing N N 221 
LYS CE  HE3  sing N N 222 
LYS NZ  HZ1  sing N N 223 
LYS NZ  HZ2  sing N N 224 
LYS NZ  HZ3  sing N N 225 
LYS OXT HXT  sing N N 226 
MET N   CA   sing N N 227 
MET N   H    sing N N 228 
MET N   H2   sing N N 229 
MET CA  C    sing N N 230 
MET CA  CB   sing N N 231 
MET CA  HA   sing N N 232 
MET C   O    doub N N 233 
MET C   OXT  sing N N 234 
MET CB  CG   sing N N 235 
MET CB  HB2  sing N N 236 
MET CB  HB3  sing N N 237 
MET CG  SD   sing N N 238 
MET CG  HG2  sing N N 239 
MET CG  HG3  sing N N 240 
MET SD  CE   sing N N 241 
MET CE  HE1  sing N N 242 
MET CE  HE2  sing N N 243 
MET CE  HE3  sing N N 244 
MET OXT HXT  sing N N 245 
PHE N   CA   sing N N 246 
PHE N   H    sing N N 247 
PHE N   H2   sing N N 248 
PHE CA  C    sing N N 249 
PHE CA  CB   sing N N 250 
PHE CA  HA   sing N N 251 
PHE C   O    doub N N 252 
PHE C   OXT  sing N N 253 
PHE CB  CG   sing N N 254 
PHE CB  HB2  sing N N 255 
PHE CB  HB3  sing N N 256 
PHE CG  CD1  doub Y N 257 
PHE CG  CD2  sing Y N 258 
PHE CD1 CE1  sing Y N 259 
PHE CD1 HD1  sing N N 260 
PHE CD2 CE2  doub Y N 261 
PHE CD2 HD2  sing N N 262 
PHE CE1 CZ   doub Y N 263 
PHE CE1 HE1  sing N N 264 
PHE CE2 CZ   sing Y N 265 
PHE CE2 HE2  sing N N 266 
PHE CZ  HZ   sing N N 267 
PHE OXT HXT  sing N N 268 
PRO N   CA   sing N N 269 
PRO N   CD   sing N N 270 
PRO N   H    sing N N 271 
PRO CA  C    sing N N 272 
PRO CA  CB   sing N N 273 
PRO CA  HA   sing N N 274 
PRO C   O    doub N N 275 
PRO C   OXT  sing N N 276 
PRO CB  CG   sing N N 277 
PRO CB  HB2  sing N N 278 
PRO CB  HB3  sing N N 279 
PRO CG  CD   sing N N 280 
PRO CG  HG2  sing N N 281 
PRO CG  HG3  sing N N 282 
PRO CD  HD2  sing N N 283 
PRO CD  HD3  sing N N 284 
PRO OXT HXT  sing N N 285 
RH4 C7  O2   sing Y N 286 
RH4 C7  C6   doub Y N 287 
RH4 O2  C4   sing Y N 288 
RH4 C6  C5   sing Y N 289 
RH4 C4  C3   sing N N 290 
RH4 C4  C5   doub Y N 291 
RH4 C3  C2   sing N N 292 
RH4 O   C    doub N N 293 
RH4 C2  C    sing N N 294 
RH4 C2  C8   sing N N 295 
RH4 C   O1   sing N N 296 
RH4 C9  C8   doub Y N 297 
RH4 C9  C10  sing Y N 298 
RH4 C8  C12  sing Y N 299 
RH4 C10 N    doub Y N 300 
RH4 O1  C1   sing N N 301 
RH4 C12 C11  doub Y N 302 
RH4 N   C11  sing Y N 303 
RH4 C5  H1   sing N N 304 
RH4 C6  H2   sing N N 305 
RH4 C7  H3   sing N N 306 
RH4 C10 H4   sing N N 307 
RH4 C1  H5   sing N N 308 
RH4 C1  H6   sing N N 309 
RH4 C1  H7   sing N N 310 
RH4 C11 H8   sing N N 311 
RH4 C12 H9   sing N N 312 
RH4 C2  H10  sing N N 313 
RH4 C3  H11  sing N N 314 
RH4 C3  H12  sing N N 315 
RH4 C9  H13  sing N N 316 
SER N   CA   sing N N 317 
SER N   H    sing N N 318 
SER N   H2   sing N N 319 
SER CA  C    sing N N 320 
SER CA  CB   sing N N 321 
SER CA  HA   sing N N 322 
SER C   O    doub N N 323 
SER C   OXT  sing N N 324 
SER CB  OG   sing N N 325 
SER CB  HB2  sing N N 326 
SER CB  HB3  sing N N 327 
SER OG  HG   sing N N 328 
SER OXT HXT  sing N N 329 
SO4 S   O1   doub N N 330 
SO4 S   O2   doub N N 331 
SO4 S   O3   sing N N 332 
SO4 S   O4   sing N N 333 
THR N   CA   sing N N 334 
THR N   H    sing N N 335 
THR N   H2   sing N N 336 
THR CA  C    sing N N 337 
THR CA  CB   sing N N 338 
THR CA  HA   sing N N 339 
THR C   O    doub N N 340 
THR C   OXT  sing N N 341 
THR CB  OG1  sing N N 342 
THR CB  CG2  sing N N 343 
THR CB  HB   sing N N 344 
THR OG1 HG1  sing N N 345 
THR CG2 HG21 sing N N 346 
THR CG2 HG22 sing N N 347 
THR CG2 HG23 sing N N 348 
THR OXT HXT  sing N N 349 
TYR N   CA   sing N N 350 
TYR N   H    sing N N 351 
TYR N   H2   sing N N 352 
TYR CA  C    sing N N 353 
TYR CA  CB   sing N N 354 
TYR CA  HA   sing N N 355 
TYR C   O    doub N N 356 
TYR C   OXT  sing N N 357 
TYR CB  CG   sing N N 358 
TYR CB  HB2  sing N N 359 
TYR CB  HB3  sing N N 360 
TYR CG  CD1  doub Y N 361 
TYR CG  CD2  sing Y N 362 
TYR CD1 CE1  sing Y N 363 
TYR CD1 HD1  sing N N 364 
TYR CD2 CE2  doub Y N 365 
TYR CD2 HD2  sing N N 366 
TYR CE1 CZ   doub Y N 367 
TYR CE1 HE1  sing N N 368 
TYR CE2 CZ   sing Y N 369 
TYR CE2 HE2  sing N N 370 
TYR CZ  OH   sing N N 371 
TYR OH  HH   sing N N 372 
TYR OXT HXT  sing N N 373 
VAL N   CA   sing N N 374 
VAL N   H    sing N N 375 
VAL N   H2   sing N N 376 
VAL CA  C    sing N N 377 
VAL CA  CB   sing N N 378 
VAL CA  HA   sing N N 379 
VAL C   O    doub N N 380 
VAL C   OXT  sing N N 381 
VAL CB  CG1  sing N N 382 
VAL CB  CG2  sing N N 383 
VAL CB  HB   sing N N 384 
VAL CG1 HG11 sing N N 385 
VAL CG1 HG12 sing N N 386 
VAL CG1 HG13 sing N N 387 
VAL CG2 HG21 sing N N 388 
VAL CG2 HG22 sing N N 389 
VAL CG2 HG23 sing N N 390 
VAL OXT HXT  sing N N 391 
# 
_pdbx_deposit_group.group_id            G_1002118 
_pdbx_deposit_group.group_description   
;Bromodomain of human ATAD2 screened against the Leeds 3D Fragment Library by X-ray Crystallography at the XChem
facility of Diamond Light Source beamline I04-1
;
_pdbx_deposit_group.group_title         'PanDDA analysis group deposition - Bromodomain of human ATAD2 fragment screening' 
_pdbx_deposit_group.group_type          'changed state' 
# 
_pdbx_entity_instance_feature.ordinal        1 
_pdbx_entity_instance_feature.comp_id        RH4 
_pdbx_entity_instance_feature.asym_id        ? 
_pdbx_entity_instance_feature.seq_num        ? 
_pdbx_entity_instance_feature.auth_comp_id   RH4 
_pdbx_entity_instance_feature.auth_asym_id   ? 
_pdbx_entity_instance_feature.auth_seq_num   ? 
_pdbx_entity_instance_feature.feature_type   'SUBJECT OF INVESTIGATION' 
_pdbx_entity_instance_feature.details        ? 
# 
_atom_sites.entry_id                    5QXP 
_atom_sites.fract_transf_matrix[1][1]   0.00623947 
_atom_sites.fract_transf_matrix[1][2]   -0.00476733 
_atom_sites.fract_transf_matrix[1][3]   -0.01200355 
_atom_sites.fract_transf_matrix[2][1]   -0.00584623 
_atom_sites.fract_transf_matrix[2][2]   -0.01088501 
_atom_sites.fract_transf_matrix[2][3]   -0.00728618 
_atom_sites.fract_transf_matrix[3][1]   -0.00385133 
_atom_sites.fract_transf_matrix[3][2]   0.00464286 
_atom_sites.fract_transf_matrix[3][3]   -0.00384589 
_atom_sites.fract_transf_vector[1]      0.446251 
_atom_sites.fract_transf_vector[2]      0.601291 
_atom_sites.fract_transf_vector[3]      -0.025667 
# 
loop_
_atom_type.symbol 
C 
N 
O 
S 
# 
loop_
_atom_site.group_PDB 
_atom_site.id 
_atom_site.type_symbol 
_atom_site.label_atom_id 
_atom_site.label_alt_id 
_atom_site.label_comp_id 
_atom_site.label_asym_id 
_atom_site.label_entity_id 
_atom_site.label_seq_id 
_atom_site.pdbx_PDB_ins_code 
_atom_site.Cartn_x 
_atom_site.Cartn_y 
_atom_site.Cartn_z 
_atom_site.occupancy 
_atom_site.B_iso_or_equiv 
_atom_site.pdbx_formal_charge 
_atom_site.auth_seq_id 
_atom_site.auth_comp_id 
_atom_site.auth_asym_id 
_atom_site.auth_atom_id 
_atom_site.pdbx_PDB_model_num 
ATOM   1    N N   . SER A 1 1   ? -24.218 -0.335  10.696  1.00 32.46 ? 979  SER A N   1 
ATOM   2    C CA  . SER A 1 1   ? -25.288 0.460   10.070  1.00 37.25 ? 979  SER A CA  1 
ATOM   3    C C   . SER A 1 1   ? -24.990 0.643   8.564   1.00 41.85 ? 979  SER A C   1 
ATOM   4    O O   . SER A 1 1   ? -23.829 0.372   8.116   1.00 31.47 ? 979  SER A O   1 
ATOM   5    C CB  . SER A 1 1   ? -25.428 1.780   10.757  1.00 40.33 ? 979  SER A CB  1 
ATOM   6    O OG  . SER A 1 1   ? -24.266 2.605   10.533  1.00 34.59 ? 979  SER A OG  1 
ATOM   7    N N   . MET A 1 2   ? -25.997 1.050   7.799   1.00 39.14 ? 980  MET A N   1 
ATOM   8    C CA  . MET A 1 2   ? -25.848 1.335   6.349   1.00 45.35 ? 980  MET A CA  1 
ATOM   9    C C   . MET A 1 2   ? -24.875 2.509   6.205   1.00 36.85 ? 980  MET A C   1 
ATOM   10   O O   . MET A 1 2   ? -24.075 2.541   5.277   1.00 30.67 ? 980  MET A O   1 
ATOM   11   C CB  . MET A 1 2   ? -27.203 1.706   5.719   1.00 51.86 ? 980  MET A CB  1 
ATOM   12   C CG  . MET A 1 2   ? -27.105 2.281   4.301   1.00 64.92 ? 980  MET A CG  1 
ATOM   13   S SD  . MET A 1 2   ? -27.062 0.988   3.010   1.00 95.06 ? 980  MET A SD  1 
ATOM   14   C CE  . MET A 1 2   ? -25.452 0.231   3.244   1.00 79.96 ? 980  MET A CE  1 
ATOM   15   N N   . GLN A 1 3   ? -24.976 3.488   7.066   1.00 29.39 ? 981  GLN A N   1 
ATOM   16   C CA  . GLN A 1 3   ? -24.113 4.682   7.067   1.00 34.36 ? 981  GLN A CA  1 
ATOM   17   C C   . GLN A 1 3   ? -22.652 4.234   7.232   1.00 26.99 ? 981  GLN A C   1 
ATOM   18   O O   . GLN A 1 3   ? -21.776 4.827   6.573   1.00 25.30 ? 981  GLN A O   1 
ATOM   19   C CB  . GLN A 1 3   ? -24.528 5.640   8.176   1.00 40.24 ? 981  GLN A CB  1 
ATOM   20   C CG  . GLN A 1 3   ? -26.029 5.983   8.124   1.00 59.12 ? 981  GLN A CG  1 
ATOM   21   C CD  . GLN A 1 3   ? -26.883 5.140   9.054   1.00 62.24 ? 981  GLN A CD  1 
ATOM   22   O OE1 . GLN A 1 3   ? -27.312 4.009   8.743   1.00 58.16 ? 981  GLN A OE1 1 
ATOM   23   N NE2 . GLN A 1 3   ? -27.129 5.701   10.230  1.00 69.12 ? 981  GLN A NE2 1 
ATOM   24   N N   . GLU A 1 4   ? -22.375 3.288   8.113   1.00 21.69 ? 982  GLU A N   1 
ATOM   25   C CA  . GLU A 1 4   ? -21.001 2.767   8.330   1.00 20.30 ? 982  GLU A CA  1 
ATOM   26   C C   . GLU A 1 4   ? -20.580 2.026   7.063   1.00 19.08 ? 982  GLU A C   1 
ATOM   27   O O   . GLU A 1 4   ? -19.379 2.196   6.643   1.00 16.34 ? 982  GLU A O   1 
ATOM   28   C CB  . GLU A 1 4   ? -20.917 1.865   9.581   1.00 19.10 ? 982  GLU A CB  1 
ATOM   29   C CG  . GLU A 1 4   ? -21.017 2.685   10.879  1.00 22.53 ? 982  GLU A CG  1 
ATOM   30   C CD  . GLU A 1 4   ? -21.152 1.878   12.161  1.00 27.69 ? 982  GLU A CD  1 
ATOM   31   O OE1 . GLU A 1 4   ? -21.433 0.662   12.023  1.00 27.62 ? 982  GLU A OE1 1 
ATOM   32   O OE2 . GLU A 1 4   ? -20.873 2.441   13.291  1.00 25.27 ? 982  GLU A OE2 1 
ATOM   33   N N   . GLU A 1 5   ? -21.402 1.219   6.410   1.00 18.78 ? 983  GLU A N   1 
ATOM   34   C CA  . GLU A 1 5   ? -21.012 0.540   5.157   1.00 19.96 ? 983  GLU A CA  1 
ATOM   35   C C   . GLU A 1 5   ? -20.772 1.584   4.037   1.00 18.55 ? 983  GLU A C   1 
ATOM   36   O O   . GLU A 1 5   ? -19.779 1.353   3.295   1.00 18.07 ? 983  GLU A O   1 
ATOM   37   C CB  . GLU A 1 5   ? -22.037 -0.538  4.722   1.00 26.35 ? 983  GLU A CB  1 
ATOM   38   C CG  . GLU A 1 5   ? -22.084 -1.724  5.718   1.00 31.85 ? 983  GLU A CG  1 
ATOM   39   C CD  . GLU A 1 5   ? -20.745 -2.348  6.152   1.00 43.73 ? 983  GLU A CD  1 
ATOM   40   O OE1 . GLU A 1 5   ? -19.945 -2.696  5.240   1.00 52.36 ? 983  GLU A OE1 1 
ATOM   41   O OE2 . GLU A 1 5   ? -20.421 -2.414  7.428   1.00 51.43 ? 983  GLU A OE2 1 
ATOM   42   N N   . ASP A 1 6   ? -21.449 2.700   4.003   1.00 18.06 ? 984  ASP A N   1 
ATOM   43   C CA  . ASP A 1 6   ? -21.187 3.793   3.040   1.00 18.89 ? 984  ASP A CA  1 
ATOM   44   C C   . ASP A 1 6   ? -19.796 4.404   3.346   1.00 17.55 ? 984  ASP A C   1 
ATOM   45   O O   . ASP A 1 6   ? -19.067 4.746   2.383   1.00 16.24 ? 984  ASP A O   1 
ATOM   46   C CB  . ASP A 1 6   ? -22.265 4.871   3.043   1.00 23.40 ? 984  ASP A CB  1 
ATOM   47   C CG  . ASP A 1 6   ? -23.598 4.465   2.357   1.00 26.24 ? 984  ASP A CG  1 
ATOM   48   O OD1 . ASP A 1 6   ? -23.670 3.368   1.776   1.00 29.89 ? 984  ASP A OD1 1 
ATOM   49   O OD2 . ASP A 1 6   ? -24.506 5.179   2.551   1.00 36.54 ? 984  ASP A OD2 1 
ATOM   50   N N   . THR A 1 7   ? -19.431 4.595   4.603   1.00 15.43 ? 985  THR A N   1 
ATOM   51   C CA  . THR A 1 7   ? -18.113 5.095   5.027   1.00 12.78 ? 985  THR A CA  1 
ATOM   52   C C   . THR A 1 7   ? -17.043 4.173   4.433   1.00 14.12 ? 985  THR A C   1 
ATOM   53   O O   . THR A 1 7   ? -16.069 4.683   3.771   1.00 13.12 ? 985  THR A O   1 
ATOM   54   C CB  . THR A 1 7   ? -17.935 5.272   6.535   1.00 13.83 ? 985  THR A CB  1 
ATOM   55   O OG1 . THR A 1 7   ? -18.987 6.183   6.988   1.00 17.20 ? 985  THR A OG1 1 
ATOM   56   C CG2 . THR A 1 7   ? -16.583 5.771   6.946   1.00 15.01 ? 985  THR A CG2 1 
ATOM   57   N N   . PHE A 1 8   ? -17.092 2.857   4.647   1.00 14.14 ? 986  PHE A N   1 
ATOM   58   C CA  . PHE A 1 8   ? -16.056 1.938   4.130   1.00 14.26 ? 986  PHE A CA  1 
ATOM   59   C C   . PHE A 1 8   ? -16.034 1.897   2.604   1.00 14.55 ? 986  PHE A C   1 
ATOM   60   O O   . PHE A 1 8   ? -14.960 1.731   2.019   1.00 14.43 ? 986  PHE A O   1 
ATOM   61   C CB  . PHE A 1 8   ? -16.112 0.546   4.784   1.00 14.92 ? 986  PHE A CB  1 
ATOM   62   C CG  . PHE A 1 8   ? -15.861 0.527   6.266   1.00 15.23 ? 986  PHE A CG  1 
ATOM   63   C CD1 . PHE A 1 8   ? -14.734 1.075   6.819   1.00 16.23 ? 986  PHE A CD1 1 
ATOM   64   C CD2 . PHE A 1 8   ? -16.712 -0.133  7.144   1.00 17.29 ? 986  PHE A CD2 1 
ATOM   65   C CE1 . PHE A 1 8   ? -14.448 1.048   8.169   1.00 17.87 ? 986  PHE A CE1 1 
ATOM   66   C CE2 . PHE A 1 8   ? -16.417 -0.201  8.502   1.00 17.39 ? 986  PHE A CE2 1 
ATOM   67   C CZ  . PHE A 1 8   ? -15.299 0.386   9.022   1.00 18.25 ? 986  PHE A CZ  1 
ATOM   68   N N   A ARG A 1 9   ? -17.178 2.047   1.951   0.23 13.86 ? 987  ARG A N   1 
ATOM   69   N N   B ARG A 1 9   ? -17.185 2.032   1.963   0.23 14.11 ? 987  ARG A N   1 
ATOM   70   N N   C ARG A 1 9   ? -17.160 2.098   1.918   0.04 12.68 ? 987  ARG A N   1 
ATOM   71   C CA  A ARG A 1 9   ? -17.224 2.100   0.470   0.23 14.73 ? 987  ARG A CA  1 
ATOM   72   C CA  B ARG A 1 9   ? -17.243 2.105   0.486   0.23 15.14 ? 987  ARG A CA  1 
ATOM   73   C CA  C ARG A 1 9   ? -17.156 2.085   0.426   0.04 11.83 ? 987  ARG A CA  1 
ATOM   74   C C   A ARG A 1 9   ? -16.465 3.348   -0.021  0.23 13.74 ? 987  ARG A C   1 
ATOM   75   C C   B ARG A 1 9   ? -16.434 3.327   0.016   0.23 13.90 ? 987  ARG A C   1 
ATOM   76   C C   C ARG A 1 9   ? -16.590 3.399   -0.133  0.04 12.03 ? 987  ARG A C   1 
ATOM   77   O O   A ARG A 1 9   ? -15.701 3.239   -1.020  0.23 13.11 ? 987  ARG A O   1 
ATOM   78   O O   B ARG A 1 9   ? -15.588 3.157   -0.912  0.23 13.18 ? 987  ARG A O   1 
ATOM   79   O O   C ARG A 1 9   ? -16.149 3.409   -1.299  0.04 11.28 ? 987  ARG A O   1 
ATOM   80   C CB  A ARG A 1 9   ? -18.664 2.048   -0.025  0.23 17.23 ? 987  ARG A CB  1 
ATOM   81   C CB  B ARG A 1 9   ? -18.690 2.124   0.008   0.23 18.27 ? 987  ARG A CB  1 
ATOM   82   C CB  C ARG A 1 9   ? -18.544 1.832   -0.154  0.04 10.94 ? 987  ARG A CB  1 
ATOM   83   C CG  A ARG A 1 9   ? -18.799 1.498   -1.431  0.23 18.69 ? 987  ARG A CG  1 
ATOM   84   C CG  B ARG A 1 9   ? -18.818 2.136   -1.502  0.23 20.14 ? 987  ARG A CG  1 
ATOM   85   C CG  C ARG A 1 9   ? -18.527 1.661   -1.665  0.04 10.13 ? 987  ARG A CG  1 
ATOM   86   C CD  A ARG A 1 9   ? -20.244 1.212   -1.819  0.23 19.61 ? 987  ARG A CD  1 
ATOM   87   C CD  B ARG A 1 9   ? -20.230 1.879   -1.985  0.23 21.73 ? 987  ARG A CD  1 
ATOM   88   C CD  C ARG A 1 9   ? -19.830 1.016   -2.057  0.04 9.48  ? 987  ARG A CD  1 
ATOM   89   N NE  A ARG A 1 9   ? -20.939 0.277   -0.950  0.23 23.54 ? 987  ARG A NE  1 
ATOM   90   N NE  B ARG A 1 9   ? -20.234 1.837   -3.441  0.23 23.62 ? 987  ARG A NE  1 
ATOM   91   N NE  C ARG A 1 9   ? -20.184 0.848   -3.458  0.04 9.00  ? 987  ARG A NE  1 
ATOM   92   C CZ  A ARG A 1 9   ? -21.932 0.608   -0.118  0.23 22.11 ? 987  ARG A CZ  1 
ATOM   93   C CZ  B ARG A 1 9   ? -20.475 2.859   -4.270  0.23 17.61 ? 987  ARG A CZ  1 
ATOM   94   C CZ  C ARG A 1 9   ? -19.770 1.525   -4.526  0.04 8.40  ? 987  ARG A CZ  1 
ATOM   95   N NH1 A ARG A 1 9   ? -22.370 1.845   -0.072  0.23 21.45 ? 987  ARG A NH1 1 
ATOM   96   N NH1 B ARG A 1 9   ? -20.422 2.575   -5.557  0.23 24.77 ? 987  ARG A NH1 1 
ATOM   97   N NH1 C ARG A 1 9   ? -20.301 1.182   -5.685  0.04 7.98  ? 987  ARG A NH1 1 
ATOM   98   N NH2 A ARG A 1 9   ? -22.484 -0.309  0.643   0.23 21.74 ? 987  ARG A NH2 1 
ATOM   99   N NH2 B ARG A 1 9   ? -20.680 4.119   -3.870  0.23 15.12 ? 987  ARG A NH2 1 
ATOM   100  N NH2 C ARG A 1 9   ? -18.828 2.463   -4.480  0.04 7.76  ? 987  ARG A NH2 1 
ATOM   101  N N   . GLU A 1 10  ? -16.647 4.488   0.629   1.00 12.82 ? 988  GLU A N   1 
ATOM   102  C CA  . GLU A 1 10  ? -15.899 5.738   0.253   1.00 11.98 ? 988  GLU A CA  1 
ATOM   103  C C   . GLU A 1 10  ? -14.398 5.515   0.519   1.00 12.31 ? 988  GLU A C   1 
ATOM   104  O O   . GLU A 1 10  ? -13.574 5.891   -0.362  1.00 11.18 ? 988  GLU A O   1 
ATOM   105  C CB  . GLU A 1 10  ? -16.443 6.955   1.012   1.00 11.63 ? 988  GLU A CB  1 
ATOM   106  C CG  . GLU A 1 10  ? -15.659 8.215   0.725   1.00 12.54 ? 988  GLU A CG  1 
ATOM   107  C CD  . GLU A 1 10  ? -16.257 9.557   1.015   1.00 15.34 ? 988  GLU A CD  1 
ATOM   108  O OE1 . GLU A 1 10  ? -15.547 10.586  0.848   1.00 15.32 ? 988  GLU A OE1 1 
ATOM   109  O OE2 . GLU A 1 10  ? -17.462 9.555   1.412   1.00 16.96 ? 988  GLU A OE2 1 
ATOM   110  N N   . LEU A 1 11  ? -14.024 4.864   1.610   1.00 11.11 ? 989  LEU A N   1 
ATOM   111  C CA  . LEU A 1 11  ? -12.606 4.537   1.837   1.00 11.00 ? 989  LEU A CA  1 
ATOM   112  C C   . LEU A 1 11  ? -12.069 3.707   0.682   1.00 11.54 ? 989  LEU A C   1 
ATOM   113  O O   . LEU A 1 11  ? -10.949 4.024   0.149   1.00 11.84 ? 989  LEU A O   1 
ATOM   114  C CB  . LEU A 1 11  ? -12.433 3.759   3.142   1.00 12.61 ? 989  LEU A CB  1 
ATOM   115  C CG  . LEU A 1 11  ? -11.008 3.245   3.417   1.00 13.45 ? 989  LEU A CG  1 
ATOM   116  C CD1 . LEU A 1 11  ? -10.055 4.362   3.653   1.00 15.75 ? 989  LEU A CD1 1 
ATOM   117  C CD2 . LEU A 1 11  ? -11.044 2.282   4.587   1.00 17.42 ? 989  LEU A CD2 1 
ATOM   118  N N   . ARG A 1 12  ? -12.756 2.654   0.230   1.00 11.63 ? 990  ARG A N   1 
ATOM   119  C CA  . ARG A 1 12  ? -12.246 1.799   -0.879  1.00 11.19 ? 990  ARG A CA  1 
ATOM   120  C C   . ARG A 1 12  ? -12.106 2.628   -2.160  1.00 11.80 ? 990  ARG A C   1 
ATOM   121  O O   . ARG A 1 12  ? -11.085 2.413   -2.907  1.00 11.45 ? 990  ARG A O   1 
ATOM   122  C CB  . ARG A 1 12  ? -13.132 0.554   -1.090  1.00 11.84 ? 990  ARG A CB  1 
ATOM   123  C CG  . ARG A 1 12  ? -13.100 -0.396  0.085   1.00 12.94 ? 990  ARG A CG  1 
ATOM   124  C CD  . ARG A 1 12  ? -13.836 -1.734  -0.147  1.00 13.12 ? 990  ARG A CD  1 
ATOM   125  N NE  . ARG A 1 12  ? -15.251 -1.585  -0.454  1.00 14.06 ? 990  ARG A NE  1 
ATOM   126  C CZ  . ARG A 1 12  ? -16.206 -1.643  0.488   1.00 14.08 ? 990  ARG A CZ  1 
ATOM   127  N NH1 . ARG A 1 12  ? -17.500 -1.542  0.138   1.00 17.93 ? 990  ARG A NH1 1 
ATOM   128  N NH2 . ARG A 1 12  ? -15.915 -1.746  1.738   1.00 14.87 ? 990  ARG A NH2 1 
ATOM   129  N N   . ILE A 1 13  ? -13.058 3.491   -2.491  1.00 11.15 ? 991  ILE A N   1 
ATOM   130  C CA  . ILE A 1 13  ? -12.974 4.343   -3.712  1.00 11.89 ? 991  ILE A CA  1 
ATOM   131  C C   . ILE A 1 13  ? -11.694 5.212   -3.616  1.00 11.04 ? 991  ILE A C   1 
ATOM   132  O O   . ILE A 1 13  ? -10.873 5.264   -4.606  1.00 11.71 ? 991  ILE A O   1 
ATOM   133  C CB  . ILE A 1 13  ? -14.246 5.193   -3.892  1.00 14.15 ? 991  ILE A CB  1 
ATOM   134  C CG1 . ILE A 1 13  ? -15.424 4.264   -4.239  1.00 19.00 ? 991  ILE A CG1 1 
ATOM   135  C CG2 . ILE A 1 13  ? -14.019 6.237   -4.977  1.00 15.85 ? 991  ILE A CG2 1 
ATOM   136  C CD1 . ILE A 1 13  ? -16.742 4.939   -4.015  1.00 23.11 ? 991  ILE A CD1 1 
ATOM   137  N N   . PHE A 1 14  ? -11.445 5.822   -2.477  1.00 11.29 ? 992  PHE A N   1 
ATOM   138  C CA  . PHE A 1 14  ? -10.248 6.671   -2.250  1.00 11.34 ? 992  PHE A CA  1 
ATOM   139  C C   . PHE A 1 14  ? -8.978  5.832   -2.444  1.00 10.86 ? 992  PHE A C   1 
ATOM   140  O O   . PHE A 1 14  ? -8.031  6.271   -3.154  1.00 11.17 ? 992  PHE A O   1 
ATOM   141  C CB  . PHE A 1 14  ? -10.339 7.337   -0.879  1.00 12.03 ? 992  PHE A CB  1 
ATOM   142  C CG  . PHE A 1 14  ? -9.106  8.122   -0.466  1.00 13.22 ? 992  PHE A CG  1 
ATOM   143  C CD1 . PHE A 1 14  ? -8.829  9.339   -1.053  1.00 15.62 ? 992  PHE A CD1 1 
ATOM   144  C CD2 . PHE A 1 14  ? -8.239  7.617   0.487   1.00 14.50 ? 992  PHE A CD2 1 
ATOM   145  C CE1 . PHE A 1 14  ? -7.661  10.051  -0.697  1.00 16.61 ? 992  PHE A CE1 1 
ATOM   146  C CE2 . PHE A 1 14  ? -7.079  8.321   0.831   1.00 16.43 ? 992  PHE A CE2 1 
ATOM   147  C CZ  . PHE A 1 14  ? -6.809  9.505   0.214   1.00 15.07 ? 992  PHE A CZ  1 
ATOM   148  N N   . LEU A 1 15  ? -8.905  4.660   -1.812  1.00 10.92 ? 993  LEU A N   1 
ATOM   149  C CA  . LEU A 1 15  ? -7.686  3.823   -1.894  1.00 11.11 ? 993  LEU A CA  1 
ATOM   150  C C   . LEU A 1 15  ? -7.462  3.310   -3.290  1.00 10.84 ? 993  LEU A C   1 
ATOM   151  O O   . LEU A 1 15  ? -6.256  3.243   -3.741  1.00 11.90 ? 993  LEU A O   1 
ATOM   152  C CB  . LEU A 1 15  ? -7.763  2.651   -0.919  1.00 11.55 ? 993  LEU A CB  1 
ATOM   153  C CG  . LEU A 1 15  ? -7.807  3.022   0.564   1.00 13.13 ? 993  LEU A CG  1 
ATOM   154  C CD1 . LEU A 1 15  ? -7.935  1.730   1.440   1.00 13.31 ? 993  LEU A CD1 1 
ATOM   155  C CD2 . LEU A 1 15  ? -6.613  3.881   0.964   1.00 13.67 ? 993  LEU A CD2 1 
ATOM   156  N N   . ARG A 1 16  ? -8.465  2.951   -4.075  1.00 10.85 ? 994  ARG A N   1 
ATOM   157  C CA  . ARG A 1 16  ? -8.271  2.491   -5.466  1.00 11.03 ? 994  ARG A CA  1 
ATOM   158  C C   . ARG A 1 16  ? -7.683  3.628   -6.295  1.00 12.44 ? 994  ARG A C   1 
ATOM   159  O O   . ARG A 1 16  ? -6.811  3.399   -7.164  1.00 12.81 ? 994  ARG A O   1 
ATOM   160  C CB  . ARG A 1 16  ? -9.559  1.993   -6.151  1.00 14.18 ? 994  ARG A CB  1 
ATOM   161  C CG  . ARG A 1 16  ? -10.202 0.752   -5.566  1.00 14.82 ? 994  ARG A CG  1 
ATOM   162  C CD  . ARG A 1 16  ? -11.316 0.209   -6.531  1.00 15.72 ? 994  ARG A CD  1 
ATOM   163  N NE  . ARG A 1 16  ? -12.098 -0.739  -5.760  1.00 15.88 ? 994  ARG A NE  1 
ATOM   164  C CZ  . ARG A 1 16  ? -13.107 -0.501  -4.995  1.00 15.95 ? 994  ARG A CZ  1 
ATOM   165  N NH1 . ARG A 1 16  ? -13.766 0.628   -4.958  1.00 15.18 ? 994  ARG A NH1 1 
ATOM   166  N NH2 . ARG A 1 16  ? -13.555 -1.528  -4.253  1.00 20.23 ? 994  ARG A NH2 1 
ATOM   167  N N   . ASN A 1 17  ? -8.141  4.851   -6.087  1.00 11.39 ? 995  ASN A N   1 
ATOM   168  C CA  . ASN A 1 17  ? -7.668  6.045   -6.854  1.00 11.96 ? 995  ASN A CA  1 
ATOM   169  C C   . ASN A 1 17  ? -6.196  6.332   -6.507  1.00 11.47 ? 995  ASN A C   1 
ATOM   170  O O   . ASN A 1 17  ? -5.402  6.500   -7.505  1.00 11.76 ? 995  ASN A O   1 
ATOM   171  C CB  . ASN A 1 17  ? -8.594  7.246   -6.601  1.00 12.99 ? 995  ASN A CB  1 
ATOM   172  C CG  . ASN A 1 17  ? -8.076  8.425   -7.374  1.00 17.20 ? 995  ASN A CG  1 
ATOM   173  O OD1 . ASN A 1 17  ? -7.386  9.171   -6.790  1.00 16.48 ? 995  ASN A OD1 1 
ATOM   174  N ND2 . ASN A 1 17  ? -8.352  8.517   -8.673  1.00 19.22 ? 995  ASN A ND2 1 
ATOM   175  N N   . VAL A 1 18  ? -5.834  6.364   -5.258  1.00 11.20 ? 996  VAL A N   1 
ATOM   176  C CA  . VAL A 1 18  ? -4.399  6.591   -4.897  1.00 11.29 ? 996  VAL A CA  1 
ATOM   177  C C   . VAL A 1 18  ? -3.550  5.481   -5.546  1.00 11.46 ? 996  VAL A C   1 
ATOM   178  O O   . VAL A 1 18  ? -2.478  5.744   -6.147  1.00 11.93 ? 996  VAL A O   1 
ATOM   179  C CB  . VAL A 1 18  ? -4.221  6.615   -3.386  1.00 11.58 ? 996  VAL A CB  1 
ATOM   180  C CG1 . VAL A 1 18  ? -2.728  6.693   -3.010  1.00 12.73 ? 996  VAL A CG1 1 
ATOM   181  C CG2 . VAL A 1 18  ? -5.011  7.757   -2.723  1.00 13.15 ? 996  VAL A CG2 1 
ATOM   182  N N   . THR A 1 19  ? -3.952  4.211   -5.424  1.00 10.92 ? 997  THR A N   1 
ATOM   183  C CA  . THR A 1 19  ? -3.160  3.052   -5.897  1.00 10.70 ? 997  THR A CA  1 
ATOM   184  C C   . THR A 1 19  ? -2.998  3.153   -7.419  1.00 12.16 ? 997  THR A C   1 
ATOM   185  O O   . THR A 1 19  ? -1.889  2.833   -7.932  1.00 12.69 ? 997  THR A O   1 
ATOM   186  C CB  . THR A 1 19  ? -3.763  1.706   -5.440  1.00 11.46 ? 997  THR A CB  1 
ATOM   187  O OG1 . THR A 1 19  ? -3.972  1.739   -4.019  1.00 11.89 ? 997  THR A OG1 1 
ATOM   188  C CG2 . THR A 1 19  ? -2.894  0.514   -5.724  1.00 13.51 ? 997  THR A CG2 1 
ATOM   189  N N   . HIS A 1 20  ? -4.045  3.460   -8.160  1.00 11.97 ? 998  HIS A N   1 
ATOM   190  C CA  . HIS A 1 20  ? -3.936  3.619   -9.623  1.00 12.67 ? 998  HIS A CA  1 
ATOM   191  C C   . HIS A 1 20  ? -2.918  4.680   -9.973  1.00 12.98 ? 998  HIS A C   1 
ATOM   192  O O   . HIS A 1 20  ? -2.118  4.485   -10.937 1.00 13.54 ? 998  HIS A O   1 
ATOM   193  C CB  . HIS A 1 20  ? -5.314  4.021   -10.216 1.00 15.70 ? 998  HIS A CB  1 
ATOM   194  C CG  . HIS A 1 20  ? -5.304  4.211   -11.693 1.00 19.43 ? 998  HIS A CG  1 
ATOM   195  N ND1 . HIS A 1 20  ? -5.428  5.439   -12.378 1.00 25.24 ? 998  HIS A ND1 1 
ATOM   196  C CD2 . HIS A 1 20  ? -5.163  3.257   -12.645 1.00 20.05 ? 998  HIS A CD2 1 
ATOM   197  C CE1 . HIS A 1 20  ? -5.384  5.209   -13.696 1.00 21.47 ? 998  HIS A CE1 1 
ATOM   198  N NE2 . HIS A 1 20  ? -5.181  3.871   -13.877 1.00 24.82 ? 998  HIS A NE2 1 
ATOM   199  N N   . ARG A 1 21  ? -2.916  5.809   -9.308  1.00 12.49 ? 999  ARG A N   1 
ATOM   200  C CA  . ARG A 1 21  ? -1.988  6.926   -9.592  1.00 13.80 ? 999  ARG A CA  1 
ATOM   201  C C   . ARG A 1 21  ? -0.536  6.451   -9.334  1.00 14.22 ? 999  ARG A C   1 
ATOM   202  O O   . ARG A 1 21  ? 0.399   6.843   -10.086 1.00 15.78 ? 999  ARG A O   1 
ATOM   203  C CB  . ARG A 1 21  ? -2.345  8.196   -8.838  1.00 13.61 ? 999  ARG A CB  1 
ATOM   204  C CG  . ARG A 1 21  ? -3.654  8.817   -9.382  1.00 16.15 ? 999  ARG A CG  1 
ATOM   205  C CD  . ARG A 1 21  ? -4.451  9.622   -8.334  1.00 15.58 ? 999  ARG A CD  1 
ATOM   206  N NE  . ARG A 1 21  ? -3.718  10.767  -7.941  1.00 16.31 ? 999  ARG A NE  1 
ATOM   207  C CZ  . ARG A 1 21  ? -4.098  11.533  -6.954  1.00 14.78 ? 999  ARG A CZ  1 
ATOM   208  N NH1 . ARG A 1 21  ? -3.393  12.585  -6.620  1.00 15.36 ? 999  ARG A NH1 1 
ATOM   209  N NH2 . ARG A 1 21  ? -5.203  11.260  -6.270  1.00 15.30 ? 999  ARG A NH2 1 
ATOM   210  N N   . LEU A 1 22  ? -0.274  5.637   -8.321  1.00 12.94 ? 1000 LEU A N   1 
ATOM   211  C CA  . LEU A 1 22  ? 1.094   5.086   -8.079  1.00 12.68 ? 1000 LEU A CA  1 
ATOM   212  C C   . LEU A 1 22  ? 1.400   4.083   -9.181  1.00 13.55 ? 1000 LEU A C   1 
ATOM   213  O O   . LEU A 1 22  ? 2.562   4.094   -9.755  1.00 14.17 ? 1000 LEU A O   1 
ATOM   214  C CB  . LEU A 1 22  ? 1.125   4.408   -6.696  1.00 12.65 ? 1000 LEU A CB  1 
ATOM   215  C CG  . LEU A 1 22  ? 0.879   5.317   -5.503  1.00 13.07 ? 1000 LEU A CG  1 
ATOM   216  C CD1 . LEU A 1 22  ? 0.799   4.503   -4.211  1.00 14.11 ? 1000 LEU A CD1 1 
ATOM   217  C CD2 . LEU A 1 22  ? 1.918   6.448   -5.375  1.00 13.89 ? 1000 LEU A CD2 1 
ATOM   218  N N   . ALA A 1 23  ? 0.496   3.210   -9.577  1.00 13.34 ? 1001 ALA A N   1 
ATOM   219  C CA  . ALA A 1 23  ? 0.759   2.079   -10.506 1.00 13.86 ? 1001 ALA A CA  1 
ATOM   220  C C   . ALA A 1 23  ? 1.044   2.552   -11.934 1.00 15.35 ? 1001 ALA A C   1 
ATOM   221  O O   . ALA A 1 23  ? 1.750   1.806   -12.655 1.00 17.18 ? 1001 ALA A O   1 
ATOM   222  C CB  . ALA A 1 23  ? -0.369  1.085   -10.454 1.00 15.66 ? 1001 ALA A CB  1 
ATOM   223  N N   . ILE A 1 24  ? 0.566   3.734   -12.335 1.00 15.31 ? 1002 ILE A N   1 
ATOM   224  C CA  . ILE A 1 24  ? 0.818   4.220   -13.719 1.00 16.59 ? 1002 ILE A CA  1 
ATOM   225  C C   . ILE A 1 24  ? 2.119   4.999   -13.751 1.00 18.48 ? 1002 ILE A C   1 
ATOM   226  O O   . ILE A 1 24  ? 2.531   5.412   -14.903 1.00 20.90 ? 1002 ILE A O   1 
ATOM   227  C CB  . ILE A 1 24  ? -0.376  5.024   -14.284 1.00 17.30 ? 1002 ILE A CB  1 
ATOM   228  C CG1 . ILE A 1 24  ? -0.616  6.316   -13.530 1.00 19.38 ? 1002 ILE A CG1 1 
ATOM   229  C CG2 . ILE A 1 24  ? -1.587  4.125   -14.359 1.00 19.31 ? 1002 ILE A CG2 1 
ATOM   230  C CD1 . ILE A 1 24  ? -1.813  7.144   -14.111 1.00 26.71 ? 1002 ILE A CD1 1 
ATOM   231  N N   . ASP A 1 25  ? 2.746   5.402   -12.645 1.00 16.42 ? 1003 ASP A N   1 
ATOM   232  C CA  . ASP A 1 25  ? 4.014   6.187   -12.658 1.00 16.35 ? 1003 ASP A CA  1 
ATOM   233  C C   . ASP A 1 25  ? 5.164   5.280   -13.112 1.00 19.24 ? 1003 ASP A C   1 
ATOM   234  O O   . ASP A 1 25  ? 5.391   4.178   -12.535 1.00 17.44 ? 1003 ASP A O   1 
ATOM   235  C CB  . ASP A 1 25  ? 4.283   6.742   -11.283 1.00 17.67 ? 1003 ASP A CB  1 
ATOM   236  C CG  . ASP A 1 25  ? 5.390   7.781   -11.176 1.00 19.41 ? 1003 ASP A CG  1 
ATOM   237  O OD1 . ASP A 1 25  ? 6.513   7.435   -11.609 1.00 20.56 ? 1003 ASP A OD1 1 
ATOM   238  O OD2 . ASP A 1 25  ? 5.178   8.808   -10.532 1.00 21.80 ? 1003 ASP A OD2 1 
ATOM   239  N N   . LYS A 1 26  ? 5.858   5.632   -14.210 1.00 18.61 ? 1004 LYS A N   1 
ATOM   240  C CA  . LYS A 1 26  ? 6.943   4.789   -14.769 1.00 19.48 ? 1004 LYS A CA  1 
ATOM   241  C C   . LYS A 1 26  ? 8.024   4.413   -13.742 1.00 17.86 ? 1004 LYS A C   1 
ATOM   242  O O   . LYS A 1 26  ? 8.636   3.318   -13.907 1.00 19.63 ? 1004 LYS A O   1 
ATOM   243  C CB  . LYS A 1 26  ? 7.612   5.519   -15.978 1.00 23.60 ? 1004 LYS A CB  1 
ATOM   244  N N   . ARG A 1 27  ? 8.282   5.251   -12.753 1.00 16.25 ? 1005 ARG A N   1 
ATOM   245  C CA  . ARG A 1 27  ? 9.333   4.979   -11.721 1.00 16.94 ? 1005 ARG A CA  1 
ATOM   246  C C   . ARG A 1 27  ? 8.975   3.711   -10.936 1.00 17.02 ? 1005 ARG A C   1 
ATOM   247  O O   . ARG A 1 27  ? 9.882   3.051   -10.400 1.00 18.15 ? 1005 ARG A O   1 
ATOM   248  C CB  . ARG A 1 27  ? 9.551   6.097   -10.725 1.00 16.36 ? 1005 ARG A CB  1 
ATOM   249  C CG  . ARG A 1 27  ? 10.052  7.433   -11.325 1.00 18.38 ? 1005 ARG A CG  1 
ATOM   250  C CD  . ARG A 1 27  ? 10.032  8.495   -10.289 1.00 19.08 ? 1005 ARG A CD  1 
ATOM   251  N NE  . ARG A 1 27  ? 8.648   8.920   -9.988  1.00 18.73 ? 1005 ARG A NE  1 
ATOM   252  C CZ  . ARG A 1 27  ? 8.321   9.747   -9.037  1.00 18.40 ? 1005 ARG A CZ  1 
ATOM   253  N NH1 . ARG A 1 27  ? 9.226   10.257  -8.210  1.00 20.09 ? 1005 ARG A NH1 1 
ATOM   254  N NH2 . ARG A 1 27  ? 7.051   10.065  -8.831  1.00 21.41 ? 1005 ARG A NH2 1 
ATOM   255  N N   . PHE A 1 28  ? 7.677   3.412   -10.817 1.00 15.71 ? 1006 PHE A N   1 
ATOM   256  C CA  . PHE A 1 28  ? 7.194   2.366   -9.881  1.00 15.01 ? 1006 PHE A CA  1 
ATOM   257  C C   . PHE A 1 28  ? 6.804   1.074   -10.567 1.00 16.89 ? 1006 PHE A C   1 
ATOM   258  O O   . PHE A 1 28  ? 6.195   0.170   -9.933  1.00 15.54 ? 1006 PHE A O   1 
ATOM   259  C CB  . PHE A 1 28  ? 6.036   2.948   -9.061  1.00 13.94 ? 1006 PHE A CB  1 
ATOM   260  C CG  . PHE A 1 28  ? 6.378   4.240   -8.355  1.00 14.50 ? 1006 PHE A CG  1 
ATOM   261  C CD1 . PHE A 1 28  ? 7.661   4.548   -7.882  1.00 14.11 ? 1006 PHE A CD1 1 
ATOM   262  C CD2 . PHE A 1 28  ? 5.393   5.192   -8.108  1.00 13.84 ? 1006 PHE A CD2 1 
ATOM   263  C CE1 . PHE A 1 28  ? 7.920   5.756   -7.283  1.00 15.26 ? 1006 PHE A CE1 1 
ATOM   264  C CE2 . PHE A 1 28  ? 5.650   6.421   -7.556  1.00 14.21 ? 1006 PHE A CE2 1 
ATOM   265  C CZ  . PHE A 1 28  ? 6.916   6.714   -7.094  1.00 14.78 ? 1006 PHE A CZ  1 
ATOM   266  N N   . ARG A 1 29  ? 7.100   0.944   -11.865 0.48 16.32 ? 1007 ARG A N   1 
ATOM   267  C CA  . ARG A 1 29  ? 6.782   -0.297  -12.615 0.48 17.37 ? 1007 ARG A CA  1 
ATOM   268  C C   . ARG A 1 29  ? 7.335   -1.506  -11.849 0.48 16.24 ? 1007 ARG A C   1 
ATOM   269  O O   . ARG A 1 29  ? 6.673   -2.562  -11.815 0.48 15.92 ? 1007 ARG A O   1 
ATOM   270  C CB  . ARG A 1 29  ? 7.346   -0.262  -14.041 0.48 20.64 ? 1007 ARG A CB  1 
ATOM   271  C CG  . ARG A 1 29  ? 6.892   -1.447  -14.876 0.48 23.58 ? 1007 ARG A CG  1 
ATOM   272  C CD  . ARG A 1 29  ? 7.705   -1.736  -16.126 0.48 28.88 ? 1007 ARG A CD  1 
ATOM   273  N NE  . ARG A 1 29  ? 6.945   -2.653  -16.975 0.48 32.42 ? 1007 ARG A NE  1 
ATOM   274  C CZ  . ARG A 1 29  ? 6.793   -3.967  -16.768 0.48 36.62 ? 1007 ARG A CZ  1 
ATOM   275  N NH1 . ARG A 1 29  ? 6.071   -4.680  -17.617 0.48 38.57 ? 1007 ARG A NH1 1 
ATOM   276  N NH2 . ARG A 1 29  ? 7.360   -4.569  -15.732 0.48 37.18 ? 1007 ARG A NH2 1 
ATOM   277  N N   . VAL A 1 30  ? 8.524   -1.364  -11.261 0.48 15.52 ? 1008 VAL A N   1 
ATOM   278  C CA  . VAL A 1 30  ? 9.212   -2.462  -10.524 0.48 15.44 ? 1008 VAL A CA  1 
ATOM   279  C C   . VAL A 1 30  ? 8.368   -2.941  -9.320  0.48 15.06 ? 1008 VAL A C   1 
ATOM   280  O O   . VAL A 1 30  ? 8.612   -4.074  -8.845  0.48 16.08 ? 1008 VAL A O   1 
ATOM   281  C CB  . VAL A 1 30  ? 10.639  -2.037  -10.123 0.48 15.98 ? 1008 VAL A CB  1 
ATOM   282  C CG1 . VAL A 1 30  ? 10.678  -0.898  -9.111  0.48 15.38 ? 1008 VAL A CG1 1 
ATOM   283  C CG2 . VAL A 1 30  ? 11.461  -3.217  -9.629  0.48 16.30 ? 1008 VAL A CG2 1 
ATOM   284  N N   . PHE A 1 31  ? 7.376   -2.156  -8.866  0.48 14.67 ? 1009 PHE A N   1 
ATOM   285  C CA  . PHE A 1 31  ? 6.518   -2.504  -7.698  0.48 14.67 ? 1009 PHE A CA  1 
ATOM   286  C C   . PHE A 1 31  ? 5.082   -2.921  -8.112  0.48 14.98 ? 1009 PHE A C   1 
ATOM   287  O O   . PHE A 1 31  ? 4.269   -3.123  -7.170  0.48 14.98 ? 1009 PHE A O   1 
ATOM   288  C CB  . PHE A 1 31  ? 6.505   -1.336  -6.698  0.48 14.26 ? 1009 PHE A CB  1 
ATOM   289  C CG  . PHE A 1 31  ? 7.855   -0.787  -6.273  0.48 13.86 ? 1009 PHE A CG  1 
ATOM   290  C CD1 . PHE A 1 31  ? 8.799   -1.591  -5.648  0.48 14.41 ? 1009 PHE A CD1 1 
ATOM   291  C CD2 . PHE A 1 31  ? 8.173   0.559   -6.446  0.48 14.29 ? 1009 PHE A CD2 1 
ATOM   292  C CE1 . PHE A 1 31  ? 10.036  -1.086  -5.256  0.48 14.36 ? 1009 PHE A CE1 1 
ATOM   293  C CE2 . PHE A 1 31  ? 9.412   1.064   -6.063  0.48 14.57 ? 1009 PHE A CE2 1 
ATOM   294  C CZ  . PHE A 1 31  ? 10.347  0.243   -5.475  0.48 14.65 ? 1009 PHE A CZ  1 
ATOM   295  N N   . THR A 1 32  ? 4.750   -3.074  -9.408  1.00 14.96 ? 1010 THR A N   1 
ATOM   296  C CA  . THR A 1 32  ? 3.355   -3.323  -9.906  1.00 16.77 ? 1010 THR A CA  1 
ATOM   297  C C   . THR A 1 32  ? 2.894   -4.782  -9.855  1.00 18.82 ? 1010 THR A C   1 
ATOM   298  O O   . THR A 1 32  ? 1.688   -4.942  -9.814  1.00 22.72 ? 1010 THR A O   1 
ATOM   299  C CB  . THR A 1 32  ? 3.075   -2.730  -11.284 1.00 17.85 ? 1010 THR A CB  1 
ATOM   300  O OG1 . THR A 1 32  ? 3.920   -3.331  -12.283 1.00 18.06 ? 1010 THR A OG1 1 
ATOM   301  C CG2 . THR A 1 32  ? 3.214   -1.224  -11.273 1.00 18.73 ? 1010 THR A CG2 1 
ATOM   302  N N   . LYS A 1 33  ? 3.799   -5.748  -9.840  1.00 18.30 ? 1011 LYS A N   1 
ATOM   303  C CA  . LYS A 1 33  ? 3.482   -7.181  -9.911  1.00 20.27 ? 1011 LYS A CA  1 
ATOM   304  C C   . LYS A 1 33  ? 4.396   -7.919  -8.950  1.00 19.36 ? 1011 LYS A C   1 
ATOM   305  O O   . LYS A 1 33  ? 5.505   -7.433  -8.634  1.00 18.23 ? 1011 LYS A O   1 
ATOM   306  C CB  . LYS A 1 33  ? 3.726   -7.718  -11.335 1.00 25.10 ? 1011 LYS A CB  1 
ATOM   307  C CG  . LYS A 1 33  ? 2.796   -7.130  -12.387 1.00 32.07 ? 1011 LYS A CG  1 
ATOM   308  C CD  . LYS A 1 33  ? 2.688   -7.987  -13.657 1.00 46.81 ? 1011 LYS A CD  1 
ATOM   309  C CE  . LYS A 1 33  ? 3.968   -8.067  -14.470 1.00 58.00 ? 1011 LYS A CE  1 
ATOM   310  N NZ  . LYS A 1 33  ? 3.804   -8.973  -15.640 1.00 68.50 ? 1011 LYS A NZ  1 
ATOM   311  N N   . PRO A 1 34  ? 4.056   -9.154  -8.520  0.48 20.87 ? 1012 PRO A N   1 
ATOM   312  C CA  . PRO A 1 34  ? 4.979   -9.925  -7.688  0.48 21.94 ? 1012 PRO A CA  1 
ATOM   313  C C   . PRO A 1 34  ? 6.349   -10.111 -8.363  0.48 22.53 ? 1012 PRO A C   1 
ATOM   314  O O   . PRO A 1 34  ? 6.420   -10.187 -9.584  0.48 21.56 ? 1012 PRO A O   1 
ATOM   315  C CB  . PRO A 1 34  ? 4.294   -11.286 -7.495  0.48 21.78 ? 1012 PRO A CB  1 
ATOM   316  C CG  . PRO A 1 34  ? 2.841   -11.077 -7.904  0.48 21.78 ? 1012 PRO A CG  1 
ATOM   317  C CD  . PRO A 1 34  ? 2.813   -9.872  -8.829  0.48 21.19 ? 1012 PRO A CD  1 
ATOM   318  N N   . VAL A 1 35  ? 7.418   -10.184 -7.568  0.48 24.67 ? 1013 VAL A N   1 
ATOM   319  C CA  . VAL A 1 35  ? 8.746   -10.677 -8.044  0.48 27.01 ? 1013 VAL A CA  1 
ATOM   320  C C   . VAL A 1 35  ? 8.555   -12.139 -8.476  0.48 31.81 ? 1013 VAL A C   1 
ATOM   321  O O   . VAL A 1 35  ? 8.039   -12.927 -7.657  0.48 33.23 ? 1013 VAL A O   1 
ATOM   322  C CB  . VAL A 1 35  ? 9.833   -10.538 -6.961  0.48 25.71 ? 1013 VAL A CB  1 
ATOM   323  C CG1 . VAL A 1 35  ? 11.140  -11.202 -7.387  0.48 27.27 ? 1013 VAL A CG1 1 
ATOM   324  C CG2 . VAL A 1 35  ? 10.083  -9.084  -6.593  0.48 26.49 ? 1013 VAL A CG2 1 
ATOM   325  N N   . ASP A 1 36  ? 8.950   -12.496 -9.704  0.48 36.12 ? 1014 ASP A N   1 
ATOM   326  C CA  . ASP A 1 36  ? 8.591   -13.802 -10.326 0.48 41.08 ? 1014 ASP A CA  1 
ATOM   327  C C   . ASP A 1 36  ? 9.450   -14.914 -9.723  0.48 44.46 ? 1014 ASP A C   1 
ATOM   328  O O   . ASP A 1 36  ? 10.676  -14.833 -9.745  0.48 43.93 ? 1014 ASP A O   1 
ATOM   329  C CB  . ASP A 1 36  ? 8.706   -13.760 -11.852 0.48 43.20 ? 1014 ASP A CB  1 
ATOM   330  C CG  . ASP A 1 36  ? 7.824   -14.794 -12.535 0.48 45.35 ? 1014 ASP A CG  1 
ATOM   331  O OD1 . ASP A 1 36  ? 7.979   -15.995 -12.229 0.48 47.54 ? 1014 ASP A OD1 1 
ATOM   332  O OD2 . ASP A 1 36  ? 6.976   -14.388 -13.352 0.48 48.00 ? 1014 ASP A OD2 1 
ATOM   333  N N   . PRO A 1 37  ? 8.831   -15.983 -9.163  1.00 46.29 ? 1015 PRO A N   1 
ATOM   334  C CA  . PRO A 1 37  ? 9.582   -17.009 -8.426  1.00 52.73 ? 1015 PRO A CA  1 
ATOM   335  C C   . PRO A 1 37  ? 10.510  -17.887 -9.289  1.00 64.88 ? 1015 PRO A C   1 
ATOM   336  O O   . PRO A 1 37  ? 11.449  -18.455 -8.739  1.00 72.02 ? 1015 PRO A O   1 
ATOM   337  C CB  . PRO A 1 37  ? 8.523   -17.900 -7.751  1.00 54.75 ? 1015 PRO A CB  1 
ATOM   338  C CG  . PRO A 1 37  ? 7.155   -17.399 -8.220  1.00 54.75 ? 1015 PRO A CG  1 
ATOM   339  C CD  . PRO A 1 37  ? 7.369   -16.214 -9.150  1.00 51.09 ? 1015 PRO A CD  1 
ATOM   340  N N   . ASP A 1 38  ? 10.269  -17.941 -10.604 1.00 70.06 ? 1016 ASP A N   1 
ATOM   341  C CA  . ASP A 1 38  ? 11.150  -18.649 -11.574 1.00 67.94 ? 1016 ASP A CA  1 
ATOM   342  C C   . ASP A 1 38  ? 12.432  -17.832 -11.797 1.00 63.25 ? 1016 ASP A C   1 
ATOM   343  O O   . ASP A 1 38  ? 13.534  -18.370 -11.585 1.00 65.86 ? 1016 ASP A O   1 
ATOM   344  C CB  . ASP A 1 38  ? 10.397  -19.007 -12.859 1.00 74.97 ? 1016 ASP A CB  1 
ATOM   345  C CG  . ASP A 1 38  ? 9.247   -19.972 -12.621 1.00 75.49 ? 1016 ASP A CG  1 
ATOM   346  O OD1 . ASP A 1 38  ? 9.243   -20.659 -11.572 1.00 72.14 ? 1016 ASP A OD1 1 
ATOM   347  O OD2 . ASP A 1 38  ? 8.356   -20.025 -13.478 1.00 95.29 ? 1016 ASP A OD2 1 
ATOM   348  N N   . GLU A 1 39  ? 12.280  -16.566 -12.203 0.48 59.23 ? 1017 GLU A N   1 
ATOM   349  C CA  . GLU A 1 39  ? 13.397  -15.623 -12.497 0.48 56.49 ? 1017 GLU A CA  1 
ATOM   350  C C   . GLU A 1 39  ? 14.231  -15.383 -11.229 0.48 54.48 ? 1017 GLU A C   1 
ATOM   351  O O   . GLU A 1 39  ? 15.463  -15.258 -11.363 0.48 54.89 ? 1017 GLU A O   1 
ATOM   352  C CB  . GLU A 1 39  ? 12.849  -14.310 -13.070 0.48 57.12 ? 1017 GLU A CB  1 
ATOM   353  C CG  . GLU A 1 39  ? 13.836  -13.148 -13.037 0.48 57.22 ? 1017 GLU A CG  1 
ATOM   354  C CD  . GLU A 1 39  ? 13.302  -11.819 -13.551 0.48 56.77 ? 1017 GLU A CD  1 
ATOM   355  O OE1 . GLU A 1 39  ? 12.083  -11.578 -13.430 0.48 54.83 ? 1017 GLU A OE1 1 
ATOM   356  O OE2 . GLU A 1 39  ? 14.109  -11.024 -14.065 0.48 56.95 ? 1017 GLU A OE2 1 
ATOM   357  N N   . VAL A 1 40  ? 13.589  -15.302 -10.056 1.00 51.31 ? 1018 VAL A N   1 
ATOM   358  C CA  . VAL A 1 40  ? 14.289  -14.975 -8.766  1.00 44.59 ? 1018 VAL A CA  1 
ATOM   359  C C   . VAL A 1 40  ? 13.903  -15.959 -7.659  1.00 47.84 ? 1018 VAL A C   1 
ATOM   360  O O   . VAL A 1 40  ? 13.178  -15.580 -6.744  1.00 34.70 ? 1018 VAL A O   1 
ATOM   361  C CB  . VAL A 1 40  ? 13.966  -13.528 -8.320  1.00 45.30 ? 1018 VAL A CB  1 
ATOM   362  C CG1 . VAL A 1 40  ? 14.959  -13.009 -7.306  1.00 40.85 ? 1018 VAL A CG1 1 
ATOM   363  C CG2 . VAL A 1 40  ? 13.852  -12.530 -9.469  1.00 46.35 ? 1018 VAL A CG2 1 
ATOM   364  N N   . PRO A 1 41  ? 14.391  -17.233 -7.643  1.00 46.70 ? 1019 PRO A N   1 
ATOM   365  C CA  . PRO A 1 41  ? 13.950  -18.213 -6.639  1.00 41.44 ? 1019 PRO A CA  1 
ATOM   366  C C   . PRO A 1 41  ? 14.425  -17.907 -5.207  1.00 34.58 ? 1019 PRO A C   1 
ATOM   367  O O   . PRO A 1 41  ? 13.845  -18.346 -4.210  1.00 36.39 ? 1019 PRO A O   1 
ATOM   368  C CB  . PRO A 1 41  ? 14.542  -19.548 -7.139  1.00 47.62 ? 1019 PRO A CB  1 
ATOM   369  C CG  . PRO A 1 41  ? 15.763  -19.117 -7.947  1.00 50.78 ? 1019 PRO A CG  1 
ATOM   370  C CD  . PRO A 1 41  ? 15.371  -17.797 -8.592  1.00 56.31 ? 1019 PRO A CD  1 
ATOM   371  N N   . ASP A 1 42  ? 15.497  -17.154 -5.096  1.00 30.91 ? 1020 ASP A N   1 
ATOM   372  C CA  . ASP A 1 42  ? 16.072  -16.698 -3.823  1.00 30.46 ? 1020 ASP A CA  1 
ATOM   373  C C   . ASP A 1 42  ? 15.119  -15.694 -3.105  1.00 28.23 ? 1020 ASP A C   1 
ATOM   374  O O   . ASP A 1 42  ? 15.268  -15.476 -1.899  1.00 29.85 ? 1020 ASP A O   1 
ATOM   375  C CB  . ASP A 1 42  ? 17.396  -16.071 -4.213  1.00 37.86 ? 1020 ASP A CB  1 
ATOM   376  C CG  . ASP A 1 42  ? 18.047  -15.445 -3.027  1.00 44.01 ? 1020 ASP A CG  1 
ATOM   377  O OD1 . ASP A 1 42  ? 18.360  -16.209 -2.103  1.00 50.66 ? 1020 ASP A OD1 1 
ATOM   378  O OD2 . ASP A 1 42  ? 18.168  -14.199 -3.036  1.00 45.91 ? 1020 ASP A OD2 1 
ATOM   379  N N   . TYR A 1 43  ? 14.248  -15.015 -3.844  1.00 29.03 ? 1021 TYR A N   1 
ATOM   380  C CA  . TYR A 1 43  ? 13.512  -13.833 -3.287  1.00 26.62 ? 1021 TYR A CA  1 
ATOM   381  C C   . TYR A 1 43  ? 12.726  -14.274 -2.043  1.00 23.75 ? 1021 TYR A C   1 
ATOM   382  O O   . TYR A 1 43  ? 12.873  -13.618 -1.013  1.00 25.20 ? 1021 TYR A O   1 
ATOM   383  C CB  . TYR A 1 43  ? 12.626  -13.140 -4.346  1.00 25.62 ? 1021 TYR A CB  1 
ATOM   384  C CG  . TYR A 1 43  ? 12.012  -11.822 -3.855  1.00 21.94 ? 1021 TYR A CG  1 
ATOM   385  C CD1 . TYR A 1 43  ? 12.785  -10.682 -3.751  1.00 21.31 ? 1021 TYR A CD1 1 
ATOM   386  C CD2 . TYR A 1 43  ? 10.691  -11.767 -3.426  1.00 21.41 ? 1021 TYR A CD2 1 
ATOM   387  C CE1 . TYR A 1 43  ? 12.242  -9.484  -3.266  1.00 20.37 ? 1021 TYR A CE1 1 
ATOM   388  C CE2 . TYR A 1 43  ? 10.130  -10.579 -2.932  1.00 20.10 ? 1021 TYR A CE2 1 
ATOM   389  C CZ  . TYR A 1 43  ? 10.926  -9.463  -2.850  1.00 19.11 ? 1021 TYR A CZ  1 
ATOM   390  O OH  . TYR A 1 43  ? 10.449  -8.268  -2.345  1.00 18.86 ? 1021 TYR A OH  1 
ATOM   391  N N   . ARG A 1 44  ? 11.943  -15.333 -2.186  1.00 27.21 ? 1022 ARG A N   1 
ATOM   392  C CA  . ARG A 1 44  ? 11.010  -15.801 -1.128  1.00 27.88 ? 1022 ARG A CA  1 
ATOM   393  C C   . ARG A 1 44  ? 11.751  -16.533 -0.007  1.00 30.63 ? 1022 ARG A C   1 
ATOM   394  O O   . ARG A 1 44  ? 11.160  -16.621 1.074   1.00 37.08 ? 1022 ARG A O   1 
ATOM   395  C CB  . ARG A 1 44  ? 9.863   -16.556 -1.782  1.00 30.92 ? 1022 ARG A CB  1 
ATOM   396  C CG  . ARG A 1 44  ? 8.814   -15.633 -2.383  1.00 35.66 ? 1022 ARG A CG  1 
ATOM   397  C CD  . ARG A 1 44  ? 7.783   -16.337 -3.241  1.00 42.49 ? 1022 ARG A CD  1 
ATOM   398  N NE  . ARG A 1 44  ? 6.951   -15.292 -3.837  1.00 43.33 ? 1022 ARG A NE  1 
ATOM   399  C CZ  . ARG A 1 44  ? 7.295   -14.511 -4.867  1.00 49.15 ? 1022 ARG A CZ  1 
ATOM   400  N NH1 . ARG A 1 44  ? 8.445   -14.697 -5.531  1.00 39.61 ? 1022 ARG A NH1 1 
ATOM   401  N NH2 . ARG A 1 44  ? 6.422   -13.589 -5.270  1.00 49.95 ? 1022 ARG A NH2 1 
ATOM   402  N N   . THR A 1 45  ? 13.040  -16.818 -0.141  1.00 33.85 ? 1023 THR A N   1 
ATOM   403  C CA  . THR A 1 45  ? 13.836  -17.310 1.008   1.00 38.54 ? 1023 THR A CA  1 
ATOM   404  C C   . THR A 1 45  ? 14.226  -16.144 1.910   1.00 39.08 ? 1023 THR A C   1 
ATOM   405  O O   . THR A 1 45  ? 14.301  -16.363 3.127   1.00 39.72 ? 1023 THR A O   1 
ATOM   406  C CB  . THR A 1 45  ? 14.960  -18.232 0.503   1.00 39.74 ? 1023 THR A CB  1 
ATOM   407  O OG1 . THR A 1 45  ? 16.096  -17.493 0.021   1.00 39.43 ? 1023 THR A OG1 1 
ATOM   408  C CG2 . THR A 1 45  ? 14.397  -19.135 -0.567  1.00 43.59 ? 1023 THR A CG2 1 
ATOM   409  N N   . VAL A 1 46  ? 14.414  -14.928 1.381   1.00 25.96 ? 1024 VAL A N   1 
ATOM   410  C CA  . VAL A 1 46  ? 14.855  -13.767 2.181   1.00 24.41 ? 1024 VAL A CA  1 
ATOM   411  C C   . VAL A 1 46  ? 13.615  -12.961 2.626   1.00 21.58 ? 1024 VAL A C   1 
ATOM   412  O O   . VAL A 1 46  ? 13.579  -12.520 3.760   1.00 23.59 ? 1024 VAL A O   1 
ATOM   413  C CB  . VAL A 1 46  ? 15.797  -12.856 1.361   1.00 26.48 ? 1024 VAL A CB  1 
ATOM   414  C CG1 . VAL A 1 46  ? 16.194  -11.580 2.120   1.00 26.16 ? 1024 VAL A CG1 1 
ATOM   415  C CG2 . VAL A 1 46  ? 17.010  -13.664 0.857   1.00 35.43 ? 1024 VAL A CG2 1 
ATOM   416  N N   . ILE A 1 47  ? 12.691  -12.680 1.697   1.00 19.96 ? 1025 ILE A N   1 
ATOM   417  C CA  . ILE A 1 47  ? 11.526  -11.799 1.946   1.00 18.06 ? 1025 ILE A CA  1 
ATOM   418  C C   . ILE A 1 47  ? 10.328  -12.680 2.379   1.00 15.95 ? 1025 ILE A C   1 
ATOM   419  O O   . ILE A 1 47  ? 9.780   -13.390 1.569   1.00 18.54 ? 1025 ILE A O   1 
ATOM   420  C CB  . ILE A 1 47  ? 11.274  -10.880 0.731   1.00 16.78 ? 1025 ILE A CB  1 
ATOM   421  C CG1 . ILE A 1 47  ? 12.488  -9.961  0.466   1.00 18.00 ? 1025 ILE A CG1 1 
ATOM   422  C CG2 . ILE A 1 47  ? 10.005  -10.069 0.965   1.00 15.99 ? 1025 ILE A CG2 1 
ATOM   423  C CD1 . ILE A 1 47  ? 12.849  -9.030  1.527   1.00 19.72 ? 1025 ILE A CD1 1 
ATOM   424  N N   . LYS A 1 48  ? 10.000  -12.528 3.622   1.00 17.79 ? 1026 LYS A N   1 
ATOM   425  C CA  . LYS A 1 48  ? 8.983   -13.438 4.234   1.00 17.75 ? 1026 LYS A CA  1 
ATOM   426  C C   . LYS A 1 48  ? 7.541   -12.991 3.979   1.00 18.11 ? 1026 LYS A C   1 
ATOM   427  O O   . LYS A 1 48  ? 6.705   -13.908 3.891   1.00 18.39 ? 1026 LYS A O   1 
ATOM   428  C CB  . LYS A 1 48  ? 9.220   -13.499 5.722   1.00 19.96 ? 1026 LYS A CB  1 
ATOM   429  C CG  . LYS A 1 48  ? 10.592  -14.043 6.143   1.00 21.85 ? 1026 LYS A CG  1 
ATOM   430  C CD  . LYS A 1 48  ? 10.863  -15.382 5.619   1.00 23.94 ? 1026 LYS A CD  1 
ATOM   431  C CE  . LYS A 1 48  ? 12.230  -15.940 6.038   1.00 24.99 ? 1026 LYS A CE  1 
ATOM   432  N NZ  . LYS A 1 48  ? 12.477  -17.187 5.283   1.00 28.24 ? 1026 LYS A NZ  1 
ATOM   433  N N   . GLU A 1 49  ? 7.275   -11.704 3.665   1.00 16.05 ? 1027 GLU A N   1 
ATOM   434  C CA  . GLU A 1 49  ? 5.894   -11.263 3.304   1.00 16.32 ? 1027 GLU A CA  1 
ATOM   435  C C   . GLU A 1 49  ? 6.014   -10.372 2.048   1.00 15.18 ? 1027 GLU A C   1 
ATOM   436  O O   . GLU A 1 49  ? 6.037   -9.126  2.183   1.00 15.31 ? 1027 GLU A O   1 
ATOM   437  C CB  . GLU A 1 49  ? 5.197   -10.583 4.461   1.00 16.79 ? 1027 GLU A CB  1 
ATOM   438  C CG  . GLU A 1 49  ? 3.700   -10.472 4.204   1.00 15.79 ? 1027 GLU A CG  1 
ATOM   439  C CD  . GLU A 1 49  ? 2.824   -9.876  5.274   1.00 17.55 ? 1027 GLU A CD  1 
ATOM   440  O OE1 . GLU A 1 49  ? 3.308   -9.543  6.349   1.00 19.77 ? 1027 GLU A OE1 1 
ATOM   441  O OE2 . GLU A 1 49  ? 1.543   -9.829  5.011   1.00 19.17 ? 1027 GLU A OE2 1 
ATOM   442  N N   . PRO A 1 50  ? 6.102   -10.972 0.868   1.00 13.58 ? 1028 PRO A N   1 
ATOM   443  C CA  . PRO A 1 50  ? 6.125   -10.191 -0.387  1.00 13.73 ? 1028 PRO A CA  1 
ATOM   444  C C   . PRO A 1 50  ? 4.883   -9.298  -0.470  1.00 14.36 ? 1028 PRO A C   1 
ATOM   445  O O   . PRO A 1 50  ? 3.749   -9.661  -0.014  1.00 15.79 ? 1028 PRO A O   1 
ATOM   446  C CB  . PRO A 1 50  ? 6.156   -11.201 -1.510  1.00 16.04 ? 1028 PRO A CB  1 
ATOM   447  C CG  . PRO A 1 50  ? 6.735   -12.466 -0.867  1.00 18.81 ? 1028 PRO A CG  1 
ATOM   448  C CD  . PRO A 1 50  ? 6.241   -12.424 0.566   1.00 15.56 ? 1028 PRO A CD  1 
ATOM   449  N N   . MET A 1 51  ? 5.032   -8.124  -1.133  1.00 13.46 ? 1029 MET A N   1 
ATOM   450  C CA  . MET A 1 51  ? 3.855   -7.220  -1.356  1.00 13.30 ? 1029 MET A CA  1 
ATOM   451  C C   . MET A 1 51  ? 4.128   -6.407  -2.643  1.00 12.56 ? 1029 MET A C   1 
ATOM   452  O O   . MET A 1 51  ? 5.292   -6.105  -2.931  1.00 14.15 ? 1029 MET A O   1 
ATOM   453  C CB  . MET A 1 51  ? 3.572   -6.347  -0.134  1.00 13.93 ? 1029 MET A CB  1 
ATOM   454  C CG  . MET A 1 51  ? 2.259   -5.554  -0.153  1.00 13.47 ? 1029 MET A CG  1 
ATOM   455  S SD  . MET A 1 51  ? 0.741   -6.474  -0.468  1.00 15.50 ? 1029 MET A SD  1 
ATOM   456  C CE  . MET A 1 51  ? 0.750   -7.670  0.884   1.00 16.46 ? 1029 MET A CE  1 
ATOM   457  N N   . ASP A 1 52  ? 3.046   -6.072  -3.353  1.00 12.66 ? 1030 ASP A N   1 
ATOM   458  C CA  . ASP A 1 52  ? 3.160   -5.300  -4.626  1.00 12.33 ? 1030 ASP A CA  1 
ATOM   459  C C   . ASP A 1 52  ? 1.822   -4.593  -4.854  1.00 12.98 ? 1030 ASP A C   1 
ATOM   460  O O   . ASP A 1 52  ? 0.786   -4.914  -4.185  1.00 13.54 ? 1030 ASP A O   1 
ATOM   461  C CB  . ASP A 1 52  ? 3.461   -6.244  -5.792  1.00 14.90 ? 1030 ASP A CB  1 
ATOM   462  C CG  . ASP A 1 52  ? 2.289   -7.168  -6.062  1.00 17.60 ? 1030 ASP A CG  1 
ATOM   463  O OD1 . ASP A 1 52  ? 2.178   -8.229  -5.340  1.00 22.59 ? 1030 ASP A OD1 1 
ATOM   464  O OD2 . ASP A 1 52  ? 1.433   -6.832  -6.867  1.00 20.49 ? 1030 ASP A OD2 1 
ATOM   465  N N   . LEU A 1 53  ? 1.763   -3.664  -5.815  1.00 13.00 ? 1031 LEU A N   1 
ATOM   466  C CA  . LEU A 1 53  ? 0.549   -2.828  -6.041  1.00 13.37 ? 1031 LEU A CA  1 
ATOM   467  C C   . LEU A 1 53  ? -0.669  -3.615  -6.600  1.00 14.67 ? 1031 LEU A C   1 
ATOM   468  O O   . LEU A 1 53  ? -1.810  -3.252  -6.312  1.00 14.35 ? 1031 LEU A O   1 
ATOM   469  C CB  . LEU A 1 53  ? 0.900   -1.578  -6.894  1.00 12.97 ? 1031 LEU A CB  1 
ATOM   470  C CG  . LEU A 1 53  ? 1.912   -0.614  -6.270  1.00 12.88 ? 1031 LEU A CG  1 
ATOM   471  C CD1 . LEU A 1 53  ? 2.316   0.438   -7.303  1.00 15.37 ? 1031 LEU A CD1 1 
ATOM   472  C CD2 . LEU A 1 53  ? 1.395   0.056   -5.036  1.00 13.84 ? 1031 LEU A CD2 1 
ATOM   473  N N   A SER A 1 54  ? -0.449  -4.671  -7.392  0.16 14.81 ? 1032 SER A N   1 
ATOM   474  N N   B SER A 1 54  ? -0.442  -4.672  -7.393  0.16 15.35 ? 1032 SER A N   1 
ATOM   475  N N   C SER A 1 54  ? -0.439  -4.676  -7.389  0.16 14.62 ? 1032 SER A N   1 
ATOM   476  C CA  A SER A 1 54  ? -1.562  -5.543  -7.858  0.16 15.26 ? 1032 SER A CA  1 
ATOM   477  C CA  B SER A 1 54  ? -1.545  -5.552  -7.868  0.16 16.18 ? 1032 SER A CA  1 
ATOM   478  C CA  C SER A 1 54  ? -1.539  -5.559  -7.871  0.16 15.00 ? 1032 SER A CA  1 
ATOM   479  C C   A SER A 1 54  ? -2.190  -6.277  -6.662  0.16 14.89 ? 1032 SER A C   1 
ATOM   480  C C   B SER A 1 54  ? -2.183  -6.278  -6.671  0.16 15.40 ? 1032 SER A C   1 
ATOM   481  C C   C SER A 1 54  ? -2.180  -6.293  -6.679  0.16 14.74 ? 1032 SER A C   1 
ATOM   482  O O   A SER A 1 54  ? -3.435  -6.363  -6.589  0.16 15.71 ? 1032 SER A O   1 
ATOM   483  O O   B SER A 1 54  ? -3.430  -6.356  -6.606  0.16 16.29 ? 1032 SER A O   1 
ATOM   484  O O   C SER A 1 54  ? -3.425  -6.391  -6.623  0.16 15.69 ? 1032 SER A O   1 
ATOM   485  C CB  A SER A 1 54  ? -1.116  -6.519  -8.931  0.16 16.42 ? 1032 SER A CB  1 
ATOM   486  C CB  B SER A 1 54  ? -1.075  -6.533  -8.934  0.16 18.03 ? 1032 SER A CB  1 
ATOM   487  C CB  C SER A 1 54  ? -1.080  -6.530  -8.966  0.16 15.88 ? 1032 SER A CB  1 
ATOM   488  O OG  A SER A 1 54  ? -0.825  -5.836  -10.136 0.16 17.20 ? 1032 SER A OG  1 
ATOM   489  O OG  B SER A 1 54  ? -2.158  -7.309  -9.430  0.16 20.45 ? 1032 SER A OG  1 
ATOM   490  O OG  C SER A 1 54  ? -0.250  -7.571  -8.458  0.16 16.13 ? 1032 SER A OG  1 
ATOM   491  N N   . SER A 1 55  ? -1.372  -6.785  -5.740  1.00 14.77 ? 1033 SER A N   1 
ATOM   492  C CA  . SER A 1 55  ? -1.892  -7.438  -4.502  1.00 14.77 ? 1033 SER A CA  1 
ATOM   493  C C   . SER A 1 55  ? -2.675  -6.428  -3.683  1.00 13.26 ? 1033 SER A C   1 
ATOM   494  O O   . SER A 1 55  ? -3.735  -6.773  -3.110  1.00 13.25 ? 1033 SER A O   1 
ATOM   495  C CB  . SER A 1 55  ? -0.820  -8.096  -3.714  1.00 15.57 ? 1033 SER A CB  1 
ATOM   496  O OG  . SER A 1 55  ? -0.185  -9.102  -4.543  1.00 19.82 ? 1033 SER A OG  1 
ATOM   497  N N   . VAL A 1 56  ? -2.186  -5.193  -3.563  1.00 12.90 ? 1034 VAL A N   1 
ATOM   498  C CA  . VAL A 1 56  ? -2.911  -4.122  -2.806  1.00 13.23 ? 1034 VAL A CA  1 
ATOM   499  C C   . VAL A 1 56  ? -4.314  -3.893  -3.413  1.00 13.02 ? 1034 VAL A C   1 
ATOM   500  O O   . VAL A 1 56  ? -5.281  -3.787  -2.655  1.00 12.72 ? 1034 VAL A O   1 
ATOM   501  C CB  . VAL A 1 56  ? -2.018  -2.854  -2.723  1.00 12.31 ? 1034 VAL A CB  1 
ATOM   502  C CG1 . VAL A 1 56  ? -2.828  -1.663  -2.198  1.00 13.94 ? 1034 VAL A CG1 1 
ATOM   503  C CG2 . VAL A 1 56  ? -0.839  -3.060  -1.824  1.00 13.33 ? 1034 VAL A CG2 1 
ATOM   504  N N   A ILE A 1 57  ? -4.412  -3.788  -4.740  0.16 13.51 ? 1035 ILE A N   1 
ATOM   505  N N   B ILE A 1 57  ? -4.466  -3.760  -4.733  0.16 12.70 ? 1035 ILE A N   1 
ATOM   506  N N   C ILE A 1 57  ? -4.412  -3.788  -4.740  0.16 13.51 ? 1035 ILE A N   1 
ATOM   507  C CA  A ILE A 1 57  ? -5.718  -3.644  -5.456  0.16 14.40 ? 1035 ILE A CA  1 
ATOM   508  C CA  B ILE A 1 57  ? -5.843  -3.611  -5.305  0.16 13.05 ? 1035 ILE A CA  1 
ATOM   509  C CA  C ILE A 1 57  ? -5.718  -3.644  -5.456  0.16 14.39 ? 1035 ILE A CA  1 
ATOM   510  C C   A ILE A 1 57  ? -6.646  -4.814  -5.085  0.16 14.45 ? 1035 ILE A C   1 
ATOM   511  C C   B ILE A 1 57  ? -6.667  -4.839  -4.898  0.16 13.36 ? 1035 ILE A C   1 
ATOM   512  C C   C ILE A 1 57  ? -6.646  -4.814  -5.085  0.16 14.45 ? 1035 ILE A C   1 
ATOM   513  O O   A ILE A 1 57  ? -7.830  -4.583  -4.783  0.16 14.69 ? 1035 ILE A O   1 
ATOM   514  O O   B ILE A 1 57  ? -7.802  -4.680  -4.363  0.16 12.93 ? 1035 ILE A O   1 
ATOM   515  O O   C ILE A 1 57  ? -7.830  -4.583  -4.783  0.16 14.69 ? 1035 ILE A O   1 
ATOM   516  C CB  A ILE A 1 57  ? -5.492  -3.537  -6.977  0.16 16.46 ? 1035 ILE A CB  1 
ATOM   517  C CB  B ILE A 1 57  ? -5.869  -3.414  -6.828  0.16 13.79 ? 1035 ILE A CB  1 
ATOM   518  C CB  C ILE A 1 57  ? -5.492  -3.537  -6.977  0.16 16.46 ? 1035 ILE A CB  1 
ATOM   519  C CG1 A ILE A 1 57  ? -4.895  -2.172  -7.319  0.16 17.49 ? 1035 ILE A CG1 1 
ATOM   520  C CG1 B ILE A 1 57  ? -5.201  -2.088  -7.205  0.16 14.55 ? 1035 ILE A CG1 1 
ATOM   521  C CG1 C ILE A 1 57  ? -4.895  -2.172  -7.319  0.16 17.49 ? 1035 ILE A CG1 1 
ATOM   522  C CG2 A ILE A 1 57  ? -6.775  -3.794  -7.749  0.16 17.63 ? 1035 ILE A CG2 1 
ATOM   523  C CG2 B ILE A 1 57  ? -7.308  -3.506  -7.336  0.16 13.74 ? 1035 ILE A CG2 1 
ATOM   524  C CG2 C ILE A 1 57  ? -6.775  -3.794  -7.749  0.16 17.64 ? 1035 ILE A CG2 1 
ATOM   525  C CD1 A ILE A 1 57  ? -5.793  -1.001  -6.962  0.16 18.30 ? 1035 ILE A CD1 1 
ATOM   526  C CD1 B ILE A 1 57  ? -4.419  -2.112  -8.513  0.16 15.56 ? 1035 ILE A CD1 1 
ATOM   527  C CD1 C ILE A 1 57  ? -5.793  -1.001  -6.962  0.16 18.31 ? 1035 ILE A CD1 1 
ATOM   528  N N   . SER A 1 58  ? -6.124  -6.041  -5.116  1.00 14.12 ? 1036 SER A N   1 
ATOM   529  C CA  . SER A 1 58  ? -6.929  -7.239  -4.755  1.00 14.20 ? 1036 SER A CA  1 
ATOM   530  C C   . SER A 1 58  ? -7.378  -7.146  -3.289  1.00 13.69 ? 1036 SER A C   1 
ATOM   531  O O   . SER A 1 58  ? -8.561  -7.469  -2.949  1.00 14.37 ? 1036 SER A O   1 
ATOM   532  C CB  . SER A 1 58  ? -6.122  -8.531  -4.967  1.00 15.10 ? 1036 SER A CB  1 
ATOM   533  O OG  . SER A 1 58  ? -5.910  -8.743  -6.367  1.00 19.21 ? 1036 SER A OG  1 
ATOM   534  N N   . LYS A 1 59  ? -6.508  -6.717  -2.365  1.00 12.58 ? 1037 LYS A N   1 
ATOM   535  C CA  . LYS A 1 59  ? -6.848  -6.586  -0.935  1.00 12.24 ? 1037 LYS A CA  1 
ATOM   536  C C   . LYS A 1 59  ? -7.960  -5.527  -0.709  1.00 12.42 ? 1037 LYS A C   1 
ATOM   537  O O   . LYS A 1 59  ? -8.810  -5.688  0.204   1.00 12.65 ? 1037 LYS A O   1 
ATOM   538  C CB  . LYS A 1 59  ? -5.589  -6.378  -0.114  1.00 11.95 ? 1037 LYS A CB  1 
ATOM   539  C CG  . LYS A 1 59  ? -4.658  -7.605  -0.034  1.00 12.43 ? 1037 LYS A CG  1 
ATOM   540  C CD  . LYS A 1 59  ? -3.493  -7.439  0.916   1.00 13.23 ? 1037 LYS A CD  1 
ATOM   541  C CE  . LYS A 1 59  ? -3.870  -7.267  2.350   1.00 13.93 ? 1037 LYS A CE  1 
ATOM   542  N NZ  . LYS A 1 59  ? -2.721  -7.296  3.303   1.00 16.65 ? 1037 LYS A NZ  1 
ATOM   543  N N   . ILE A 1 60  ? -7.902  -4.394  -1.413  1.00 13.11 ? 1038 ILE A N   1 
ATOM   544  C CA  . ILE A 1 60  ? -8.964  -3.358  -1.275  1.00 13.23 ? 1038 ILE A CA  1 
ATOM   545  C C   . ILE A 1 60  ? -10.303 -4.042  -1.573  1.00 12.70 ? 1038 ILE A C   1 
ATOM   546  O O   . ILE A 1 60  ? -11.270 -3.879  -0.781  1.00 13.14 ? 1038 ILE A O   1 
ATOM   547  C CB  . ILE A 1 60  ? -8.708  -2.155  -2.211  1.00 12.76 ? 1038 ILE A CB  1 
ATOM   548  C CG1 . ILE A 1 60  ? -7.441  -1.376  -1.832  1.00 13.81 ? 1038 ILE A CG1 1 
ATOM   549  C CG2 . ILE A 1 60  ? -9.956  -1.255  -2.182  1.00 13.97 ? 1038 ILE A CG2 1 
ATOM   550  C CD1 . ILE A 1 60  ? -6.989  -0.380  -2.901  1.00 14.28 ? 1038 ILE A CD1 1 
ATOM   551  N N   . ASP A 1 61  ? -10.393 -4.772  -2.658  1.00 13.15 ? 1039 ASP A N   1 
ATOM   552  C CA  . ASP A 1 61  ? -11.661 -5.376  -3.125  1.00 15.15 ? 1039 ASP A CA  1 
ATOM   553  C C   . ASP A 1 61  ? -12.115 -6.523  -2.197  1.00 16.40 ? 1039 ASP A C   1 
ATOM   554  O O   . ASP A 1 61  ? -13.341 -6.809  -2.162  1.00 19.22 ? 1039 ASP A O   1 
ATOM   555  C CB  . ASP A 1 61  ? -11.540 -5.811  -4.584  1.00 16.00 ? 1039 ASP A CB  1 
ATOM   556  C CG  . ASP A 1 61  ? -11.401 -4.684  -5.616  1.00 20.86 ? 1039 ASP A CG  1 
ATOM   557  O OD1 . ASP A 1 61  ? -11.805 -3.541  -5.241  1.00 23.90 ? 1039 ASP A OD1 1 
ATOM   558  O OD2 . ASP A 1 61  ? -10.901 -4.926  -6.758  1.00 20.92 ? 1039 ASP A OD2 1 
ATOM   559  N N   . LEU A 1 62  ? -11.189 -7.179  -1.491  1.00 13.61 ? 1040 LEU A N   1 
ATOM   560  C CA  . LEU A 1 62  ? -11.509 -8.203  -0.447  1.00 14.23 ? 1040 LEU A CA  1 
ATOM   561  C C   . LEU A 1 62  ? -11.873 -7.574  0.878   1.00 14.99 ? 1040 LEU A C   1 
ATOM   562  O O   . LEU A 1 62  ? -12.134 -8.290  1.876   1.00 17.29 ? 1040 LEU A O   1 
ATOM   563  C CB  . LEU A 1 62  ? -10.303 -9.150  -0.309  1.00 13.89 ? 1040 LEU A CB  1 
ATOM   564  C CG  . LEU A 1 62  ? -10.055 -10.123 -1.444  1.00 16.05 ? 1040 LEU A CG  1 
ATOM   565  C CD1 . LEU A 1 62  ? -8.679  -10.757 -1.307  1.00 16.69 ? 1040 LEU A CD1 1 
ATOM   566  C CD2 . LEU A 1 62  ? -11.109 -11.235 -1.495  1.00 18.22 ? 1040 LEU A CD2 1 
ATOM   567  N N   . HIS A 1 63  ? -11.926 -6.234  1.003   1.00 14.03 ? 1041 HIS A N   1 
ATOM   568  C CA  . HIS A 1 63  ? -12.303 -5.528  2.249   1.00 13.38 ? 1041 HIS A CA  1 
ATOM   569  C C   . HIS A 1 63  ? -11.287 -5.780  3.360   1.00 14.49 ? 1041 HIS A C   1 
ATOM   570  O O   . HIS A 1 63  ? -11.609 -5.787  4.569   1.00 17.40 ? 1041 HIS A O   1 
ATOM   571  C CB  . HIS A 1 63  ? -13.766 -5.813  2.689   1.00 16.25 ? 1041 HIS A CB  1 
ATOM   572  C CG  . HIS A 1 63  ? -14.801 -5.490  1.688   1.00 16.20 ? 1041 HIS A CG  1 
ATOM   573  N ND1 . HIS A 1 63  ? -16.152 -5.441  2.056   1.00 23.61 ? 1041 HIS A ND1 1 
ATOM   574  C CD2 . HIS A 1 63  ? -14.752 -5.186  0.384   1.00 17.63 ? 1041 HIS A CD2 1 
ATOM   575  C CE1 . HIS A 1 63  ? -16.837 -5.172  0.953   1.00 20.13 ? 1041 HIS A CE1 1 
ATOM   576  N NE2 . HIS A 1 63  ? -16.077 -4.978  -0.094  1.00 21.14 ? 1041 HIS A NE2 1 
ATOM   577  N N   . LYS A 1 64  ? -9.990  -5.891  3.003   1.00 13.85 ? 1042 LYS A N   1 
ATOM   578  C CA  . LYS A 1 64  ? -8.907  -6.084  3.984   1.00 14.20 ? 1042 LYS A CA  1 
ATOM   579  C C   . LYS A 1 64  ? -8.540  -4.812  4.769   1.00 14.37 ? 1042 LYS A C   1 
ATOM   580  O O   . LYS A 1 64  ? -7.929  -4.905  5.849   1.00 16.48 ? 1042 LYS A O   1 
ATOM   581  C CB  . LYS A 1 64  ? -7.685  -6.691  3.315   1.00 14.60 ? 1042 LYS A CB  1 
ATOM   582  C CG  . LYS A 1 64  ? -7.807  -8.055  2.673   1.00 16.80 ? 1042 LYS A CG  1 
ATOM   583  C CD  . LYS A 1 64  ? -7.656  -9.198  3.585   1.00 18.64 ? 1042 LYS A CD  1 
ATOM   584  C CE  . LYS A 1 64  ? -7.564  -10.499 2.827   1.00 17.36 ? 1042 LYS A CE  1 
ATOM   585  N NZ  . LYS A 1 64  ? -7.352  -11.585 3.816   1.00 20.81 ? 1042 LYS A NZ  1 
ATOM   586  N N   . TYR A 1 65  ? -8.771  -3.627  4.163   1.00 13.76 ? 1043 TYR A N   1 
ATOM   587  C CA  . TYR A 1 65  ? -8.431  -2.330  4.767   1.00 13.22 ? 1043 TYR A CA  1 
ATOM   588  C C   . TYR A 1 65  ? -9.703  -1.630  5.258   1.00 14.30 ? 1043 TYR A C   1 
ATOM   589  O O   . TYR A 1 65  ? -10.634 -1.333  4.452   1.00 16.55 ? 1043 TYR A O   1 
ATOM   590  C CB  . TYR A 1 65  ? -7.661  -1.458  3.754   1.00 14.33 ? 1043 TYR A CB  1 
ATOM   591  C CG  . TYR A 1 65  ? -6.480  -2.116  3.039   1.00 12.97 ? 1043 TYR A CG  1 
ATOM   592  C CD1 . TYR A 1 65  ? -5.399  -2.600  3.758   1.00 13.43 ? 1043 TYR A CD1 1 
ATOM   593  C CD2 . TYR A 1 65  ? -6.424  -2.200  1.650   1.00 13.13 ? 1043 TYR A CD2 1 
ATOM   594  C CE1 . TYR A 1 65  ? -4.309  -3.195  3.126   1.00 13.77 ? 1043 TYR A CE1 1 
ATOM   595  C CE2 . TYR A 1 65  ? -5.348  -2.821  0.994   1.00 13.01 ? 1043 TYR A CE2 1 
ATOM   596  C CZ  . TYR A 1 65  ? -4.290  -3.283  1.735   1.00 12.16 ? 1043 TYR A CZ  1 
ATOM   597  O OH  . TYR A 1 65  ? -3.236  -3.850  1.011   1.00 13.76 ? 1043 TYR A OH  1 
ATOM   598  N N   A LEU A 1 66  ? -9.732  -1.357  6.569   0.14 15.35 ? 1044 LEU A N   1 
ATOM   599  N N   B LEU A 1 66  ? -9.750  -1.343  6.560   0.23 14.59 ? 1044 LEU A N   1 
ATOM   600  N N   C LEU A 1 66  ? -9.732  -1.357  6.569   0.14 15.35 ? 1044 LEU A N   1 
ATOM   601  C CA  A LEU A 1 66  ? -10.823 -0.613  7.263   0.14 15.65 ? 1044 LEU A CA  1 
ATOM   602  C CA  B LEU A 1 66  ? -10.863 -0.546  7.147   0.23 14.05 ? 1044 LEU A CA  1 
ATOM   603  C CA  C LEU A 1 66  ? -10.823 -0.613  7.263   0.14 15.65 ? 1044 LEU A CA  1 
ATOM   604  C C   A LEU A 1 66  ? -10.338 0.782   7.673   0.14 15.20 ? 1044 LEU A C   1 
ATOM   605  C C   B LEU A 1 66  ? -10.383 0.860   7.472   0.23 14.49 ? 1044 LEU A C   1 
ATOM   606  C C   C LEU A 1 66  ? -10.338 0.782   7.673   0.14 15.20 ? 1044 LEU A C   1 
ATOM   607  O O   A LEU A 1 66  ? -11.154 1.551   8.232   0.14 14.94 ? 1044 LEU A O   1 
ATOM   608  O O   B LEU A 1 66  ? -11.266 1.724   7.712   0.23 13.29 ? 1044 LEU A O   1 
ATOM   609  O O   C LEU A 1 66  ? -11.154 1.551   8.232   0.14 14.94 ? 1044 LEU A O   1 
ATOM   610  C CB  A LEU A 1 66  ? -11.265 -1.394  8.508   0.14 17.40 ? 1044 LEU A CB  1 
ATOM   611  C CB  B LEU A 1 66  ? -11.408 -1.231  8.407   0.23 15.39 ? 1044 LEU A CB  1 
ATOM   612  C CB  C LEU A 1 66  ? -11.265 -1.394  8.508   0.14 17.40 ? 1044 LEU A CB  1 
ATOM   613  C CG  A LEU A 1 66  ? -11.812 -2.801  8.261   0.14 19.35 ? 1044 LEU A CG  1 
ATOM   614  C CG  B LEU A 1 66  ? -12.464 -2.301  8.127   0.23 16.40 ? 1044 LEU A CG  1 
ATOM   615  C CG  C LEU A 1 66  ? -11.812 -2.801  8.261   0.14 19.35 ? 1044 LEU A CG  1 
ATOM   616  C CD1 A LEU A 1 66  ? -12.431 -3.359  9.534   0.14 21.04 ? 1044 LEU A CD1 1 
ATOM   617  C CD1 B LEU A 1 66  ? -11.816 -3.515  7.481   0.23 17.08 ? 1044 LEU A CD1 1 
ATOM   618  C CD1 C LEU A 1 66  ? -12.431 -3.359  9.534   0.14 21.04 ? 1044 LEU A CD1 1 
ATOM   619  C CD2 A LEU A 1 66  ? -12.822 -2.821  7.123   0.14 19.47 ? 1044 LEU A CD2 1 
ATOM   620  C CD2 B LEU A 1 66  ? -13.204 -2.689  9.397   0.23 18.23 ? 1044 LEU A CD2 1 
ATOM   621  C CD2 C LEU A 1 66  ? -12.822 -2.821  7.123   0.14 19.47 ? 1044 LEU A CD2 1 
ATOM   622  N N   . THR A 1 67  ? -9.061  1.104   7.427   1.00 14.58 ? 1045 THR A N   1 
ATOM   623  C CA  . THR A 1 67  ? -8.500  2.434   7.699   1.00 13.85 ? 1045 THR A CA  1 
ATOM   624  C C   . THR A 1 67  ? -7.377  2.756   6.703   1.00 15.27 ? 1045 THR A C   1 
ATOM   625  O O   . THR A 1 67  ? -6.796  1.789   6.127   1.00 14.99 ? 1045 THR A O   1 
ATOM   626  C CB  . THR A 1 67  ? -7.942  2.598   9.107   1.00 15.81 ? 1045 THR A CB  1 
ATOM   627  O OG1 . THR A 1 67  ? -6.762  1.799   9.262   1.00 16.87 ? 1045 THR A OG1 1 
ATOM   628  C CG2 . THR A 1 67  ? -8.956  2.275   10.203  1.00 16.81 ? 1045 THR A CG2 1 
ATOM   629  N N   . VAL A 1 68  ? -7.048  4.026   6.526   1.00 13.83 ? 1046 VAL A N   1 
ATOM   630  C CA  . VAL A 1 68  ? -5.885  4.392   5.666   1.00 14.42 ? 1046 VAL A CA  1 
ATOM   631  C C   . VAL A 1 68  ? -4.628  3.928   6.397   1.00 14.71 ? 1046 VAL A C   1 
ATOM   632  O O   . VAL A 1 68  ? -3.623  3.559   5.712   1.00 14.94 ? 1046 VAL A O   1 
ATOM   633  C CB  . VAL A 1 68  ? -5.869  5.867   5.253   1.00 15.73 ? 1046 VAL A CB  1 
ATOM   634  C CG1 . VAL A 1 68  ? -4.712  6.158   4.303   1.00 17.19 ? 1046 VAL A CG1 1 
ATOM   635  C CG2 . VAL A 1 68  ? -7.152  6.262   4.540   1.00 17.04 ? 1046 VAL A CG2 1 
ATOM   636  N N   . LYS A 1 69  ? -4.540  3.939   7.722   1.00 15.60 ? 1047 LYS A N   1 
ATOM   637  C CA  . LYS A 1 69  ? -3.376  3.390   8.473   1.00 18.31 ? 1047 LYS A CA  1 
ATOM   638  C C   . LYS A 1 69  ? -3.069  1.931   8.053   1.00 16.47 ? 1047 LYS A C   1 
ATOM   639  O O   . LYS A 1 69  ? -1.863  1.579   7.810   1.00 17.48 ? 1047 LYS A O   1 
ATOM   640  C CB  . LYS A 1 69  ? -3.655  3.575   9.976   1.00 23.13 ? 1047 LYS A CB  1 
ATOM   641  C CG  . LYS A 1 69  ? -2.489  3.218   10.867  1.00 34.46 ? 1047 LYS A CG  1 
ATOM   642  C CD  . LYS A 1 69  ? -2.684  3.830   12.284  1.00 45.44 ? 1047 LYS A CD  1 
ATOM   643  C CE  . LYS A 1 69  ? -2.252  5.293   12.379  1.00 55.62 ? 1047 LYS A CE  1 
ATOM   644  N NZ  . LYS A 1 69  ? -3.385  6.255   12.479  1.00 63.88 ? 1047 LYS A NZ  1 
ATOM   645  N N   A ASP A 1 70  ? -4.054  1.061   7.879   0.24 15.02 ? 1048 ASP A N   1 
ATOM   646  N N   B ASP A 1 70  ? -4.108  1.080   7.976   0.13 16.11 ? 1048 ASP A N   1 
ATOM   647  N N   C ASP A 1 70  ? -4.108  1.080   7.976   0.13 16.11 ? 1048 ASP A N   1 
ATOM   648  C CA  A ASP A 1 70  ? -3.769  -0.354  7.534   0.24 15.40 ? 1048 ASP A CA  1 
ATOM   649  C CA  B ASP A 1 70  ? -4.029  -0.332  7.498   0.13 16.18 ? 1048 ASP A CA  1 
ATOM   650  C CA  C ASP A 1 70  ? -4.029  -0.332  7.498   0.13 16.18 ? 1048 ASP A CA  1 
ATOM   651  C C   A ASP A 1 70  ? -3.347  -0.462  6.044   0.24 14.31 ? 1048 ASP A C   1 
ATOM   652  C C   B ASP A 1 70  ? -3.306  -0.342  6.139   0.13 14.98 ? 1048 ASP A C   1 
ATOM   653  C C   C ASP A 1 70  ? -3.306  -0.342  6.139   0.13 14.98 ? 1048 ASP A C   1 
ATOM   654  O O   A ASP A 1 70  ? -2.565  -1.391  5.656   0.24 13.34 ? 1048 ASP A O   1 
ATOM   655  O O   B ASP A 1 70  ? -2.288  -1.049  5.997   0.13 15.20 ? 1048 ASP A O   1 
ATOM   656  O O   C ASP A 1 70  ? -2.288  -1.049  5.997   0.13 15.20 ? 1048 ASP A O   1 
ATOM   657  C CB  A ASP A 1 70  ? -4.965  -1.209  7.949   0.24 17.01 ? 1048 ASP A CB  1 
ATOM   658  C CB  B ASP A 1 70  ? -5.407  -1.005  7.311   0.13 17.33 ? 1048 ASP A CB  1 
ATOM   659  C CB  C ASP A 1 70  ? -5.407  -1.005  7.311   0.13 17.33 ? 1048 ASP A CB  1 
ATOM   660  C CG  A ASP A 1 70  ? -5.111  -1.440  9.454   0.24 19.01 ? 1048 ASP A CG  1 
ATOM   661  C CG  B ASP A 1 70  ? -6.152  -1.481  8.560   0.13 18.90 ? 1048 ASP A CG  1 
ATOM   662  C CG  C ASP A 1 70  ? -6.152  -1.481  8.560   0.13 18.90 ? 1048 ASP A CG  1 
ATOM   663  O OD1 A ASP A 1 70  ? -4.215  -1.011  10.248  0.24 20.81 ? 1048 ASP A OD1 1 
ATOM   664  O OD1 B ASP A 1 70  ? -5.554  -1.399  9.664   0.13 20.86 ? 1048 ASP A OD1 1 
ATOM   665  O OD1 C ASP A 1 70  ? -5.554  -1.399  9.664   0.13 20.86 ? 1048 ASP A OD1 1 
ATOM   666  O OD2 A ASP A 1 70  ? -6.143  -2.027  9.836   0.24 20.66 ? 1048 ASP A OD2 1 
ATOM   667  O OD2 B ASP A 1 70  ? -7.346  -1.968  8.419   0.13 19.50 ? 1048 ASP A OD2 1 
ATOM   668  O OD2 C ASP A 1 70  ? -7.346  -1.968  8.419   0.13 19.50 ? 1048 ASP A OD2 1 
ATOM   669  N N   . TYR A 1 71  ? -3.830  0.423   5.176   1.00 14.32 ? 1049 TYR A N   1 
ATOM   670  C CA  . TYR A 1 71  ? -3.344  0.498   3.774   1.00 13.48 ? 1049 TYR A CA  1 
ATOM   671  C C   . TYR A 1 71  ? -1.859  0.902   3.767   1.00 13.47 ? 1049 TYR A C   1 
ATOM   672  O O   . TYR A 1 71  ? -1.016  0.276   3.040   1.00 12.84 ? 1049 TYR A O   1 
ATOM   673  C CB  . TYR A 1 71  ? -4.200  1.502   2.999   1.00 13.30 ? 1049 TYR A CB  1 
ATOM   674  C CG  . TYR A 1 71  ? -3.685  1.865   1.624   1.00 11.86 ? 1049 TYR A CG  1 
ATOM   675  C CD1 . TYR A 1 71  ? -3.991  1.170   0.479   1.00 11.74 ? 1049 TYR A CD1 1 
ATOM   676  C CD2 . TYR A 1 71  ? -2.950  3.056   1.441   1.00 13.39 ? 1049 TYR A CD2 1 
ATOM   677  C CE1 . TYR A 1 71  ? -3.550  1.558   -0.778  1.00 11.28 ? 1049 TYR A CE1 1 
ATOM   678  C CE2 . TYR A 1 71  ? -2.519  3.485   0.199   1.00 12.74 ? 1049 TYR A CE2 1 
ATOM   679  C CZ  . TYR A 1 71  ? -2.786  2.733   -0.924  1.00 12.36 ? 1049 TYR A CZ  1 
ATOM   680  O OH  . TYR A 1 71  ? -2.385  3.150   -2.164  1.00 13.05 ? 1049 TYR A OH  1 
ATOM   681  N N   . LEU A 1 72  ? -1.503  1.931   4.533   1.00 13.43 ? 1050 LEU A N   1 
ATOM   682  C CA  . LEU A 1 72  ? -0.108  2.481   4.540   1.00 13.58 ? 1050 LEU A CA  1 
ATOM   683  C C   . LEU A 1 72  ? 0.821   1.420   5.119   1.00 13.98 ? 1050 LEU A C   1 
ATOM   684  O O   . LEU A 1 72  ? 2.034   1.381   4.717   1.00 14.25 ? 1050 LEU A O   1 
ATOM   685  C CB  . LEU A 1 72  ? -0.019  3.806   5.273   1.00 14.47 ? 1050 LEU A CB  1 
ATOM   686  C CG  . LEU A 1 72  ? -0.561  4.996   4.482   1.00 15.78 ? 1050 LEU A CG  1 
ATOM   687  C CD1 . LEU A 1 72  ? -0.610  6.229   5.401   1.00 18.89 ? 1050 LEU A CD1 1 
ATOM   688  C CD2 . LEU A 1 72  ? 0.239   5.327   3.228   1.00 19.07 ? 1050 LEU A CD2 1 
ATOM   689  N N   . ARG A 1 73  ? 0.411   0.513   5.975   1.00 13.11 ? 1051 ARG A N   1 
ATOM   690  C CA  . ARG A 1 73  ? 1.286   -0.596  6.440   1.00 15.68 ? 1051 ARG A CA  1 
ATOM   691  C C   . ARG A 1 73  ? 1.704   -1.436  5.230   1.00 13.17 ? 1051 ARG A C   1 
ATOM   692  O O   . ARG A 1 73  ? 2.933   -1.876  5.191   1.00 13.79 ? 1051 ARG A O   1 
ATOM   693  C CB  . ARG A 1 73  ? 0.599   -1.526  7.458   1.00 18.49 ? 1051 ARG A CB  1 
ATOM   694  C CG  . ARG A 1 73  ? 0.420   -0.887  8.814   1.00 26.46 ? 1051 ARG A CG  1 
ATOM   695  C CD  . ARG A 1 73  ? -0.237  -1.890  9.814   1.00 32.86 ? 1051 ARG A CD  1 
ATOM   696  N NE  . ARG A 1 73  ? -1.208  -1.225  10.675  1.00 44.55 ? 1051 ARG A NE  1 
ATOM   697  C CZ  . ARG A 1 73  ? -0.887  -0.438  11.704  1.00 58.36 ? 1051 ARG A CZ  1 
ATOM   698  N NH1 . ARG A 1 73  ? 0.383   -0.222  12.010  1.00 65.35 ? 1051 ARG A NH1 1 
ATOM   699  N NH2 . ARG A 1 73  ? -1.840  0.114   12.439  1.00 65.49 ? 1051 ARG A NH2 1 
ATOM   700  N N   . ASP A 1 74  ? 0.871   -1.673  4.238   1.00 13.13 ? 1052 ASP A N   1 
ATOM   701  C CA  . ASP A 1 74  ? 1.273   -2.458  3.050   1.00 13.04 ? 1052 ASP A CA  1 
ATOM   702  C C   . ASP A 1 74  ? 2.147   -1.613  2.079   1.00 12.44 ? 1052 ASP A C   1 
ATOM   703  O O   . ASP A 1 74  ? 3.089   -2.183  1.465   1.00 12.63 ? 1052 ASP A O   1 
ATOM   704  C CB  . ASP A 1 74  ? 0.085   -3.127  2.362   1.00 13.00 ? 1052 ASP A CB  1 
ATOM   705  C CG  . ASP A 1 74  ? -0.349  -4.470  3.004   1.00 14.55 ? 1052 ASP A CG  1 
ATOM   706  O OD1 . ASP A 1 74  ? 0.526   -5.061  3.718   1.00 16.12 ? 1052 ASP A OD1 1 
ATOM   707  O OD2 . ASP A 1 74  ? -1.440  -4.956  2.636   1.00 14.54 ? 1052 ASP A OD2 1 
ATOM   708  N N   . ILE A 1 75  ? 1.893   -0.318  1.906   1.00 12.74 ? 1053 ILE A N   1 
ATOM   709  C CA  . ILE A 1 75  ? 2.818   0.555   1.113   1.00 12.51 ? 1053 ILE A CA  1 
ATOM   710  C C   . ILE A 1 75  ? 4.190   0.552   1.807   1.00 12.73 ? 1053 ILE A C   1 
ATOM   711  O O   . ILE A 1 75  ? 5.234   0.341   1.105   1.00 13.05 ? 1053 ILE A O   1 
ATOM   712  C CB  . ILE A 1 75  ? 2.281   1.985   1.005   1.00 14.81 ? 1053 ILE A CB  1 
ATOM   713  C CG1 . ILE A 1 75  ? 0.911   2.027   0.305   1.00 14.42 ? 1053 ILE A CG1 1 
ATOM   714  C CG2 . ILE A 1 75  ? 3.321   2.874   0.350   1.00 16.67 ? 1053 ILE A CG2 1 
ATOM   715  C CD1 . ILE A 1 75  ? 0.852   1.428   -1.106  1.00 17.47 ? 1053 ILE A CD1 1 
ATOM   716  N N   . ASP A 1 76  ? 4.252   0.664   3.120   1.00 12.11 ? 1054 ASP A N   1 
ATOM   717  C CA  . ASP A 1 76  ? 5.527   0.629   3.879   1.00 13.87 ? 1054 ASP A CA  1 
ATOM   718  C C   . ASP A 1 76  ? 6.223   -0.731  3.675   1.00 14.18 ? 1054 ASP A C   1 
ATOM   719  O O   . ASP A 1 76  ? 7.490   -0.755  3.617   1.00 14.16 ? 1054 ASP A O   1 
ATOM   720  C CB  . ASP A 1 76  ? 5.339   0.993   5.367   1.00 15.36 ? 1054 ASP A CB  1 
ATOM   721  C CG  . ASP A 1 76  ? 5.117   2.519   5.552   1.00 16.64 ? 1054 ASP A CG  1 
ATOM   722  O OD1 . ASP A 1 76  ? 5.838   3.269   4.903   1.00 24.63 ? 1054 ASP A OD1 1 
ATOM   723  O OD2 . ASP A 1 76  ? 4.466   2.901   6.484   1.00 26.23 ? 1054 ASP A OD2 1 
ATOM   724  N N   . LEU A 1 77  ? 5.492   -1.832  3.607   1.00 12.79 ? 1055 LEU A N   1 
ATOM   725  C CA  . LEU A 1 77  ? 6.072   -3.195  3.390   1.00 12.97 ? 1055 LEU A CA  1 
ATOM   726  C C   . LEU A 1 77  ? 6.656   -3.314  1.976   1.00 14.08 ? 1055 LEU A C   1 
ATOM   727  O O   . LEU A 1 77  ? 7.769   -3.903  1.801   1.00 13.31 ? 1055 LEU A O   1 
ATOM   728  C CB  . LEU A 1 77  ? 4.959   -4.241  3.659   1.00 14.05 ? 1055 LEU A CB  1 
ATOM   729  C CG  . LEU A 1 77  ? 5.346   -5.708  3.538   1.00 15.41 ? 1055 LEU A CG  1 
ATOM   730  C CD1 . LEU A 1 77  ? 6.474   -6.107  4.495   1.00 16.42 ? 1055 LEU A CD1 1 
ATOM   731  C CD2 . LEU A 1 77  ? 4.055   -6.630  3.788   1.00 15.67 ? 1055 LEU A CD2 1 
ATOM   732  N N   . ILE A 1 78  ? 5.984   -2.788  0.949   1.00 12.42 ? 1056 ILE A N   1 
ATOM   733  C CA  . ILE A 1 78  ? 6.611   -2.742  -0.406  1.00 12.76 ? 1056 ILE A CA  1 
ATOM   734  C C   . ILE A 1 78  ? 7.975   -2.066  -0.310  1.00 12.41 ? 1056 ILE A C   1 
ATOM   735  O O   . ILE A 1 78  ? 8.978   -2.631  -0.897  1.00 13.44 ? 1056 ILE A O   1 
ATOM   736  C CB  . ILE A 1 78  ? 5.706   -2.049  -1.438  1.00 13.20 ? 1056 ILE A CB  1 
ATOM   737  C CG1 . ILE A 1 78  ? 4.378   -2.788  -1.622  1.00 13.02 ? 1056 ILE A CG1 1 
ATOM   738  C CG2 . ILE A 1 78  ? 6.432   -1.883  -2.793  1.00 14.54 ? 1056 ILE A CG2 1 
ATOM   739  C CD1 . ILE A 1 78  ? 3.320   -2.079  -2.458  1.00 13.92 ? 1056 ILE A CD1 1 
ATOM   740  N N   . CYS A 1 79  ? 8.076   -0.932  0.314   1.00 12.37 ? 1057 CYS A N   1 
ATOM   741  C CA  . CYS A 1 79  ? 9.309   -0.111  0.389   1.00 13.57 ? 1057 CYS A CA  1 
ATOM   742  C C   . CYS A 1 79  ? 10.348  -0.865  1.236   1.00 15.79 ? 1057 CYS A C   1 
ATOM   743  O O   . CYS A 1 79  ? 11.522  -1.078  0.779   1.00 15.03 ? 1057 CYS A O   1 
ATOM   744  C CB  . CYS A 1 79  ? 9.025   1.247   0.984   1.00 13.60 ? 1057 CYS A CB  1 
ATOM   745  S SG  . CYS A 1 79  ? 10.504  2.288   1.172   1.00 18.04 ? 1057 CYS A SG  1 
ATOM   746  N N   . SER A 1 80  ? 10.004  -1.376  2.424   1.00 13.36 ? 1058 SER A N   1 
ATOM   747  C CA  . SER A 1 80  ? 11.003  -2.007  3.335   1.00 14.96 ? 1058 SER A CA  1 
ATOM   748  C C   . SER A 1 80  ? 11.490  -3.297  2.680   1.00 14.55 ? 1058 SER A C   1 
ATOM   749  O O   . SER A 1 80  ? 12.741  -3.635  2.763   1.00 15.01 ? 1058 SER A O   1 
ATOM   750  C CB  . SER A 1 80  ? 10.459  -2.182  4.737   1.00 17.09 ? 1058 SER A CB  1 
ATOM   751  O OG  . SER A 1 80  ? 9.394   -3.074  4.797   1.00 19.33 ? 1058 SER A OG  1 
ATOM   752  N N   . ASN A 1 81  ? 10.711  -4.064  1.971   1.00 12.90 ? 1059 ASN A N   1 
ATOM   753  C CA  . ASN A 1 81  ? 11.121  -5.302  1.269   1.00 13.25 ? 1059 ASN A CA  1 
ATOM   754  C C   . ASN A 1 81  ? 12.218  -4.943  0.252   1.00 14.26 ? 1059 ASN A C   1 
ATOM   755  O O   . ASN A 1 81  ? 13.258  -5.637  0.129   1.00 15.13 ? 1059 ASN A O   1 
ATOM   756  C CB  . ASN A 1 81  ? 9.990   -6.089  0.626   1.00 13.30 ? 1059 ASN A CB  1 
ATOM   757  C CG  . ASN A 1 81  ? 9.031   -6.793  1.594   1.00 12.26 ? 1059 ASN A CG  1 
ATOM   758  O OD1 . ASN A 1 81  ? 9.384   -6.999  2.734   1.00 14.86 ? 1059 ASN A OD1 1 
ATOM   759  N ND2 . ASN A 1 81  ? 7.895   -7.216  1.003   1.00 13.84 ? 1059 ASN A ND2 1 
ATOM   760  N N   . ALA A 1 82  ? 12.005  -3.881  -0.550  1.00 14.41 ? 1060 ALA A N   1 
ATOM   761  C CA  . ALA A 1 82  ? 13.007  -3.462  -1.569  1.00 15.08 ? 1060 ALA A CA  1 
ATOM   762  C C   . ALA A 1 82  ? 14.279  -2.997  -0.876  1.00 14.61 ? 1060 ALA A C   1 
ATOM   763  O O   . ALA A 1 82  ? 15.403  -3.335  -1.429  1.00 16.49 ? 1060 ALA A O   1 
ATOM   764  C CB  . ALA A 1 82  ? 12.380  -2.366  -2.435  1.00 14.87 ? 1060 ALA A CB  1 
ATOM   765  N N   . LEU A 1 83  ? 14.275  -2.261  0.197   1.00 14.69 ? 1061 LEU A N   1 
ATOM   766  C CA  . LEU A 1 83  ? 15.480  -1.786  0.918   1.00 16.02 ? 1061 LEU A CA  1 
ATOM   767  C C   . LEU A 1 83  ? 16.261  -2.994  1.459   1.00 18.56 ? 1061 LEU A C   1 
ATOM   768  O O   . LEU A 1 83  ? 17.533  -3.005  1.385   1.00 19.84 ? 1061 LEU A O   1 
ATOM   769  C CB  . LEU A 1 83  ? 15.167  -0.810  2.020   1.00 17.99 ? 1061 LEU A CB  1 
ATOM   770  C CG  . LEU A 1 83  ? 14.340  0.440   1.641   1.00 21.02 ? 1061 LEU A CG  1 
ATOM   771  C CD1 . LEU A 1 83  ? 14.242  1.352   2.843   1.00 21.57 ? 1061 LEU A CD1 1 
ATOM   772  C CD2 . LEU A 1 83  ? 14.908  1.218   0.467   1.00 22.09 ? 1061 LEU A CD2 1 
ATOM   773  N N   A GLU A 1 84  ? 15.540  -3.981  2.006   0.14 18.87 ? 1062 GLU A N   1 
ATOM   774  N N   B GLU A 1 84  ? 15.585  -4.028  1.962   0.23 16.65 ? 1062 GLU A N   1 
ATOM   775  N N   C GLU A 1 84  ? 15.540  -3.981  2.006   0.14 18.87 ? 1062 GLU A N   1 
ATOM   776  C CA  A GLU A 1 84  ? 16.100  -5.217  2.632   0.14 20.84 ? 1062 GLU A CA  1 
ATOM   777  C CA  B GLU A 1 84  ? 16.277  -5.178  2.623   0.23 17.55 ? 1062 GLU A CA  1 
ATOM   778  C CA  C GLU A 1 84  ? 16.100  -5.217  2.632   0.14 20.84 ? 1062 GLU A CA  1 
ATOM   779  C C   A GLU A 1 84  ? 16.799  -6.068  1.573   0.14 18.94 ? 1062 GLU A C   1 
ATOM   780  C C   B GLU A 1 84  ? 16.812  -6.150  1.561   0.23 17.40 ? 1062 GLU A C   1 
ATOM   781  C C   C GLU A 1 84  ? 16.799  -6.068  1.573   0.14 18.94 ? 1062 GLU A C   1 
ATOM   782  O O   A GLU A 1 84  ? 17.972  -6.459  1.831   0.14 20.06 ? 1062 GLU A O   1 
ATOM   783  O O   B GLU A 1 84  ? 17.917  -6.751  1.758   0.23 17.98 ? 1062 GLU A O   1 
ATOM   784  O O   C GLU A 1 84  ? 17.972  -6.459  1.831   0.14 20.06 ? 1062 GLU A O   1 
ATOM   785  C CB  A GLU A 1 84  ? 14.985  -6.029  3.309   0.14 22.78 ? 1062 GLU A CB  1 
ATOM   786  C CB  B GLU A 1 84  ? 15.323  -5.837  3.641   0.23 17.65 ? 1062 GLU A CB  1 
ATOM   787  C CB  C GLU A 1 84  ? 14.985  -6.029  3.309   0.14 22.78 ? 1062 GLU A CB  1 
ATOM   788  C CG  A GLU A 1 84  ? 15.440  -7.300  4.028   0.14 25.50 ? 1062 GLU A CG  1 
ATOM   789  C CG  B GLU A 1 84  ? 14.898  -4.893  4.751   0.23 18.73 ? 1062 GLU A CG  1 
ATOM   790  C CG  C GLU A 1 84  ? 15.440  -7.300  4.028   0.14 25.50 ? 1062 GLU A CG  1 
ATOM   791  C CD  A GLU A 1 84  ? 14.312  -8.035  4.757   0.14 28.45 ? 1062 GLU A CD  1 
ATOM   792  C CD  B GLU A 1 84  ? 13.643  -5.179  5.595   0.23 20.86 ? 1062 GLU A CD  1 
ATOM   793  C CD  C GLU A 1 84  ? 14.312  -8.035  4.757   0.14 28.45 ? 1062 GLU A CD  1 
ATOM   794  O OE1 A GLU A 1 84  ? 14.439  -9.249  4.991   0.14 31.16 ? 1062 GLU A OE1 1 
ATOM   795  O OE1 B GLU A 1 84  ? 12.975  -6.198  5.381   0.23 19.06 ? 1062 GLU A OE1 1 
ATOM   796  O OE1 C GLU A 1 84  ? 14.439  -9.249  4.991   0.14 31.16 ? 1062 GLU A OE1 1 
ATOM   797  O OE2 A GLU A 1 84  ? 13.309  -7.386  5.089   0.14 31.04 ? 1062 GLU A OE2 1 
ATOM   798  O OE2 B GLU A 1 84  ? 13.332  -4.345  6.489   0.23 23.35 ? 1062 GLU A OE2 1 
ATOM   799  O OE2 C GLU A 1 84  ? 13.309  -7.386  5.089   0.14 31.04 ? 1062 GLU A OE2 1 
ATOM   800  N N   . TYR A 1 85  ? 16.112  -6.364  0.461   1.00 17.16 ? 1063 TYR A N   1 
ATOM   801  C CA  . TYR A 1 85  ? 16.570  -7.305  -0.571  1.00 17.90 ? 1063 TYR A CA  1 
ATOM   802  C C   . TYR A 1 85  ? 17.715  -6.685  -1.404  1.00 20.39 ? 1063 TYR A C   1 
ATOM   803  O O   . TYR A 1 85  ? 18.475  -7.501  -2.020  1.00 19.88 ? 1063 TYR A O   1 
ATOM   804  C CB  . TYR A 1 85  ? 15.477  -7.811  -1.490  1.00 18.19 ? 1063 TYR A CB  1 
ATOM   805  C CG  . TYR A 1 85  ? 15.887  -9.020  -2.297  1.00 21.98 ? 1063 TYR A CG  1 
ATOM   806  C CD1 . TYR A 1 85  ? 16.018  -10.259 -1.679  1.00 22.42 ? 1063 TYR A CD1 1 
ATOM   807  C CD2 . TYR A 1 85  ? 16.118  -8.939  -3.653  1.00 22.70 ? 1063 TYR A CD2 1 
ATOM   808  C CE1 . TYR A 1 85  ? 16.439  -11.365 -2.415  1.00 24.34 ? 1063 TYR A CE1 1 
ATOM   809  C CE2 . TYR A 1 85  ? 16.552  -10.035 -4.401  1.00 26.21 ? 1063 TYR A CE2 1 
ATOM   810  C CZ  . TYR A 1 85  ? 16.667  -11.255 -3.774  1.00 27.82 ? 1063 TYR A CZ  1 
ATOM   811  O OH  . TYR A 1 85  ? 17.073  -12.342 -4.540  1.00 34.30 ? 1063 TYR A OH  1 
ATOM   812  N N   . ASN A 1 86  ? 17.765  -5.366  -1.520  1.00 17.44 ? 1064 ASN A N   1 
ATOM   813  C CA  . ASN A 1 86  ? 18.744  -4.696  -2.472  1.00 17.05 ? 1064 ASN A CA  1 
ATOM   814  C C   . ASN A 1 86  ? 19.598  -3.712  -1.710  1.00 16.39 ? 1064 ASN A C   1 
ATOM   815  O O   . ASN A 1 86  ? 19.456  -2.461  -1.909  1.00 17.37 ? 1064 ASN A O   1 
ATOM   816  C CB  . ASN A 1 86  ? 17.944  -4.076  -3.639  1.00 16.74 ? 1064 ASN A CB  1 
ATOM   817  C CG  . ASN A 1 86  ? 17.026  -4.987  -4.389  1.00 17.74 ? 1064 ASN A CG  1 
ATOM   818  O OD1 . ASN A 1 86  ? 17.410  -5.796  -5.221  1.00 23.95 ? 1064 ASN A OD1 1 
ATOM   819  N ND2 . ASN A 1 86  ? 15.721  -4.899  -4.035  1.00 18.57 ? 1064 ASN A ND2 1 
ATOM   820  N N   . PRO A 1 87  ? 20.467  -4.088  -0.717  1.00 17.43 ? 1065 PRO A N   1 
ATOM   821  C CA  . PRO A 1 87  ? 21.137  -3.169  0.192   1.00 16.93 ? 1065 PRO A CA  1 
ATOM   822  C C   . PRO A 1 87  ? 22.555  -2.644  -0.220  1.00 15.94 ? 1065 PRO A C   1 
ATOM   823  O O   . PRO A 1 87  ? 23.132  -1.863  0.540   1.00 20.54 ? 1065 PRO A O   1 
ATOM   824  C CB  . PRO A 1 87  ? 21.289  -4.057  1.449   1.00 20.30 ? 1065 PRO A CB  1 
ATOM   825  C CG  . PRO A 1 87  ? 21.546  -5.379  0.879   1.00 19.21 ? 1065 PRO A CG  1 
ATOM   826  C CD  . PRO A 1 87  ? 20.699  -5.528  -0.340  1.00 18.97 ? 1065 PRO A CD  1 
ATOM   827  N N   . ASP A 1 88  ? 22.965  -3.079  -1.408  1.00 18.03 ? 1066 ASP A N   1 
ATOM   828  C CA  . ASP A 1 88  ? 24.397  -2.946  -1.843  1.00 18.64 ? 1066 ASP A CA  1 
ATOM   829  C C   . ASP A 1 88  ? 24.669  -1.570  -2.472  1.00 20.04 ? 1066 ASP A C   1 
ATOM   830  O O   . ASP A 1 88  ? 23.732  -0.767  -2.794  1.00 18.31 ? 1066 ASP A O   1 
ATOM   831  C CB  . ASP A 1 88  ? 24.771  -4.070  -2.812  1.00 20.01 ? 1066 ASP A CB  1 
ATOM   832  C CG  . ASP A 1 88  ? 24.815  -5.493  -2.235  1.00 22.97 ? 1066 ASP A CG  1 
ATOM   833  O OD1 . ASP A 1 88  ? 24.697  -5.633  -0.984  1.00 24.83 ? 1066 ASP A OD1 1 
ATOM   834  O OD2 . ASP A 1 88  ? 24.900  -6.431  -3.077  1.00 28.29 ? 1066 ASP A OD2 1 
ATOM   835  N N   . ARG A 1 89  ? 25.969  -1.269  -2.726  1.00 18.10 ? 1067 ARG A N   1 
ATOM   836  C CA  . ARG A 1 89  ? 26.371  0.080   -3.232  1.00 18.80 ? 1067 ARG A CA  1 
ATOM   837  C C   . ARG A 1 89  ? 26.268  0.178   -4.764  1.00 17.17 ? 1067 ARG A C   1 
ATOM   838  O O   . ARG A 1 89  ? 26.395  1.340   -5.249  1.00 18.45 ? 1067 ARG A O   1 
ATOM   839  C CB  . ARG A 1 89  ? 27.763  0.527   -2.730  1.00 22.10 ? 1067 ARG A CB  1 
ATOM   840  C CG  . ARG A 1 89  ? 28.991  -0.140  -3.361  1.00 26.22 ? 1067 ARG A CG  1 
ATOM   841  C CD  . ARG A 1 89  ? 29.643  0.529   -4.620  1.00 19.74 ? 1067 ARG A CD  1 
ATOM   842  N NE  . ARG A 1 89  ? 29.701  1.978   -4.551  1.00 23.04 ? 1067 ARG A NE  1 
ATOM   843  C CZ  . ARG A 1 89  ? 29.663  2.761   -5.696  1.00 20.60 ? 1067 ARG A CZ  1 
ATOM   844  N NH1 . ARG A 1 89  ? 29.766  4.104   -5.620  1.00 18.08 ? 1067 ARG A NH1 1 
ATOM   845  N NH2 . ARG A 1 89  ? 29.586  2.113   -6.842  1.00 19.06 ? 1067 ARG A NH2 1 
ATOM   846  N N   . ASP A 1 90  ? 26.069  -0.891  -5.441  1.00 18.17 ? 1068 ASP A N   1 
ATOM   847  C CA  . ASP A 1 90  ? 26.083  -0.816  -6.898  1.00 21.00 ? 1068 ASP A CA  1 
ATOM   848  C C   . ASP A 1 90  ? 24.837  -0.093  -7.437  1.00 20.79 ? 1068 ASP A C   1 
ATOM   849  O O   . ASP A 1 90  ? 23.810  0.060   -6.748  1.00 19.22 ? 1068 ASP A O   1 
ATOM   850  C CB  . ASP A 1 90  ? 26.109  -2.151  -7.541  1.00 22.17 ? 1068 ASP A CB  1 
ATOM   851  C CG  . ASP A 1 90  ? 24.954  -3.013  -7.190  1.00 25.13 ? 1068 ASP A CG  1 
ATOM   852  O OD1 . ASP A 1 90  ? 25.085  -3.730  -6.186  1.00 40.97 ? 1068 ASP A OD1 1 
ATOM   853  O OD2 . ASP A 1 90  ? 23.958  -2.959  -7.967  1.00 33.60 ? 1068 ASP A OD2 1 
ATOM   854  N N   . PRO A 1 91  ? 24.953  0.443   -8.642  1.00 17.70 ? 1069 PRO A N   1 
ATOM   855  C CA  . PRO A 1 91  ? 23.920  1.292   -9.207  1.00 17.29 ? 1069 PRO A CA  1 
ATOM   856  C C   . PRO A 1 91  ? 22.529  0.653   -9.293  1.00 16.01 ? 1069 PRO A C   1 
ATOM   857  O O   . PRO A 1 91  ? 21.524  1.359   -9.137  1.00 15.03 ? 1069 PRO A O   1 
ATOM   858  C CB  . PRO A 1 91  ? 24.424  1.721   -10.594 1.00 18.15 ? 1069 PRO A CB  1 
ATOM   859  C CG  . PRO A 1 91  ? 25.910  1.547   -10.496 1.00 22.74 ? 1069 PRO A CG  1 
ATOM   860  C CD  . PRO A 1 91  ? 26.175  0.431   -9.520  1.00 19.24 ? 1069 PRO A CD  1 
ATOM   861  N N   . GLY A 1 92  ? 22.461  -0.648  -9.569  0.48 16.17 ? 1070 GLY A N   1 
ATOM   862  C CA  . GLY A 1 92  ? 21.180  -1.365  -9.717  0.48 16.50 ? 1070 GLY A CA  1 
ATOM   863  C C   . GLY A 1 92  ? 20.412  -1.377  -8.403  0.48 16.50 ? 1070 GLY A C   1 
ATOM   864  O O   . GLY A 1 92  ? 19.165  -1.155  -8.433  0.48 17.18 ? 1070 GLY A O   1 
ATOM   865  N N   . ASP A 1 93  ? 21.118  -1.609  -7.285  1.00 16.37 ? 1071 ASP A N   1 
ATOM   866  C CA  . ASP A 1 93  ? 20.512  -1.638  -5.922  1.00 16.18 ? 1071 ASP A CA  1 
ATOM   867  C C   . ASP A 1 93  ? 20.187  -0.210  -5.537  1.00 15.26 ? 1071 ASP A C   1 
ATOM   868  O O   . ASP A 1 93  ? 19.057  0.113   -4.983  1.00 15.43 ? 1071 ASP A O   1 
ATOM   869  C CB  . ASP A 1 93  ? 21.375  -2.308  -4.869  1.00 18.08 ? 1071 ASP A CB  1 
ATOM   870  C CG  . ASP A 1 93  ? 21.434  -3.835  -4.948  1.00 18.94 ? 1071 ASP A CG  1 
ATOM   871  O OD1 . ASP A 1 93  ? 21.033  -4.422  -5.968  1.00 22.40 ? 1071 ASP A OD1 1 
ATOM   872  O OD2 . ASP A 1 93  ? 21.735  -4.437  -3.836  1.00 19.51 ? 1071 ASP A OD2 1 
ATOM   873  N N   . ARG A 1 94  ? 21.040  0.796   -5.758  1.00 14.47 ? 1072 ARG A N   1 
ATOM   874  C CA  . ARG A 1 94  ? 20.780  2.177   -5.360  1.00 15.42 ? 1072 ARG A CA  1 
ATOM   875  C C   . ARG A 1 94  ? 19.565  2.746   -6.152  1.00 13.80 ? 1072 ARG A C   1 
ATOM   876  O O   . ARG A 1 94  ? 18.824  3.529   -5.522  1.00 15.25 ? 1072 ARG A O   1 
ATOM   877  C CB  . ARG A 1 94  ? 22.016  3.083   -5.506  1.00 14.96 ? 1072 ARG A CB  1 
ATOM   878  C CG  . ARG A 1 94  ? 23.030  2.814   -4.393  1.00 18.48 ? 1072 ARG A CG  1 
ATOM   879  C CD  . ARG A 1 94  ? 24.291  3.697   -4.529  1.00 22.90 ? 1072 ARG A CD  1 
ATOM   880  N NE  . ARG A 1 94  ? 25.145  3.638   -3.310  1.00 26.69 ? 1072 ARG A NE  1 
ATOM   881  C CZ  . ARG A 1 94  ? 26.354  4.208   -3.200  1.00 39.52 ? 1072 ARG A CZ  1 
ATOM   882  N NH1 . ARG A 1 94  ? 26.850  4.891   -4.219  1.00 45.88 ? 1072 ARG A NH1 1 
ATOM   883  N NH2 . ARG A 1 94  ? 27.032  4.180   -2.053  1.00 34.04 ? 1072 ARG A NH2 1 
ATOM   884  N N   . LEU A 1 95  ? 19.386  2.390   -7.383  1.00 13.39 ? 1073 LEU A N   1 
ATOM   885  C CA  . LEU A 1 95  ? 18.241  2.869   -8.199  1.00 13.42 ? 1073 LEU A CA  1 
ATOM   886  C C   . LEU A 1 95  ? 16.924  2.319   -7.615  1.00 14.57 ? 1073 LEU A C   1 
ATOM   887  O O   . LEU A 1 95  ? 15.977  3.110   -7.399  1.00 13.97 ? 1073 LEU A O   1 
ATOM   888  C CB  . LEU A 1 95  ? 18.385  2.546   -9.660  1.00 12.84 ? 1073 LEU A CB  1 
ATOM   889  C CG  . LEU A 1 95  ? 17.231  2.942   -10.584 1.00 14.13 ? 1073 LEU A CG  1 
ATOM   890  C CD1 . LEU A 1 95  ? 17.038  4.424   -10.646 1.00 14.91 ? 1073 LEU A CD1 1 
ATOM   891  C CD2 . LEU A 1 95  ? 17.432  2.397   -11.969 1.00 16.10 ? 1073 LEU A CD2 1 
ATOM   892  N N   . ILE A 1 96  ? 16.826  1.026   -7.307  0.48 14.11 ? 1074 ILE A N   1 
ATOM   893  C CA  . ILE A 1 96  ? 15.539  0.511   -6.736  0.48 14.23 ? 1074 ILE A CA  1 
ATOM   894  C C   . ILE A 1 96  ? 15.310  1.140   -5.355  0.48 14.60 ? 1074 ILE A C   1 
ATOM   895  O O   . ILE A 1 96  ? 14.165  1.545   -5.015  0.48 13.04 ? 1074 ILE A O   1 
ATOM   896  C CB  . ILE A 1 96  ? 15.465  -1.027  -6.710  0.48 14.97 ? 1074 ILE A CB  1 
ATOM   897  C CG1 . ILE A 1 96  ? 14.007  -1.450  -6.500  0.48 15.01 ? 1074 ILE A CG1 1 
ATOM   898  C CG2 . ILE A 1 96  ? 16.383  -1.623  -5.648  0.48 15.69 ? 1074 ILE A CG2 1 
ATOM   899  C CD1 . ILE A 1 96  ? 13.735  -2.898  -6.728  0.48 15.45 ? 1074 ILE A CD1 1 
ATOM   900  N N   . ARG A 1 97  ? 16.342  1.280   -4.542  1.00 14.49 ? 1075 ARG A N   1 
ATOM   901  C CA  . ARG A 1 97  ? 16.131  1.876   -3.214  1.00 13.97 ? 1075 ARG A CA  1 
ATOM   902  C C   . ARG A 1 97  ? 15.554  3.306   -3.415  1.00 15.56 ? 1075 ARG A C   1 
ATOM   903  O O   . ARG A 1 97  ? 14.656  3.751   -2.616  1.00 14.86 ? 1075 ARG A O   1 
ATOM   904  C CB  . ARG A 1 97  ? 17.329  1.858   -2.294  1.00 15.25 ? 1075 ARG A CB  1 
ATOM   905  C CG  . ARG A 1 97  ? 17.749  0.455   -1.894  1.00 16.00 ? 1075 ARG A CG  1 
ATOM   906  C CD  . ARG A 1 97  ? 18.608  0.411   -0.665  1.00 19.47 ? 1075 ARG A CD  1 
ATOM   907  N NE  . ARG A 1 97  ? 19.762  1.312   -0.637  1.00 19.55 ? 1075 ARG A NE  1 
ATOM   908  C CZ  . ARG A 1 97  ? 20.974  1.005   -1.171  1.00 19.93 ? 1075 ARG A CZ  1 
ATOM   909  N NH1 . ARG A 1 97  ? 21.132  -0.123  -1.800  1.00 18.50 ? 1075 ARG A NH1 1 
ATOM   910  N NH2 . ARG A 1 97  ? 21.988  1.849   -1.092  1.00 24.29 ? 1075 ARG A NH2 1 
ATOM   911  N N   . HIS A 1 98  ? 16.123  4.112   -4.334  1.00 13.91 ? 1076 HIS A N   1 
ATOM   912  C CA  . HIS A 1 98  ? 15.650  5.498   -4.515  1.00 14.50 ? 1076 HIS A CA  1 
ATOM   913  C C   . HIS A 1 98  ? 14.174  5.448   -4.992  1.00 13.80 ? 1076 HIS A C   1 
ATOM   914  O O   . HIS A 1 98  ? 13.356  6.302   -4.476  1.00 14.06 ? 1076 HIS A O   1 
ATOM   915  C CB  . HIS A 1 98  ? 16.560  6.210   -5.547  1.00 14.25 ? 1076 HIS A CB  1 
ATOM   916  C CG  . HIS A 1 98  ? 16.345  7.699   -5.637  1.00 15.63 ? 1076 HIS A CG  1 
ATOM   917  N ND1 . HIS A 1 98  ? 15.471  8.236   -6.575  1.00 16.70 ? 1076 HIS A ND1 1 
ATOM   918  C CD2 . HIS A 1 98  ? 16.851  8.713   -4.903  1.00 16.80 ? 1076 HIS A CD2 1 
ATOM   919  C CE1 . HIS A 1 98  ? 15.504  9.581   -6.377  1.00 17.03 ? 1076 HIS A CE1 1 
ATOM   920  N NE2 . HIS A 1 98  ? 16.327  9.912   -5.372  1.00 17.19 ? 1076 HIS A NE2 1 
ATOM   921  N N   . ARG A 1 99  ? 13.825  4.556   -5.881  1.00 12.76 ? 1077 ARG A N   1 
ATOM   922  C CA  . ARG A 1 99  ? 12.438  4.388   -6.363  1.00 12.88 ? 1077 ARG A CA  1 
ATOM   923  C C   . ARG A 1 99  ? 11.546  3.963   -5.187  1.00 14.37 ? 1077 ARG A C   1 
ATOM   924  O O   . ARG A 1 99  ? 10.361  4.453   -5.130  1.00 14.34 ? 1077 ARG A O   1 
ATOM   925  C CB  . ARG A 1 99  ? 12.326  3.445   -7.537  1.00 13.37 ? 1077 ARG A CB  1 
ATOM   926  C CG  . ARG A 1 99  ? 13.015  4.014   -8.800  1.00 14.66 ? 1077 ARG A CG  1 
ATOM   927  C CD  . ARG A 1 99  ? 13.194  3.018   -9.892  1.00 15.27 ? 1077 ARG A CD  1 
ATOM   928  N NE  . ARG A 1 99  ? 13.509  3.612   -11.210 1.00 14.75 ? 1077 ARG A NE  1 
ATOM   929  C CZ  . ARG A 1 99  ? 13.679  2.921   -12.295 1.00 15.79 ? 1077 ARG A CZ  1 
ATOM   930  N NH1 . ARG A 1 99  ? 13.784  1.605   -12.282 1.00 17.07 ? 1077 ARG A NH1 1 
ATOM   931  N NH2 . ARG A 1 99  ? 13.931  3.607   -13.436 1.00 20.34 ? 1077 ARG A NH2 1 
ATOM   932  N N   . ALA A 1 100 ? 11.956  3.026   -4.337  1.00 12.96 ? 1078 ALA A N   1 
ATOM   933  C CA  . ALA A 1 100 ? 11.129  2.537   -3.185  1.00 14.64 ? 1078 ALA A CA  1 
ATOM   934  C C   . ALA A 1 100 ? 10.856  3.702   -2.282  1.00 14.66 ? 1078 ALA A C   1 
ATOM   935  O O   . ALA A 1 100 ? 9.668   3.830   -1.776  1.00 15.84 ? 1078 ALA A O   1 
ATOM   936  C CB  . ALA A 1 100 ? 11.883  1.417   -2.458  1.00 15.46 ? 1078 ALA A CB  1 
ATOM   937  N N   . CYS A 1 101 ? 11.814  4.525   -1.892  1.00 13.51 ? 1079 CYS A N   1 
ATOM   938  C CA  . CYS A 1 101 ? 11.663  5.697   -1.061  1.00 15.06 ? 1079 CYS A CA  1 
ATOM   939  C C   . CYS A 1 101 ? 10.693  6.672   -1.747  1.00 15.57 ? 1079 CYS A C   1 
ATOM   940  O O   . CYS A 1 101 ? 9.850   7.283   -1.030  1.00 15.92 ? 1079 CYS A O   1 
ATOM   941  C CB  . CYS A 1 101 ? 12.963  6.361   -0.672  1.00 17.48 ? 1079 CYS A CB  1 
ATOM   942  S SG  . CYS A 1 101 ? 13.937  5.293   0.459   1.00 22.65 ? 1079 CYS A SG  1 
ATOM   943  N N   . ALA A 1 102 ? 10.773  6.856   -3.045  1.00 14.24 ? 1080 ALA A N   1 
ATOM   944  C CA  . ALA A 1 102 ? 9.891   7.793   -3.789  1.00 15.19 ? 1080 ALA A CA  1 
ATOM   945  C C   . ALA A 1 102 ? 8.457   7.227   -3.769  1.00 14.66 ? 1080 ALA A C   1 
ATOM   946  O O   . ALA A 1 102 ? 7.493   8.045   -3.619  1.00 15.15 ? 1080 ALA A O   1 
ATOM   947  C CB  . ALA A 1 102 ? 10.386  8.037   -5.199  1.00 13.89 ? 1080 ALA A CB  1 
ATOM   948  N N   . LEU A 1 103 ? 8.236   5.936   -3.860  1.00 14.16 ? 1081 LEU A N   1 
ATOM   949  C CA  . LEU A 1 103 ? 6.859   5.332   -3.825  1.00 13.12 ? 1081 LEU A CA  1 
ATOM   950  C C   . LEU A 1 103 ? 6.295   5.626   -2.441  1.00 13.71 ? 1081 LEU A C   1 
ATOM   951  O O   . LEU A 1 103 ? 5.109   6.162   -2.359  1.00 13.45 ? 1081 LEU A O   1 
ATOM   952  C CB  . LEU A 1 103 ? 6.938   3.825   -4.068  1.00 14.00 ? 1081 LEU A CB  1 
ATOM   953  C CG  . LEU A 1 103 ? 5.638   3.085   -3.777  1.00 16.23 ? 1081 LEU A CG  1 
ATOM   954  C CD1 . LEU A 1 103 ? 4.693   3.360   -4.873  1.00 19.81 ? 1081 LEU A CD1 1 
ATOM   955  C CD2 . LEU A 1 103 ? 5.880   1.576   -3.645  1.00 19.39 ? 1081 LEU A CD2 1 
ATOM   956  N N   . ARG A 1 104 ? 6.983   5.407   -1.352  1.00 13.47 ? 1082 ARG A N   1 
ATOM   957  C CA  . ARG A 1 104 ? 6.531   5.660   0.019   1.00 14.87 ? 1082 ARG A CA  1 
ATOM   958  C C   . ARG A 1 104 ? 6.241   7.130   0.161   1.00 14.65 ? 1082 ARG A C   1 
ATOM   959  O O   . ARG A 1 104 ? 5.102   7.522   0.638   1.00 14.90 ? 1082 ARG A O   1 
ATOM   960  C CB  . ARG A 1 104 ? 7.615   5.159   0.995   1.00 17.42 ? 1082 ARG A CB  1 
ATOM   961  C CG  . ARG A 1 104 ? 7.305   5.444   2.470   1.00 19.64 ? 1082 ARG A CG  1 
ATOM   962  C CD  . ARG A 1 104 ? 8.635   5.337   3.312   1.00 25.15 ? 1082 ARG A CD  1 
ATOM   963  N NE  . ARG A 1 104 ? 9.587   6.424   2.861   1.00 28.80 ? 1082 ARG A NE  1 
ATOM   964  C CZ  . ARG A 1 104 ? 10.926  6.424   2.949   1.00 30.29 ? 1082 ARG A CZ  1 
ATOM   965  N NH1 . ARG A 1 104 ? 11.593  7.464   2.479   1.00 32.00 ? 1082 ARG A NH1 1 
ATOM   966  N NH2 . ARG A 1 104 ? 11.581  5.399   3.496   1.00 32.37 ? 1082 ARG A NH2 1 
ATOM   967  N N   . ASP A 1 105 ? 7.181   8.019   -0.178  1.00 14.86 ? 1083 ASP A N   1 
ATOM   968  C CA  . ASP A 1 105 ? 7.013   9.455   0.028   1.00 14.76 ? 1083 ASP A CA  1 
ATOM   969  C C   . ASP A 1 105 ? 5.802   9.974   -0.788  1.00 14.91 ? 1083 ASP A C   1 
ATOM   970  O O   . ASP A 1 105 ? 5.057   10.910  -0.281  1.00 15.38 ? 1083 ASP A O   1 
ATOM   971  C CB  . ASP A 1 105 ? 8.300   10.213  -0.265  1.00 17.77 ? 1083 ASP A CB  1 
ATOM   972  C CG  . ASP A 1 105 ? 9.433   9.921   0.734   1.00 21.21 ? 1083 ASP A CG  1 
ATOM   973  O OD1 . ASP A 1 105 ? 9.243   9.262   1.778   1.00 23.32 ? 1083 ASP A OD1 1 
ATOM   974  O OD2 . ASP A 1 105 ? 10.578  10.270  0.302   1.00 27.00 ? 1083 ASP A OD2 1 
ATOM   975  N N   . THR A 1 106 ? 5.642   9.528   -2.022  1.00 13.63 ? 1084 THR A N   1 
ATOM   976  C CA  . THR A 1 106 ? 4.567   9.970   -2.922  1.00 14.01 ? 1084 THR A CA  1 
ATOM   977  C C   . THR A 1 106 ? 3.205   9.546   -2.314  1.00 13.77 ? 1084 THR A C   1 
ATOM   978  O O   . THR A 1 106 ? 2.221   10.362  -2.252  1.00 13.91 ? 1084 THR A O   1 
ATOM   979  C CB  . THR A 1 106 ? 4.732   9.446   -4.352  1.00 14.67 ? 1084 THR A CB  1 
ATOM   980  O OG1 . THR A 1 106 ? 5.982   9.959   -4.896  1.00 16.66 ? 1084 THR A OG1 1 
ATOM   981  C CG2 . THR A 1 106 ? 3.608   9.873   -5.259  1.00 16.05 ? 1084 THR A CG2 1 
ATOM   982  N N   . ALA A 1 107 ? 3.050   8.304   -1.852  1.00 13.52 ? 1085 ALA A N   1 
ATOM   983  C CA  . ALA A 1 107 ? 1.799   7.830   -1.235  1.00 13.18 ? 1085 ALA A CA  1 
ATOM   984  C C   . ALA A 1 107 ? 1.489   8.689   -0.028  1.00 13.45 ? 1085 ALA A C   1 
ATOM   985  O O   . ALA A 1 107 ? 0.308   9.167   0.157   1.00 12.91 ? 1085 ALA A O   1 
ATOM   986  C CB  . ALA A 1 107 ? 1.912   6.376   -0.841  1.00 13.03 ? 1085 ALA A CB  1 
ATOM   987  N N   . TYR A 1 108 ? 2.442   8.901   0.883   1.00 12.91 ? 1086 TYR A N   1 
ATOM   988  C CA  . TYR A 1 108 ? 2.167   9.710   2.099   1.00 13.27 ? 1086 TYR A CA  1 
ATOM   989  C C   . TYR A 1 108 ? 1.813   11.158  1.694   1.00 14.75 ? 1086 TYR A C   1 
ATOM   990  O O   . TYR A 1 108 ? 0.928   11.757  2.396   1.00 15.21 ? 1086 TYR A O   1 
ATOM   991  C CB  . TYR A 1 108 ? 3.345   9.733   3.097   1.00 14.86 ? 1086 TYR A CB  1 
ATOM   992  C CG  . TYR A 1 108 ? 3.384   8.543   4.009   1.00 15.05 ? 1086 TYR A CG  1 
ATOM   993  C CD1 . TYR A 1 108 ? 3.870   7.299   3.630   1.00 15.58 ? 1086 TYR A CD1 1 
ATOM   994  C CD2 . TYR A 1 108 ? 2.903   8.618   5.326   1.00 16.37 ? 1086 TYR A CD2 1 
ATOM   995  C CE1 . TYR A 1 108 ? 3.948   6.217   4.510   1.00 16.54 ? 1086 TYR A CE1 1 
ATOM   996  C CE2 . TYR A 1 108 ? 2.914   7.546   6.194   1.00 18.66 ? 1086 TYR A CE2 1 
ATOM   997  C CZ  . TYR A 1 108 ? 3.458   6.330   5.806   1.00 17.43 ? 1086 TYR A CZ  1 
ATOM   998  O OH  . TYR A 1 108 ? 3.495   5.255   6.695   1.00 20.48 ? 1086 TYR A OH  1 
ATOM   999  N N   . ALA A 1 109 ? 2.405   11.754  0.667   1.00 13.24 ? 1087 ALA A N   1 
ATOM   1000 C CA  . ALA A 1 109 ? 2.144   13.162  0.288   1.00 14.24 ? 1087 ALA A CA  1 
ATOM   1001 C C   . ALA A 1 109 ? 0.731   13.271  -0.335  1.00 14.34 ? 1087 ALA A C   1 
ATOM   1002 O O   . ALA A 1 109 ? -0.021  14.286  -0.030  1.00 16.25 ? 1087 ALA A O   1 
ATOM   1003 C CB  . ALA A 1 109 ? 3.208   13.678  -0.628  1.00 16.48 ? 1087 ALA A CB  1 
ATOM   1004 N N   . ILE A 1 110 ? 0.278   12.336  -1.142  1.00 13.79 ? 1088 ILE A N   1 
ATOM   1005 C CA  . ILE A 1 110 ? -1.114  12.350  -1.701  1.00 13.09 ? 1088 ILE A CA  1 
ATOM   1006 C C   . ILE A 1 110 ? -2.070  12.247  -0.527  1.00 13.28 ? 1088 ILE A C   1 
ATOM   1007 O O   . ILE A 1 110 ? -3.079  13.033  -0.517  1.00 14.27 ? 1088 ILE A O   1 
ATOM   1008 C CB  . ILE A 1 110 ? -1.323  11.207  -2.689  1.00 13.50 ? 1088 ILE A CB  1 
ATOM   1009 C CG1 . ILE A 1 110 ? -0.542  11.431  -3.964  1.00 15.20 ? 1088 ILE A CG1 1 
ATOM   1010 C CG2 . ILE A 1 110 ? -2.803  11.016  -3.021  1.00 14.33 ? 1088 ILE A CG2 1 
ATOM   1011 C CD1 . ILE A 1 110 ? -0.505  10.252  -4.949  1.00 16.32 ? 1088 ILE A CD1 1 
ATOM   1012 N N   . ILE A 1 111 ? -1.872  11.352  0.419   1.00 13.38 ? 1089 ILE A N   1 
ATOM   1013 C CA  . ILE A 1 111 ? -2.749  11.182  1.603   1.00 14.83 ? 1089 ILE A CA  1 
ATOM   1014 C C   . ILE A 1 111 ? -2.757  12.461  2.445   1.00 16.14 ? 1089 ILE A C   1 
ATOM   1015 O O   . ILE A 1 111 ? -3.877  12.905  2.886   1.00 16.05 ? 1089 ILE A O   1 
ATOM   1016 C CB  . ILE A 1 111 ? -2.431  9.855   2.313   1.00 16.24 ? 1089 ILE A CB  1 
ATOM   1017 C CG1 . ILE A 1 111 ? -2.914  8.692   1.399   1.00 18.40 ? 1089 ILE A CG1 1 
ATOM   1018 C CG2 . ILE A 1 111 ? -2.988  9.818   3.717   1.00 20.94 ? 1089 ILE A CG2 1 
ATOM   1019 C CD1 . ILE A 1 111 ? -2.327  7.295   1.750   1.00 23.24 ? 1089 ILE A CD1 1 
ATOM   1020 N N   . LYS A 1 112 ? -1.625  13.073  2.724   1.00 16.10 ? 1090 LYS A N   1 
ATOM   1021 C CA  . LYS A 1 112 ? -1.594  14.299  3.562   1.00 18.64 ? 1090 LYS A CA  1 
ATOM   1022 C C   . LYS A 1 112 ? -2.458  15.367  2.873   1.00 18.54 ? 1090 LYS A C   1 
ATOM   1023 O O   . LYS A 1 112 ? -3.223  16.060  3.645   1.00 20.83 ? 1090 LYS A O   1 
ATOM   1024 C CB  . LYS A 1 112 ? -0.133  14.775  3.714   1.00 21.07 ? 1090 LYS A CB  1 
ATOM   1025 C CG  . LYS A 1 112 ? -0.050  15.971  4.703   1.00 25.28 ? 1090 LYS A CG  1 
ATOM   1026 C CD  . LYS A 1 112 ? 1.343   16.461  4.908   1.00 32.63 ? 1090 LYS A CD  1 
ATOM   1027 C CE  . LYS A 1 112 ? 1.383   17.548  5.981   1.00 39.89 ? 1090 LYS A CE  1 
ATOM   1028 N NZ  . LYS A 1 112 ? 2.749   18.105  6.026   1.00 47.37 ? 1090 LYS A NZ  1 
ATOM   1029 N N   . GLU A 1 113 ? -2.416  15.531  1.564   1.00 16.94 ? 1091 GLU A N   1 
ATOM   1030 C CA  . GLU A 1 113 ? -3.165  16.570  0.817   1.00 19.00 ? 1091 GLU A CA  1 
ATOM   1031 C C   . GLU A 1 113 ? -4.647  16.200  0.685   1.00 20.76 ? 1091 GLU A C   1 
ATOM   1032 O O   . GLU A 1 113 ? -5.513  17.154  0.732   1.00 25.58 ? 1091 GLU A O   1 
ATOM   1033 C CB  . GLU A 1 113 ? -2.626  16.860  -0.586  1.00 25.03 ? 1091 GLU A CB  1 
ATOM   1034 C CG  . GLU A 1 113 ? -1.388  17.740  -0.741  1.00 39.88 ? 1091 GLU A CG  1 
ATOM   1035 C CD  . GLU A 1 113 ? -1.129  18.398  -2.122  1.00 51.43 ? 1091 GLU A CD  1 
ATOM   1036 O OE1 . GLU A 1 113 ? -1.526  17.838  -3.227  1.00 46.57 ? 1091 GLU A OE1 1 
ATOM   1037 O OE2 . GLU A 1 113 ? -0.484  19.484  -2.122  1.00 50.42 ? 1091 GLU A OE2 1 
ATOM   1038 N N   . GLU A 1 114 ? -5.026  14.946  0.487   1.00 14.49 ? 1092 GLU A N   1 
ATOM   1039 C CA  . GLU A 1 114 ? -6.379  14.595  -0.067  1.00 14.90 ? 1092 GLU A CA  1 
ATOM   1040 C C   . GLU A 1 114 ? -7.191  13.796  0.941   1.00 14.76 ? 1092 GLU A C   1 
ATOM   1041 O O   . GLU A 1 114 ? -8.408  13.674  0.690   1.00 17.35 ? 1092 GLU A O   1 
ATOM   1042 C CB  . GLU A 1 114 ? -6.233  13.813  -1.381  1.00 14.17 ? 1092 GLU A CB  1 
ATOM   1043 C CG  . GLU A 1 114 ? -5.427  14.594  -2.461  1.00 14.72 ? 1092 GLU A CG  1 
ATOM   1044 C CD  . GLU A 1 114 ? -5.284  13.897  -3.774  1.00 16.25 ? 1092 GLU A CD  1 
ATOM   1045 O OE1 . GLU A 1 114 ? -6.079  12.988  -4.156  1.00 16.04 ? 1092 GLU A OE1 1 
ATOM   1046 O OE2 . GLU A 1 114 ? -4.278  14.224  -4.523  1.00 17.39 ? 1092 GLU A OE2 1 
ATOM   1047 N N   . LEU A 1 115 ? -6.666  13.247  2.001   1.00 14.93 ? 1093 LEU A N   1 
ATOM   1048 C CA  . LEU A 1 115 ? -7.459  12.541  3.056   1.00 14.90 ? 1093 LEU A CA  1 
ATOM   1049 C C   . LEU A 1 115 ? -7.895  13.564  4.109   1.00 17.29 ? 1093 LEU A C   1 
ATOM   1050 O O   . LEU A 1 115 ? -7.041  14.180  4.775   1.00 18.93 ? 1093 LEU A O   1 
ATOM   1051 C CB  . LEU A 1 115 ? -6.591  11.464  3.723   1.00 16.51 ? 1093 LEU A CB  1 
ATOM   1052 C CG  . LEU A 1 115 ? -7.154  10.772  4.981   1.00 19.76 ? 1093 LEU A CG  1 
ATOM   1053 C CD1 . LEU A 1 115 ? -8.419  10.053  4.604   1.00 17.85 ? 1093 LEU A CD1 1 
ATOM   1054 C CD2 . LEU A 1 115 ? -6.147  9.817   5.652   1.00 20.20 ? 1093 LEU A CD2 1 
ATOM   1055 N N   . ASP A 1 116 ? -9.198  13.624  4.416   1.00 15.27 ? 1094 ASP A N   1 
ATOM   1056 C CA  . ASP A 1 116 ? -9.651  14.444  5.549   1.00 16.45 ? 1094 ASP A CA  1 
ATOM   1057 C C   . ASP A 1 116 ? -9.374  13.693  6.848   1.00 16.34 ? 1094 ASP A C   1 
ATOM   1058 O O   . ASP A 1 116 ? -9.780  12.538  6.982   1.00 15.37 ? 1094 ASP A O   1 
ATOM   1059 C CB  . ASP A 1 116 ? -11.157 14.698  5.373   1.00 17.55 ? 1094 ASP A CB  1 
ATOM   1060 C CG  . ASP A 1 116 ? -11.696 15.749  6.352   1.00 23.96 ? 1094 ASP A CG  1 
ATOM   1061 O OD1 . ASP A 1 116 ? -11.520 15.592  7.580   1.00 24.70 ? 1094 ASP A OD1 1 
ATOM   1062 O OD2 . ASP A 1 116 ? -12.291 16.750  5.881   1.00 23.68 ? 1094 ASP A OD2 1 
ATOM   1063 N N   A GLU A 1 117 ? -8.701  14.332  7.807   0.15 17.29 ? 1095 GLU A N   1 
ATOM   1064 N N   B GLU A 1 117 ? -8.722  14.352  7.811   0.19 16.39 ? 1095 GLU A N   1 
ATOM   1065 N N   C GLU A 1 117 ? -8.701  14.332  7.807   0.15 17.29 ? 1095 GLU A N   1 
ATOM   1066 C CA  A GLU A 1 117 ? -8.344  13.702  9.105   0.15 18.49 ? 1095 GLU A CA  1 
ATOM   1067 C CA  B GLU A 1 117 ? -8.328  13.731  9.103   0.19 16.95 ? 1095 GLU A CA  1 
ATOM   1068 C CA  C GLU A 1 117 ? -8.344  13.702  9.105   0.15 18.49 ? 1095 GLU A CA  1 
ATOM   1069 C C   A GLU A 1 117 ? -9.605  13.200  9.825   0.15 16.53 ? 1095 GLU A C   1 
ATOM   1070 C C   B GLU A 1 117 ? -9.571  13.254  9.876   0.19 15.66 ? 1095 GLU A C   1 
ATOM   1071 C C   C GLU A 1 117 ? -9.605  13.200  9.825   0.15 16.53 ? 1095 GLU A C   1 
ATOM   1072 O O   A GLU A 1 117 ? -9.535  12.148  10.505  0.15 16.73 ? 1095 GLU A O   1 
ATOM   1073 O O   B GLU A 1 117 ? -9.444  12.275  10.656  0.19 16.16 ? 1095 GLU A O   1 
ATOM   1074 O O   C GLU A 1 117 ? -9.535  12.148  10.505  0.15 16.73 ? 1095 GLU A O   1 
ATOM   1075 C CB  A GLU A 1 117 ? -7.563  14.681  9.990   0.15 22.23 ? 1095 GLU A CB  1 
ATOM   1076 C CB  B GLU A 1 117 ? -7.435  14.671  9.936   0.19 19.37 ? 1095 GLU A CB  1 
ATOM   1077 C CB  C GLU A 1 117 ? -7.563  14.681  9.990   0.15 22.23 ? 1095 GLU A CB  1 
ATOM   1078 C CG  A GLU A 1 117 ? -6.121  14.879  9.560   0.15 25.71 ? 1095 GLU A CG  1 
ATOM   1079 C CG  B GLU A 1 117 ? -8.124  15.941  10.434  0.19 21.17 ? 1095 GLU A CG  1 
ATOM   1080 C CG  C GLU A 1 117 ? -6.121  14.879  9.560   0.15 25.71 ? 1095 GLU A CG  1 
ATOM   1081 C CD  A GLU A 1 117 ? -5.316  15.795  10.478  0.15 30.34 ? 1095 GLU A CD  1 
ATOM   1082 C CD  B GLU A 1 117 ? -7.264  16.964  11.179  0.19 24.81 ? 1095 GLU A CD  1 
ATOM   1083 C CD  C GLU A 1 117 ? -5.316  15.795  10.478  0.15 30.34 ? 1095 GLU A CD  1 
ATOM   1084 O OE1 A GLU A 1 117 ? -5.568  15.778  11.710  0.15 32.09 ? 1095 GLU A OE1 1 
ATOM   1085 O OE1 B GLU A 1 117 ? -6.031  16.830  11.175  0.19 26.21 ? 1095 GLU A OE1 1 
ATOM   1086 O OE1 C GLU A 1 117 ? -5.568  15.778  11.710  0.15 32.09 ? 1095 GLU A OE1 1 
ATOM   1087 O OE2 A GLU A 1 117 ? -4.452  16.537  9.960   0.15 34.66 ? 1095 GLU A OE2 1 
ATOM   1088 O OE2 B GLU A 1 117 ? -7.832  17.915  11.753  0.19 26.00 ? 1095 GLU A OE2 1 
ATOM   1089 O OE2 C GLU A 1 117 ? -4.452  16.537  9.960   0.15 34.66 ? 1095 GLU A OE2 1 
ATOM   1090 N N   . ASP A 1 118 ? -10.725 13.922  9.713   1.00 16.01 ? 1096 ASP A N   1 
ATOM   1091 C CA  . ASP A 1 118 ? -11.967 13.487  10.420  1.00 15.44 ? 1096 ASP A CA  1 
ATOM   1092 C C   . ASP A 1 118 ? -12.601 12.242  9.762   1.00 13.88 ? 1096 ASP A C   1 
ATOM   1093 O O   . ASP A 1 118 ? -13.306 11.450  10.419  1.00 15.09 ? 1096 ASP A O   1 
ATOM   1094 C CB  . ASP A 1 118 ? -12.990 14.616  10.580  1.00 16.04 ? 1096 ASP A CB  1 
ATOM   1095 C CG  . ASP A 1 118 ? -12.555 15.713  11.572  1.00 20.27 ? 1096 ASP A CG  1 
ATOM   1096 O OD1 . ASP A 1 118 ? -11.685 15.494  12.410  1.00 22.95 ? 1096 ASP A OD1 1 
ATOM   1097 O OD2 . ASP A 1 118 ? -13.036 16.804  11.321  1.00 27.72 ? 1096 ASP A OD2 1 
ATOM   1098 N N   . PHE A 1 119 ? -12.399 12.069  8.449   1.00 14.32 ? 1097 PHE A N   1 
ATOM   1099 C CA  . PHE A 1 119 ? -12.819 10.833  7.735   1.00 13.60 ? 1097 PHE A CA  1 
ATOM   1100 C C   . PHE A 1 119 ? -11.969 9.652   8.239   1.00 13.39 ? 1097 PHE A C   1 
ATOM   1101 O O   . PHE A 1 119 ? -12.563 8.576   8.610   1.00 13.81 ? 1097 PHE A O   1 
ATOM   1102 C CB  . PHE A 1 119 ? -12.703 11.006  6.205   1.00 13.64 ? 1097 PHE A CB  1 
ATOM   1103 C CG  . PHE A 1 119 ? -13.145 9.771   5.456   1.00 12.88 ? 1097 PHE A CG  1 
ATOM   1104 C CD1 . PHE A 1 119 ? -14.479 9.594   5.103   1.00 13.91 ? 1097 PHE A CD1 1 
ATOM   1105 C CD2 . PHE A 1 119 ? -12.237 8.778   5.090   1.00 13.55 ? 1097 PHE A CD2 1 
ATOM   1106 C CE1 . PHE A 1 119 ? -14.900 8.408   4.523   1.00 15.06 ? 1097 PHE A CE1 1 
ATOM   1107 C CE2 . PHE A 1 119 ? -12.681 7.608   4.477   1.00 14.11 ? 1097 PHE A CE2 1 
ATOM   1108 C CZ  . PHE A 1 119 ? -13.993 7.454   4.158   1.00 14.37 ? 1097 PHE A CZ  1 
ATOM   1109 N N   . GLU A 1 120 ? -10.654 9.808   8.348   1.00 14.02 ? 1098 GLU A N   1 
ATOM   1110 C CA  . GLU A 1 120 ? -9.834  8.716   8.895   1.00 14.54 ? 1098 GLU A CA  1 
ATOM   1111 C C   . GLU A 1 120 ? -10.238 8.401   10.357  1.00 14.30 ? 1098 GLU A C   1 
ATOM   1112 O O   . GLU A 1 120 ? -10.274 7.233   10.736  1.00 14.85 ? 1098 GLU A O   1 
ATOM   1113 C CB  . GLU A 1 120 ? -8.363  9.114   8.832   1.00 15.44 ? 1098 GLU A CB  1 
ATOM   1114 C CG  . GLU A 1 120 ? -7.402  8.107   9.444   1.00 16.39 ? 1098 GLU A CG  1 
ATOM   1115 C CD  . GLU A 1 120 ? -7.315  6.697   8.847   1.00 18.03 ? 1098 GLU A CD  1 
ATOM   1116 O OE1 . GLU A 1 120 ? -7.969  6.405   7.831   1.00 18.58 ? 1098 GLU A OE1 1 
ATOM   1117 O OE2 . GLU A 1 120 ? -6.560  5.858   9.467   1.00 21.68 ? 1098 GLU A OE2 1 
ATOM   1118 N N   . GLN A 1 121 ? -10.465 9.451   11.186  1.00 15.09 ? 1099 GLN A N   1 
ATOM   1119 C CA  . GLN A 1 121 ? -10.821 9.185   12.615  1.00 15.46 ? 1099 GLN A CA  1 
ATOM   1120 C C   . GLN A 1 121 ? -12.154 8.439   12.719  1.00 15.34 ? 1099 GLN A C   1 
ATOM   1121 O O   . GLN A 1 121 ? -12.289 7.502   13.539  1.00 15.77 ? 1099 GLN A O   1 
ATOM   1122 C CB  . GLN A 1 121 ? -10.881 10.516  13.352  1.00 17.44 ? 1099 GLN A CB  1 
ATOM   1123 C CG  . GLN A 1 121 ? -11.118 10.384  14.860  1.00 17.99 ? 1099 GLN A CG  1 
ATOM   1124 C CD  . GLN A 1 121 ? -9.934  9.748   15.544  1.00 22.55 ? 1099 GLN A CD  1 
ATOM   1125 O OE1 . GLN A 1 121 ? -8.777  9.929   15.112  1.00 26.46 ? 1099 GLN A OE1 1 
ATOM   1126 N NE2 . GLN A 1 121 ? -10.248 8.925   16.560  1.00 23.47 ? 1099 GLN A NE2 1 
ATOM   1127 N N   . LEU A 1 122 ? -13.135 8.744   11.844  1.00 14.00 ? 1100 LEU A N   1 
ATOM   1128 C CA  . LEU A 1 122 ? -14.400 8.015   11.767  1.00 14.23 ? 1100 LEU A CA  1 
ATOM   1129 C C   . LEU A 1 122 ? -14.129 6.523   11.453  1.00 15.78 ? 1100 LEU A C   1 
ATOM   1130 O O   . LEU A 1 122 ? -14.684 5.613   12.122  1.00 15.54 ? 1100 LEU A O   1 
ATOM   1131 C CB  . LEU A 1 122 ? -15.399 8.644   10.789  1.00 13.62 ? 1100 LEU A CB  1 
ATOM   1132 C CG  . LEU A 1 122 ? -16.700 7.903   10.608  1.00 14.54 ? 1100 LEU A CG  1 
ATOM   1133 C CD1 . LEU A 1 122 ? -17.488 7.736   11.941  1.00 15.99 ? 1100 LEU A CD1 1 
ATOM   1134 C CD2 . LEU A 1 122 ? -17.557 8.550   9.527   1.00 16.26 ? 1100 LEU A CD2 1 
ATOM   1135 N N   . CYS A 1 123 ? -13.317 6.231   10.419  1.00 14.05 ? 1101 CYS A N   1 
ATOM   1136 C CA  . CYS A 1 123 ? -13.024 4.812   10.065  1.00 15.42 ? 1101 CYS A CA  1 
ATOM   1137 C C   . CYS A 1 123 ? -12.376 4.124   11.294  1.00 15.77 ? 1101 CYS A C   1 
ATOM   1138 O O   . CYS A 1 123 ? -12.772 2.973   11.553  1.00 16.39 ? 1101 CYS A O   1 
ATOM   1139 C CB  . CYS A 1 123 ? -12.076 4.786   8.868   1.00 15.12 ? 1101 CYS A CB  1 
ATOM   1140 S SG  . CYS A 1 123 ? -12.759 5.280   7.276   1.00 15.10 ? 1101 CYS A SG  1 
ATOM   1141 N N   . GLU A 1 124 ? -11.460 4.778   11.988  1.00 15.11 ? 1102 GLU A N   1 
ATOM   1142 C CA  . GLU A 1 124 ? -10.743 4.192   13.154  1.00 17.45 ? 1102 GLU A CA  1 
ATOM   1143 C C   . GLU A 1 124 ? -11.785 3.863   14.235  1.00 20.11 ? 1102 GLU A C   1 
ATOM   1144 O O   . GLU A 1 124 ? -11.715 2.766   14.869  1.00 21.07 ? 1102 GLU A O   1 
ATOM   1145 C CB  . GLU A 1 124 ? -9.568  5.062   13.621  1.00 18.64 ? 1102 GLU A CB  1 
ATOM   1146 C CG  . GLU A 1 124 ? -8.405  5.144   12.609  1.00 24.04 ? 1102 GLU A CG  1 
ATOM   1147 C CD  . GLU A 1 124 ? -7.135  5.973   12.914  1.00 31.71 ? 1102 GLU A CD  1 
ATOM   1148 O OE1 . GLU A 1 124 ? -7.011  6.304   14.103  1.00 36.49 ? 1102 GLU A OE1 1 
ATOM   1149 O OE2 . GLU A 1 124 ? -6.235  6.305   11.968  1.00 25.81 ? 1102 GLU A OE2 1 
ATOM   1150 N N   . GLU A 1 125 ? -12.754 4.758   14.485  1.00 17.36 ? 1103 GLU A N   1 
ATOM   1151 C CA  . GLU A 1 125 ? -13.744 4.533   15.577  1.00 17.22 ? 1103 GLU A CA  1 
ATOM   1152 C C   . GLU A 1 125 ? -14.735 3.475   15.180  1.00 19.85 ? 1103 GLU A C   1 
ATOM   1153 O O   . GLU A 1 125 ? -15.088 2.628   16.115  1.00 22.82 ? 1103 GLU A O   1 
ATOM   1154 C CB  . GLU A 1 125 ? -14.377 5.889   15.999  1.00 16.98 ? 1103 GLU A CB  1 
ATOM   1155 C CG  . GLU A 1 125 ? -13.419 6.782   16.720  1.00 17.71 ? 1103 GLU A CG  1 
ATOM   1156 C CD  . GLU A 1 125 ? -13.826 8.181   17.234  1.00 16.37 ? 1103 GLU A CD  1 
ATOM   1157 O OE1 . GLU A 1 125 ? -15.048 8.486   17.183  1.00 18.48 ? 1103 GLU A OE1 1 
ATOM   1158 O OE2 . GLU A 1 125 ? -12.923 8.921   17.714  1.00 20.14 ? 1103 GLU A OE2 1 
ATOM   1159 N N   . ILE A 1 126 ? -15.190 3.333   13.948  1.00 17.93 ? 1104 ILE A N   1 
ATOM   1160 C CA  . ILE A 1 126 ? -16.046 2.202   13.543  1.00 18.44 ? 1104 ILE A CA  1 
ATOM   1161 C C   . ILE A 1 126 ? -15.206 0.904   13.737  1.00 22.98 ? 1104 ILE A C   1 
ATOM   1162 O O   . ILE A 1 126 ? -15.754 -0.058  14.341  1.00 25.15 ? 1104 ILE A O   1 
ATOM   1163 C CB  . ILE A 1 126 ? -16.555 2.314   12.082  1.00 17.74 ? 1104 ILE A CB  1 
ATOM   1164 C CG1 . ILE A 1 126 ? -17.302 3.638   11.829  1.00 17.85 ? 1104 ILE A CG1 1 
ATOM   1165 C CG2 . ILE A 1 126 ? -17.405 1.105   11.752  1.00 18.99 ? 1104 ILE A CG2 1 
ATOM   1166 C CD1 . ILE A 1 126 ? -17.512 3.996   10.406  1.00 18.41 ? 1104 ILE A CD1 1 
ATOM   1167 N N   . GLN A 1 127 ? -13.969 0.825   13.217  1.00 23.12 ? 1105 GLN A N   1 
ATOM   1168 C CA  . GLN A 1 127 ? -13.066 -0.404  13.351  1.00 24.84 ? 1105 GLN A CA  1 
ATOM   1169 C C   . GLN A 1 127 ? -12.991 -0.834  14.838  1.00 28.45 ? 1105 GLN A C   1 
ATOM   1170 O O   . GLN A 1 127 ? -13.189 -2.048  15.148  1.00 26.85 ? 1105 GLN A O   1 
ATOM   1171 C CB  . GLN A 1 127 ? -11.681 -0.147  12.718  1.00 23.07 ? 1105 GLN A CB  1 
ATOM   1172 C CG  . GLN A 1 127 ? -10.632 -1.295  12.818  1.00 25.08 ? 1105 GLN A CG  1 
ATOM   1173 C CD  . GLN A 1 127 ? -9.252  -0.906  12.329  1.00 25.73 ? 1105 GLN A CD  1 
ATOM   1174 O OE1 . GLN A 1 127 ? -8.617  0.065   12.802  1.00 29.75 ? 1105 GLN A OE1 1 
ATOM   1175 N NE2 . GLN A 1 127 ? -8.722  -1.691  11.381  1.00 28.31 ? 1105 GLN A NE2 1 
ATOM   1176 N N   A GLU A 1 128 ? -12.693 0.112   15.732  0.15 27.89 ? 1106 GLU A N   1 
ATOM   1177 N N   B GLU A 1 128 ? -12.753 0.128   15.739  0.20 25.35 ? 1106 GLU A N   1 
ATOM   1178 N N   C GLU A 1 128 ? -12.693 0.112   15.732  0.15 27.89 ? 1106 GLU A N   1 
ATOM   1179 C CA  A GLU A 1 128 ? -12.538 -0.135  17.194  0.15 30.49 ? 1106 GLU A CA  1 
ATOM   1180 C CA  B GLU A 1 128 ? -12.521 -0.111  17.195  0.20 27.35 ? 1106 GLU A CA  1 
ATOM   1181 C CA  C GLU A 1 128 ? -12.538 -0.135  17.194  0.15 30.49 ? 1106 GLU A CA  1 
ATOM   1182 C C   A GLU A 1 128 ? -13.818 -0.776  17.751  0.15 31.14 ? 1106 GLU A C   1 
ATOM   1183 C C   B GLU A 1 128 ? -13.810 -0.557  17.896  0.20 29.74 ? 1106 GLU A C   1 
ATOM   1184 C C   C GLU A 1 128 ? -13.818 -0.776  17.751  0.15 31.14 ? 1106 GLU A C   1 
ATOM   1185 O O   A GLU A 1 128 ? -13.713 -1.732  18.569  0.15 30.39 ? 1106 GLU A O   1 
ATOM   1186 O O   B GLU A 1 128 ? -13.685 -1.084  19.041  0.20 30.30 ? 1106 GLU A O   1 
ATOM   1187 O O   C GLU A 1 128 ? -13.713 -1.732  18.569  0.15 30.39 ? 1106 GLU A O   1 
ATOM   1188 C CB  A GLU A 1 128 ? -12.169 1.175   17.893  0.15 32.22 ? 1106 GLU A CB  1 
ATOM   1189 C CB  B GLU A 1 128 ? -11.972 1.138   17.887  0.20 26.66 ? 1106 GLU A CB  1 
ATOM   1190 C CB  C GLU A 1 128 ? -12.169 1.175   17.893  0.15 32.22 ? 1106 GLU A CB  1 
ATOM   1191 C CG  A GLU A 1 128 ? -10.672 1.329   18.097  0.15 35.16 ? 1106 GLU A CG  1 
ATOM   1192 C CG  B GLU A 1 128 ? -11.894 0.995   19.403  0.20 27.87 ? 1106 GLU A CG  1 
ATOM   1193 C CG  C GLU A 1 128 ? -10.672 1.329   18.097  0.15 35.16 ? 1106 GLU A CG  1 
ATOM   1194 C CD  A GLU A 1 128 ? -10.093 2.714   17.864  0.15 38.90 ? 1106 GLU A CD  1 
ATOM   1195 C CD  B GLU A 1 128 ? -10.961 -0.102  19.884  0.20 29.78 ? 1106 GLU A CD  1 
ATOM   1196 C CD  C GLU A 1 128 ? -10.093 2.714   17.864  0.15 38.90 ? 1106 GLU A CD  1 
ATOM   1197 O OE1 A GLU A 1 128 ? -10.801 3.722   18.118  0.15 38.79 ? 1106 GLU A OE1 1 
ATOM   1198 O OE1 B GLU A 1 128 ? -11.234 -0.678  20.960  0.20 30.44 ? 1106 GLU A OE1 1 
ATOM   1199 O OE1 C GLU A 1 128 ? -10.801 3.722   18.118  0.15 38.79 ? 1106 GLU A OE1 1 
ATOM   1200 O OE2 A GLU A 1 128 ? -8.927  2.784   17.426  0.15 42.10 ? 1106 GLU A OE2 1 
ATOM   1201 O OE2 B GLU A 1 128 ? -9.955  -0.361  19.203  0.20 30.25 ? 1106 GLU A OE2 1 
ATOM   1202 O OE2 C GLU A 1 128 ? -8.927  2.784   17.426  0.15 42.10 ? 1106 GLU A OE2 1 
ATOM   1203 N N   . SER A 1 129 ? -14.984 -0.321  17.293  1.00 30.42 ? 1107 SER A N   1 
ATOM   1204 C CA  . SER A 1 129 ? -16.302 -0.757  17.834  1.00 33.03 ? 1107 SER A CA  1 
ATOM   1205 C C   . SER A 1 129 ? -16.664 -2.185  17.433  1.00 40.54 ? 1107 SER A C   1 
ATOM   1206 O O   . SER A 1 129 ? -17.710 -2.649  17.921  1.00 41.41 ? 1107 SER A O   1 
ATOM   1207 C CB  . SER A 1 129 ? -17.405 0.169   17.381  1.00 34.15 ? 1107 SER A CB  1 
ATOM   1208 O OG  . SER A 1 129 ? -17.772 -0.131  16.025  1.00 32.60 ? 1107 SER A OG  1 
ATOM   1209 N N   . ARG A 1 130 ? -15.938 -2.812  16.507  1.00 39.66 ? 1108 ARG A N   1 
ATOM   1210 C CA  . ARG A 1 130 ? -16.366 -4.109  15.923  1.00 45.89 ? 1108 ARG A CA  1 
ATOM   1211 C C   . ARG A 1 130 ? -15.686 -5.247  16.697  1.00 52.71 ? 1108 ARG A C   1 
ATOM   1212 O O   . ARG A 1 130 ? -14.689 -5.028  17.418  1.00 51.90 ? 1108 ARG A O   1 
ATOM   1213 C CB  . ARG A 1 130 ? -16.091 -4.150  14.419  1.00 45.64 ? 1108 ARG A CB  1 
ATOM   1214 C CG  . ARG A 1 130 ? -16.851 -3.046  13.704  1.00 49.92 ? 1108 ARG A CG  1 
ATOM   1215 C CD  . ARG A 1 130 ? -17.298 -3.378  12.310  1.00 46.41 ? 1108 ARG A CD  1 
ATOM   1216 N NE  . ARG A 1 130 ? -18.431 -2.528  11.931  1.00 41.28 ? 1108 ARG A NE  1 
ATOM   1217 C CZ  . ARG A 1 130 ? -18.838 -2.350  10.681  1.00 38.17 ? 1108 ARG A CZ  1 
ATOM   1218 N NH1 . ARG A 1 130 ? -18.214 -3.011  9.711   1.00 49.04 ? 1108 ARG A NH1 1 
ATOM   1219 N NH2 . ARG A 1 130 ? -19.873 -1.575  10.394  1.00 34.49 ? 1108 ARG A NH2 1 
ATOM   1220 O OXT . ARG A 1 130 ? -16.196 -6.384  16.563  1.00 54.29 ? 1108 ARG A OXT 1 
HETATM 1221 C C4  . RH4 B 2 .   ? 15.808  -9.003  -7.990  0.48 33.43 ? 1201 RH4 A C4  1 
HETATM 1222 C C5  . RH4 B 2 .   ? 15.349  -9.399  -9.226  0.48 33.74 ? 1201 RH4 A C5  1 
HETATM 1223 C C6  . RH4 B 2 .   ? 16.429  -10.124 -9.841  0.48 34.25 ? 1201 RH4 A C6  1 
HETATM 1224 C C7  . RH4 B 2 .   ? 17.456  -10.120 -8.933  0.48 34.50 ? 1201 RH4 A C7  1 
HETATM 1225 C C8  . RH4 B 2 .   ? 14.745  -6.130  -8.308  0.48 29.56 ? 1201 RH4 A C8  1 
HETATM 1226 C C10 . RH4 B 2 .   ? 16.385  -4.392  -8.770  0.48 29.39 ? 1201 RH4 A C10 1 
HETATM 1227 N N   . RH4 B 2 .   ? 15.796  -4.096  -9.950  0.48 29.49 ? 1201 RH4 A N   1 
HETATM 1228 C C   . RH4 B 2 .   ? 13.223  -6.580  -6.411  0.48 28.49 ? 1201 RH4 A C   1 
HETATM 1229 O O   . RH4 B 2 .   ? 13.486  -6.447  -5.221  0.48 27.34 ? 1201 RH4 A O   1 
HETATM 1230 C C1  . RH4 B 2 .   ? 10.961  -5.519  -6.264  0.48 26.76 ? 1201 RH4 A C1  1 
HETATM 1231 C C11 . RH4 B 2 .   ? 14.681  -4.819  -10.317 0.48 29.62 ? 1201 RH4 A C11 1 
HETATM 1232 C C12 . RH4 B 2 .   ? 14.129  -5.822  -9.530  0.48 28.16 ? 1201 RH4 A C12 1 
HETATM 1233 C C2  . RH4 B 2 .   ? 14.141  -7.232  -7.457  0.48 30.40 ? 1201 RH4 A C2  1 
HETATM 1234 C C3  . RH4 B 2 .   ? 15.201  -8.196  -6.876  0.48 32.27 ? 1201 RH4 A C3  1 
HETATM 1235 C C9  . RH4 B 2 .   ? 15.896  -5.407  -7.915  0.48 30.32 ? 1201 RH4 A C9  1 
HETATM 1236 O O1  . RH4 B 2 .   ? 12.040  -6.169  -6.993  0.48 28.27 ? 1201 RH4 A O1  1 
HETATM 1237 O O2  . RH4 B 2 .   ? 17.100  -9.440  -7.797  0.48 35.76 ? 1201 RH4 A O2  1 
HETATM 1238 S S   . SO4 C 3 .   ? 30.913  4.312   -1.844  1.00 25.00 ? 1202 SO4 A S   1 
HETATM 1239 O O1  . SO4 C 3 .   ? 32.205  4.118   -2.507  1.00 27.75 ? 1202 SO4 A O1  1 
HETATM 1240 O O2  . SO4 C 3 .   ? 30.257  3.000   -1.949  1.00 28.94 ? 1202 SO4 A O2  1 
HETATM 1241 O O3  . SO4 C 3 .   ? 31.000  4.909   -0.586  1.00 26.16 ? 1202 SO4 A O3  1 
HETATM 1242 O O4  . SO4 C 3 .   ? 30.174  5.199   -2.786  1.00 33.63 ? 1202 SO4 A O4  1 
HETATM 1243 S S   . SO4 D 3 .   ? -4.127  -10.880 5.994   0.50 24.46 ? 1203 SO4 A S   1 
HETATM 1244 O O1  . SO4 D 3 .   ? -4.017  -11.531 7.301   0.50 27.11 ? 1203 SO4 A O1  1 
HETATM 1245 O O2  . SO4 D 3 .   ? -2.792  -10.483 5.564   0.50 25.69 ? 1203 SO4 A O2  1 
HETATM 1246 O O3  . SO4 D 3 .   ? -4.988  -9.700  6.101   0.50 26.93 ? 1203 SO4 A O3  1 
HETATM 1247 O O4  . SO4 D 3 .   ? -4.717  -11.796 5.028   0.50 26.06 ? 1203 SO4 A O4  1 
HETATM 1248 C C1  . EDO E 4 .   ? -10.967 10.856  2.036   1.00 24.17 ? 1204 EDO A C1  1 
HETATM 1249 O O1  . EDO E 4 .   ? -11.245 12.057  2.815   1.00 21.30 ? 1204 EDO A O1  1 
HETATM 1250 C C2  . EDO E 4 .   ? -12.218 10.068  1.739   1.00 17.77 ? 1204 EDO A C2  1 
HETATM 1251 O O2  . EDO E 4 .   ? -12.879 10.633  0.607   1.00 18.65 ? 1204 EDO A O2  1 
HETATM 1252 C C1  . EDO F 4 .   ? -9.957  16.612  1.000   1.00 51.04 ? 1205 EDO A C1  1 
HETATM 1253 O O1  . EDO F 4 .   ? -10.807 17.738  0.959   1.00 57.48 ? 1205 EDO A O1  1 
HETATM 1254 C C2  . EDO F 4 .   ? -9.376  16.399  2.350   1.00 53.73 ? 1205 EDO A C2  1 
HETATM 1255 O O2  . EDO F 4 .   ? -8.372  17.321  2.696   1.00 55.28 ? 1205 EDO A O2  1 
HETATM 1256 C C1  . EDO G 4 .   ? -4.285  -10.594 -2.579  1.00 26.40 ? 1206 EDO A C1  1 
HETATM 1257 O O1  . EDO G 4 .   ? -3.250  -10.711 -1.597  1.00 26.20 ? 1206 EDO A O1  1 
HETATM 1258 C C2  . EDO G 4 .   ? -5.282  -11.731 -2.569  1.00 24.18 ? 1206 EDO A C2  1 
HETATM 1259 O O2  . EDO G 4 .   ? -4.648  -12.936 -3.030  1.00 28.42 ? 1206 EDO A O2  1 
HETATM 1260 C C1  . EDO H 4 .   ? 19.228  -13.921 -8.330  0.48 48.09 ? 1207 EDO A C1  1 
HETATM 1261 O O1  . EDO H 4 .   ? 18.779  -13.136 -9.418  0.48 48.85 ? 1207 EDO A O1  1 
HETATM 1262 C C2  . EDO H 4 .   ? 18.577  -13.564 -7.042  0.48 47.60 ? 1207 EDO A C2  1 
HETATM 1263 O O2  . EDO H 4 .   ? 18.766  -12.212 -6.653  0.48 45.21 ? 1207 EDO A O2  1 
HETATM 1264 O O   . HOH I 5 .   ? 19.666  -13.265 -1.676  1.00 42.30 ? 1301 HOH A O   1 
HETATM 1265 O O   . HOH I 5 .   ? -17.920 -2.905  4.090   1.00 39.14 ? 1302 HOH A O   1 
HETATM 1266 O O   . HOH I 5 .   ? -20.280 2.617   -7.924  1.00 24.03 ? 1303 HOH A O   1 
HETATM 1267 O O   . HOH I 5 .   ? -2.449  15.935  -4.402  1.00 38.13 ? 1304 HOH A O   1 
HETATM 1268 O O   . HOH I 5 .   ? 32.905  5.816   -4.127  1.00 28.14 ? 1305 HOH A O   1 
HETATM 1269 O O   . HOH I 5 .   ? 14.034  -2.216  5.386   1.00 38.10 ? 1306 HOH A O   1 
HETATM 1270 O O   . HOH I 5 .   ? -6.506  7.541   -10.075 1.00 35.68 ? 1307 HOH A O   1 
HETATM 1271 O O   . HOH I 5 .   ? -19.540 1.905   15.365  1.00 31.38 ? 1308 HOH A O   1 
HETATM 1272 O O   . HOH I 5 .   ? -9.145  1.401   14.879  1.00 41.69 ? 1309 HOH A O   1 
HETATM 1273 O O   . HOH I 5 .   ? 25.575  -4.687  1.187   1.00 40.57 ? 1310 HOH A O   1 
HETATM 1274 O O   . HOH I 5 .   ? -23.883 7.627   2.769   1.00 32.80 ? 1311 HOH A O   1 
HETATM 1275 O O   . HOH I 5 .   ? 3.068   1.758   8.282   1.00 28.05 ? 1312 HOH A O   1 
HETATM 1276 O O   . HOH I 5 .   ? 6.187   -6.050  -14.018 1.00 58.32 ? 1313 HOH A O   1 
HETATM 1277 O O   . HOH I 5 .   ? 27.421  -4.118  -5.238  1.00 39.06 ? 1314 HOH A O   1 
HETATM 1278 O O   . HOH I 5 .   ? -24.121 4.627   12.081  1.00 44.78 ? 1315 HOH A O   1 
HETATM 1279 O O   . HOH I 5 .   ? 7.627   -8.372  -10.944 0.48 28.43 ? 1316 HOH A O   1 
HETATM 1280 O O   . HOH I 5 .   ? 4.962   -15.308 -2.180  1.00 42.47 ? 1317 HOH A O   1 
HETATM 1281 O O   . HOH I 5 .   ? 21.973  -7.027  -3.773  1.00 30.22 ? 1318 HOH A O   1 
HETATM 1282 O O   . HOH I 5 .   ? 11.611  -5.980  -2.791  0.48 17.51 ? 1319 HOH A O   1 
HETATM 1283 O O   . HOH I 5 .   ? -19.918 -1.365  13.725  1.00 40.60 ? 1320 HOH A O   1 
HETATM 1284 O O   . HOH I 5 .   ? -12.854 4.391   19.577  1.00 33.96 ? 1321 HOH A O   1 
HETATM 1285 O O   . HOH I 5 .   ? 17.233  -1.178  -10.186 0.48 21.46 ? 1322 HOH A O   1 
HETATM 1286 O O   . HOH I 5 .   ? 19.550  -6.456  3.927   1.00 34.21 ? 1323 HOH A O   1 
HETATM 1287 O O   . HOH I 5 .   ? 10.020  2.157   -15.812 1.00 34.23 ? 1324 HOH A O   1 
HETATM 1288 O O   . HOH I 5 .   ? 0.502   -11.129 2.976   1.00 19.78 ? 1325 HOH A O   1 
HETATM 1289 O O   . HOH I 5 .   ? 3.025   -3.961  -14.686 1.00 42.45 ? 1326 HOH A O   1 
HETATM 1290 O O   . HOH I 5 .   ? -4.182  -14.854 -1.274  1.00 21.98 ? 1327 HOH A O   1 
HETATM 1291 O O   . HOH I 5 .   ? -15.434 3.264   18.660  1.00 26.19 ? 1328 HOH A O   1 
HETATM 1292 O O   . HOH I 5 .   ? 5.419   -8.688  7.699   1.00 29.11 ? 1329 HOH A O   1 
HETATM 1293 O O   . HOH I 5 .   ? -10.018 -7.344  -7.386  1.00 23.13 ? 1330 HOH A O   1 
HETATM 1294 O O   . HOH I 5 .   ? 10.391  -5.772  4.975   1.00 19.61 ? 1331 HOH A O   1 
HETATM 1295 O O   . HOH I 5 .   ? 13.171  9.762   0.547   1.00 55.09 ? 1332 HOH A O   1 
HETATM 1296 O O   . HOH I 5 .   ? -11.730 -3.912  -9.074  1.00 37.97 ? 1333 HOH A O   1 
HETATM 1297 O O   . HOH I 5 .   ? -6.456  1.104   -8.477  1.00 35.61 ? 1334 HOH A O   1 
HETATM 1298 O O   . HOH I 5 .   ? -2.530  -3.866  6.673   1.00 32.03 ? 1335 HOH A O   1 
HETATM 1299 O O   . HOH I 5 .   ? -21.761 4.246   -1.425  0.50 31.13 ? 1336 HOH A O   1 
HETATM 1300 O O   . HOH I 5 .   ? -9.506  -4.213  10.944  1.00 64.36 ? 1337 HOH A O   1 
HETATM 1301 O O   . HOH I 5 .   ? 19.735  -7.074  -5.614  1.00 40.28 ? 1338 HOH A O   1 
HETATM 1302 O O   . HOH I 5 .   ? -13.554 -6.688  6.183   1.00 42.24 ? 1339 HOH A O   1 
HETATM 1303 O O   . HOH I 5 .   ? 3.999   -9.585  -3.907  1.00 21.67 ? 1340 HOH A O   1 
HETATM 1304 O O   . HOH I 5 .   ? -5.205  -13.874 7.877   1.00 25.42 ? 1341 HOH A O   1 
HETATM 1305 O O   . HOH I 5 .   ? -10.285 13.922  14.096  1.00 33.24 ? 1342 HOH A O   1 
HETATM 1306 O O   . HOH I 5 .   ? -20.387 -2.007  0.377   1.00 63.17 ? 1343 HOH A O   1 
HETATM 1307 O O   . HOH I 5 .   ? -11.667 8.909   20.106  1.00 31.28 ? 1344 HOH A O   1 
HETATM 1308 O O   . HOH I 5 .   ? 11.310  10.560  -2.294  1.00 39.09 ? 1345 HOH A O   1 
HETATM 1309 O O   . HOH I 5 .   ? -7.262  -9.479  7.566   1.00 33.91 ? 1346 HOH A O   1 
HETATM 1310 O O   . HOH I 5 .   ? 29.280  6.461   0.828   1.00 45.23 ? 1347 HOH A O   1 
HETATM 1311 O O   . HOH I 5 .   ? 7.870   -7.462  -2.067  1.00 17.19 ? 1348 HOH A O   1 
HETATM 1312 O O   . HOH I 5 .   ? 6.220   11.842  -6.843  1.00 26.96 ? 1349 HOH A O   1 
HETATM 1313 O O   . HOH I 5 .   ? 21.907  4.020   -9.597  1.00 18.52 ? 1350 HOH A O   1 
HETATM 1314 O O   . HOH I 5 .   ? -15.889 12.579  2.685   1.00 19.46 ? 1351 HOH A O   1 
HETATM 1315 O O   . HOH I 5 .   ? 5.901   12.347  1.886   1.00 21.41 ? 1352 HOH A O   1 
HETATM 1316 O O   . HOH I 5 .   ? 21.755  -0.336  2.341   1.00 34.60 ? 1353 HOH A O   1 
HETATM 1317 O O   . HOH I 5 .   ? -3.321  -13.758 3.717   1.00 18.26 ? 1354 HOH A O   1 
HETATM 1318 O O   . HOH I 5 .   ? -11.906 -10.721 3.132   1.00 45.08 ? 1355 HOH A O   1 
HETATM 1319 O O   . HOH I 5 .   ? -11.878 11.203  -1.886  1.00 14.18 ? 1356 HOH A O   1 
HETATM 1320 O O   . HOH I 5 .   ? -18.912 8.742   5.977   1.00 23.64 ? 1357 HOH A O   1 
HETATM 1321 O O   . HOH I 5 .   ? -3.705  -10.370 -6.663  1.00 29.08 ? 1358 HOH A O   1 
HETATM 1322 O O   . HOH I 5 .   ? 4.819   -2.263  7.163   1.00 19.81 ? 1359 HOH A O   1 
HETATM 1323 O O   . HOH I 5 .   ? 8.200   -15.635 1.320   1.00 28.83 ? 1360 HOH A O   1 
HETATM 1324 O O   . HOH I 5 .   ? -0.120  -7.567  4.683   1.00 20.20 ? 1361 HOH A O   1 
HETATM 1325 O O   . HOH I 5 .   ? -6.018  1.312   11.878  1.00 27.84 ? 1362 HOH A O   1 
HETATM 1326 O O   . HOH I 5 .   ? 0.746   9.032   -11.738 1.00 27.53 ? 1363 HOH A O   1 
HETATM 1327 O O   . HOH I 5 .   ? 4.385   1.743   -13.511 1.00 20.56 ? 1364 HOH A O   1 
HETATM 1328 O O   . HOH I 5 .   ? 1.211   16.600  0.882   1.00 26.34 ? 1365 HOH A O   1 
HETATM 1329 O O   . HOH I 5 .   ? 7.540   -2.308  6.720   1.00 20.95 ? 1366 HOH A O   1 
HETATM 1330 O O   . HOH I 5 .   ? 19.083  -1.174  2.790   1.00 26.85 ? 1367 HOH A O   1 
HETATM 1331 O O   . HOH I 5 .   ? -18.958 -1.250  2.760   1.00 25.94 ? 1368 HOH A O   1 
HETATM 1332 O O   . HOH I 5 .   ? -4.123  -10.989 1.031   1.00 21.67 ? 1369 HOH A O   1 
HETATM 1333 O O   . HOH I 5 .   ? 15.412  -13.223 5.737   1.00 43.96 ? 1370 HOH A O   1 
HETATM 1334 O O   . HOH I 5 .   ? 23.560  -8.139  -0.539  1.00 31.77 ? 1371 HOH A O   1 
HETATM 1335 O O   . HOH I 5 .   ? 7.232   9.179   -13.662 1.00 45.26 ? 1372 HOH A O   1 
HETATM 1336 O O   . HOH I 5 .   ? 11.434  -3.517  8.367   1.00 45.84 ? 1373 HOH A O   1 
HETATM 1337 O O   . HOH I 5 .   ? 0.657   -0.111  -14.372 1.00 32.39 ? 1374 HOH A O   1 
HETATM 1338 O O   . HOH I 5 .   ? -17.610 7.368   17.252  1.00 20.32 ? 1375 HOH A O   1 
HETATM 1339 O O   . HOH I 5 .   ? -11.564 4.749   -7.270  1.00 12.59 ? 1376 HOH A O   1 
HETATM 1340 O O   . HOH I 5 .   ? 7.376   -5.190  -4.563  0.48 18.70 ? 1377 HOH A O   1 
HETATM 1341 O O   . HOH I 5 .   ? 7.446   -6.131  -7.089  0.48 22.82 ? 1378 HOH A O   1 
HETATM 1342 O O   . HOH I 5 .   ? -10.044 13.297  -1.556  1.00 18.41 ? 1379 HOH A O   1 
HETATM 1343 O O   . HOH I 5 .   ? 9.474   -4.337  -3.071  0.48 17.30 ? 1380 HOH A O   1 
HETATM 1344 O O   . HOH I 5 .   ? 0.470   2.649   8.951   1.00 24.75 ? 1381 HOH A O   1 
HETATM 1345 O O   . HOH I 5 .   ? 2.685   3.664   -17.097 1.00 45.24 ? 1382 HOH A O   1 
HETATM 1346 O O   . HOH I 5 .   ? 10.436  0.615   -11.841 1.00 23.10 ? 1383 HOH A O   1 
HETATM 1347 O O   . HOH I 5 .   ? 10.336  -17.974 3.399   1.00 48.08 ? 1384 HOH A O   1 
HETATM 1348 O O   . HOH I 5 .   ? 25.373  -0.152  0.460   1.00 30.60 ? 1385 HOH A O   1 
HETATM 1349 O O   . HOH I 5 .   ? -10.062 -12.374 3.836   1.00 43.31 ? 1386 HOH A O   1 
HETATM 1350 O O   . HOH I 5 .   ? 29.611  -0.597  -7.642  1.00 23.14 ? 1387 HOH A O   1 
HETATM 1351 O O   . HOH I 5 .   ? 11.068  -16.336 -5.010  1.00 33.91 ? 1388 HOH A O   1 
HETATM 1352 O O   . HOH I 5 .   ? 4.842   -11.628 -11.464 1.00 45.05 ? 1389 HOH A O   1 
HETATM 1353 O O   . HOH I 5 .   ? -7.039  11.122  11.655  1.00 31.45 ? 1390 HOH A O   1 
HETATM 1354 O O   . HOH I 5 .   ? -13.092 16.708  3.144   1.00 30.41 ? 1391 HOH A O   1 
HETATM 1355 O O   . HOH I 5 .   ? -8.787  -11.413 6.274   1.00 40.17 ? 1392 HOH A O   1 
HETATM 1356 O O   . HOH I 5 .   ? 31.945  1.163   -0.567  1.00 27.60 ? 1393 HOH A O   1 
HETATM 1357 O O   . HOH I 5 .   ? -8.219  9.317   -4.061  1.00 24.53 ? 1394 HOH A O   1 
HETATM 1358 O O   . HOH I 5 .   ? -7.110  9.164   12.922  1.00 37.60 ? 1395 HOH A O   1 
HETATM 1359 O O   . HOH I 5 .   ? 26.342  3.249   -7.380  1.00 20.91 ? 1396 HOH A O   1 
HETATM 1360 O O   . HOH I 5 .   ? 8.879   -9.306  4.362   1.00 16.37 ? 1397 HOH A O   1 
HETATM 1361 O O   . HOH I 5 .   ? -8.685  -7.134  7.491   1.00 33.99 ? 1398 HOH A O   1 
HETATM 1362 O O   . HOH I 5 .   ? -16.192 12.631  -1.063  1.00 14.76 ? 1399 HOH A O   1 
HETATM 1363 O O   . HOH I 5 .   ? -5.225  -5.029  6.829   1.00 25.43 ? 1400 HOH A O   1 
HETATM 1364 O O   . HOH I 5 .   ? 13.580  9.007   -3.503  1.00 23.27 ? 1401 HOH A O   1 
HETATM 1365 O O   . HOH I 5 .   ? 1.416   -4.865  6.457   1.00 28.07 ? 1402 HOH A O   1 
HETATM 1366 O O   . HOH I 5 .   ? 24.950  2.307   -0.755  1.00 25.11 ? 1403 HOH A O   1 
HETATM 1367 O O   . HOH I 5 .   ? 0.530   11.414  5.236   1.00 28.31 ? 1404 HOH A O   1 
HETATM 1368 O O   . HOH I 5 .   ? 7.326   -16.719 4.126   1.00 23.75 ? 1405 HOH A O   1 
HETATM 1369 O O   . HOH I 5 .   ? 24.512  -2.216  -10.872 1.00 38.74 ? 1406 HOH A O   1 
HETATM 1370 O O   . HOH I 5 .   ? -1.291  -10.009 -7.293  1.00 34.95 ? 1407 HOH A O   1 
HETATM 1371 O O   . HOH I 5 .   ? 10.551  -10.573 -11.160 1.00 36.36 ? 1408 HOH A O   1 
HETATM 1372 O O   . HOH I 5 .   ? -5.086  -6.821  -8.956  1.00 25.13 ? 1409 HOH A O   1 
HETATM 1373 O O   . HOH I 5 .   ? -15.205 -8.676  -0.963  1.00 33.31 ? 1410 HOH A O   1 
HETATM 1374 O O   . HOH I 5 .   ? -23.071 -2.549  9.206   1.00 51.75 ? 1411 HOH A O   1 
HETATM 1375 O O   . HOH I 5 .   ? -7.884  17.092  7.318   1.00 27.76 ? 1412 HOH A O   1 
HETATM 1376 O O   . HOH I 5 .   ? 8.808   1.606   4.738   1.00 28.91 ? 1413 HOH A O   1 
HETATM 1377 O O   . HOH I 5 .   ? -15.296 -6.655  -4.343  1.00 31.21 ? 1414 HOH A O   1 
HETATM 1378 O O   . HOH I 5 .   ? -0.269  -2.827  -10.386 1.00 29.76 ? 1415 HOH A O   1 
HETATM 1379 O O   . HOH I 5 .   ? 14.244  -0.459  -10.238 1.00 29.90 ? 1416 HOH A O   1 
HETATM 1380 O O   . HOH I 5 .   ? -6.329  10.076  16.737  1.00 57.76 ? 1417 HOH A O   1 
HETATM 1381 O O   . HOH I 5 .   ? -10.350 -2.664  1.743   1.00 14.66 ? 1418 HOH A O   1 
HETATM 1382 O O   . HOH I 5 .   ? 19.503  5.432   -3.371  1.00 34.73 ? 1419 HOH A O   1 
HETATM 1383 O O   . HOH I 5 .   ? 14.453  7.677   3.186   1.00 52.88 ? 1420 HOH A O   1 
HETATM 1384 O O   . HOH I 5 .   ? 2.041   -7.161  7.559   1.00 53.02 ? 1421 HOH A O   1 
HETATM 1385 O O   . HOH I 5 .   ? -4.589  -12.883 -5.989  1.00 29.79 ? 1422 HOH A O   1 
HETATM 1386 O O   . HOH I 5 .   ? 9.732   12.236  -6.062  1.00 40.33 ? 1423 HOH A O   1 
HETATM 1387 O O   . HOH I 5 .   ? 7.198   10.136  3.738   1.00 41.80 ? 1424 HOH A O   1 
HETATM 1388 O O   . HOH I 5 .   ? -17.028 -6.642  4.639   1.00 50.92 ? 1425 HOH A O   1 
HETATM 1389 O O   . HOH I 5 .   ? -0.697  13.159  -7.774  1.00 40.77 ? 1426 HOH A O   1 
HETATM 1390 O O   . HOH I 5 .   ? 1.270   5.167   8.687   1.00 30.03 ? 1427 HOH A O   1 
HETATM 1391 O O   . HOH I 5 .   ? -1.333  11.746  -9.459  1.00 29.25 ? 1428 HOH A O   1 
HETATM 1392 O O   . HOH I 5 .   ? 10.981  -18.902 7.229   1.00 28.98 ? 1429 HOH A O   1 
HETATM 1393 O O   . HOH I 5 .   ? -23.399 1.798   14.764  1.00 40.42 ? 1430 HOH A O   1 
HETATM 1394 O O   . HOH I 5 .   ? -12.938 18.083  8.483   1.00 38.82 ? 1431 HOH A O   1 
HETATM 1395 O O   . HOH I 5 .   ? 7.054   5.472   6.535   1.00 32.97 ? 1432 HOH A O   1 
HETATM 1396 O O   . HOH I 5 .   ? -9.980  -9.012  -5.096  1.00 20.21 ? 1433 HOH A O   1 
HETATM 1397 O O   . HOH I 5 .   ? -28.707 0.910   9.095   1.00 48.16 ? 1434 HOH A O   1 
HETATM 1398 O O   . HOH I 5 .   ? -13.400 -2.210  3.323   1.00 18.05 ? 1435 HOH A O   1 
HETATM 1399 O O   . HOH I 5 .   ? 12.232  10.095  -8.139  1.00 20.45 ? 1436 HOH A O   1 
HETATM 1400 O O   . HOH I 5 .   ? 30.702  3.445   2.039   1.00 40.77 ? 1437 HOH A O   1 
HETATM 1401 O O   . HOH I 5 .   ? 6.488   -5.699  -11.217 1.00 36.33 ? 1438 HOH A O   1 
HETATM 1402 O O   . HOH I 5 .   ? -13.438 14.082  2.303   1.00 28.80 ? 1439 HOH A O   1 
HETATM 1403 O O   . HOH I 5 .   ? 9.523   -6.476  -10.471 0.48 30.39 ? 1440 HOH A O   1 
HETATM 1404 O O   . HOH I 5 .   ? -4.424  13.600  6.217   1.00 44.07 ? 1441 HOH A O   1 
HETATM 1405 O O   . HOH I 5 .   ? 2.657   8.803   -8.803  1.00 29.85 ? 1442 HOH A O   1 
HETATM 1406 O O   . HOH I 5 .   ? 5.165   8.381   -15.377 1.00 32.83 ? 1443 HOH A O   1 
HETATM 1407 O O   . HOH I 5 .   ? 11.310  -10.291 5.264   1.00 22.82 ? 1444 HOH A O   1 
HETATM 1408 O O   . HOH I 5 .   ? -20.616 6.328   9.601   1.00 29.60 ? 1445 HOH A O   1 
HETATM 1409 O O   . HOH I 5 .   ? 5.991   4.366   8.730   1.00 53.94 ? 1446 HOH A O   1 
HETATM 1410 O O   . HOH I 5 .   ? 1.776   17.316  -1.849  1.00 44.34 ? 1447 HOH A O   1 
HETATM 1411 O O   . HOH I 5 .   ? -2.209  -1.790  -9.097  1.00 36.70 ? 1448 HOH A O   1 
HETATM 1412 O O   . HOH I 5 .   ? 8.739   11.285  -3.984  1.00 34.84 ? 1449 HOH A O   1 
HETATM 1413 O O   . HOH I 5 .   ? 15.098  1.410   -15.496 1.00 40.92 ? 1450 HOH A O   1 
HETATM 1414 O O   . HOH I 5 .   ? -21.687 8.095   6.585   1.00 35.82 ? 1451 HOH A O   1 
HETATM 1415 O O   . HOH I 5 .   ? 10.989  2.490   4.880   1.00 42.18 ? 1452 HOH A O   1 
HETATM 1416 O O   . HOH I 5 .   ? 28.231  -3.157  -1.216  1.00 19.05 ? 1453 HOH A O   1 
HETATM 1417 O O   . HOH I 5 .   ? 10.037  -3.262  -14.277 1.00 44.44 ? 1454 HOH A O   1 
HETATM 1418 O O   . HOH I 5 .   ? 6.723   -9.119  -4.489  1.00 20.89 ? 1455 HOH A O   1 
HETATM 1419 O O   . HOH I 5 .   ? -2.495  17.847  -6.427  1.00 37.31 ? 1456 HOH A O   1 
HETATM 1420 O O   . HOH I 5 .   ? -15.890 -5.402  10.235  1.00 43.48 ? 1457 HOH A O   1 
HETATM 1421 O O   . HOH I 5 .   ? -27.206 3.674   1.174   1.00 70.41 ? 1458 HOH A O   1 
HETATM 1422 O O   . HOH I 5 .   ? 2.677   13.216  -4.035  1.00 42.15 ? 1459 HOH A O   1 
HETATM 1423 O O   . HOH I 5 .   ? -7.520  -13.720 6.452   1.00 31.28 ? 1460 HOH A O   1 
HETATM 1424 O O   . HOH I 5 .   ? 0.765   15.109  -3.250  1.00 37.74 ? 1461 HOH A O   1 
HETATM 1425 O O   . HOH I 5 .   ? 20.940  3.745   1.569   1.00 62.83 ? 1462 HOH A O   1 
HETATM 1426 O O   . HOH I 5 .   ? 17.965  3.704   1.117   1.00 41.22 ? 1463 HOH A O   1 
HETATM 1427 O O   . HOH I 5 .   ? -9.592  4.216   -9.265  1.00 23.87 ? 1464 HOH A O   1 
HETATM 1428 O O   . HOH I 5 .   ? 11.509  -8.124  -9.911  0.48 40.04 ? 1465 HOH A O   1 
HETATM 1429 O O   . HOH I 5 .   ? -15.398 -3.441  4.952   1.00 29.63 ? 1466 HOH A O   1 
HETATM 1430 O O   . HOH I 5 .   ? 11.462  -0.208  -14.383 1.00 36.97 ? 1467 HOH A O   1 
HETATM 1431 O O   . HOH I 5 .   ? 13.631  -2.317  -12.292 0.48 29.60 ? 1468 HOH A O   1 
HETATM 1432 O O   . HOH I 5 .   ? -16.185 1.145   20.514  1.00 43.86 ? 1469 HOH A O   1 
HETATM 1433 O O   . HOH I 5 .   ? 17.592  5.967   -1.541  1.00 43.93 ? 1470 HOH A O   1 
HETATM 1434 O O   . HOH I 5 .   ? 6.957   13.080  -2.539  1.00 35.56 ? 1471 HOH A O   1 
HETATM 1435 O O   . HOH I 5 .   ? -12.664 -9.295  -4.772  1.00 22.37 ? 1472 HOH A O   1 
HETATM 1436 O O   . HOH I 5 .   ? -7.864  -7.263  -9.098  1.00 31.48 ? 1473 HOH A O   1 
HETATM 1437 O O   . HOH I 5 .   ? -0.443  18.646  2.155   1.00 32.61 ? 1474 HOH A O   1 
HETATM 1438 O O   . HOH I 5 .   ? 3.993   13.842  3.354   1.00 25.58 ? 1475 HOH A O   1 
HETATM 1439 O O   . HOH I 5 .   ? 19.213  -3.050  4.791   1.00 46.95 ? 1476 HOH A O   1 
HETATM 1440 O O   . HOH I 5 .   ? 26.965  -3.780  -10.197 1.00 48.99 ? 1477 HOH A O   1 
HETATM 1441 O O   . HOH I 5 .   ? -1.646  12.442  6.521   1.00 47.17 ? 1478 HOH A O   1 
HETATM 1442 O O   . HOH I 5 .   ? 2.117   9.195   -14.222 1.00 41.40 ? 1479 HOH A O   1 
HETATM 1443 O O   . HOH I 5 .   ? -4.414  -4.366  -10.639 1.00 50.06 ? 1480 HOH A O   1 
HETATM 1444 O O   . HOH I 5 .   ? 12.647  11.163  -5.698  1.00 26.33 ? 1481 HOH A O   1 
HETATM 1445 O O   . HOH I 5 .   ? 15.131  9.731   -1.646  1.00 54.10 ? 1482 HOH A O   1 
HETATM 1446 O O   . HOH I 5 .   ? 7.091   8.195   5.321   1.00 57.11 ? 1483 HOH A O   1 
HETATM 1447 O O   . HOH I 5 .   ? 9.118   14.047  -7.181  1.00 55.92 ? 1484 HOH A O   1 
HETATM 1448 O O   . HOH I 5 .   ? 7.358   14.042  0.435   1.00 34.57 ? 1485 HOH A O   1 
HETATM 1449 O O   . HOH I 5 .   ? 3.802   -4.645  7.965   1.00 35.09 ? 1486 HOH A O   1 
HETATM 1450 O O   . HOH I 5 .   ? 11.590  4.459   -16.640 1.00 40.30 ? 1487 HOH A O   1 
HETATM 1451 O O   . HOH I 5 .   ? -11.058 9.550   -4.106  1.00 15.87 ? 1488 HOH A O   1 
HETATM 1452 O O   . HOH I 5 .   ? 4.554   -0.292  9.084   1.00 26.11 ? 1489 HOH A O   1 
HETATM 1453 O O   . HOH I 5 .   ? 3.030   12.836  5.771   1.00 32.05 ? 1490 HOH A O   1 
HETATM 1454 O O   . HOH I 5 .   ? 7.979   -4.771  8.284   1.00 37.44 ? 1491 HOH A O   1 
HETATM 1455 O O   . HOH I 5 .   ? 3.760   12.444  -8.084  1.00 48.81 ? 1492 HOH A O   1 
HETATM 1456 O O   . HOH I 5 .   ? 18.273  1.423   3.215   1.00 39.03 ? 1493 HOH A O   1 
HETATM 1457 O O   . HOH I 5 .   ? 25.289  -6.124  3.086   1.00 46.85 ? 1494 HOH A O   1 
HETATM 1458 O O   . HOH I 5 .   ? -20.441 -4.483  0.292   1.00 51.56 ? 1495 HOH A O   1 
HETATM 1459 O O   . HOH I 5 .   ? 8.571   0.169   7.550   1.00 44.39 ? 1496 HOH A O   1 
HETATM 1460 O O   . HOH I 5 .   ? -5.287  0.689   -11.040 1.00 39.55 ? 1497 HOH A O   1 
HETATM 1461 O O   . HOH I 5 .   ? 11.716  -10.812 7.803   1.00 46.17 ? 1498 HOH A O   1 
HETATM 1462 O O   . HOH I 5 .   ? 9.260   -6.581  7.366   1.00 26.11 ? 1499 HOH A O   1 
HETATM 1463 O O   . HOH I 5 .   ? -14.415 -10.749 -3.273  1.00 28.34 ? 1500 HOH A O   1 
HETATM 1464 O O   . HOH I 5 .   ? -11.572 6.434   21.307  1.00 45.54 ? 1501 HOH A O   1 
HETATM 1465 O O   . HOH I 5 .   ? 7.949   -9.069  6.945   1.00 22.65 ? 1502 HOH A O   1 
HETATM 1466 O O   . HOH I 5 .   ? 10.390  -5.450  -12.864 0.48 51.77 ? 1503 HOH A O   1 
HETATM 1467 O O   . HOH I 5 .   ? -9.037  -4.638  -10.680 1.00 51.45 ? 1504 HOH A O   1 
HETATM 1468 O O   . HOH I 5 .   ? 3.705   16.350  2.089   1.00 28.98 ? 1505 HOH A O   1 
HETATM 1469 O O   . HOH I 5 .   ? -13.730 -12.414 1.736   1.00 41.66 ? 1506 HOH A O   1 
HETATM 1470 O O   . HOH I 5 .   ? -0.303  -2.280  -13.097 1.00 41.84 ? 1507 HOH A O   1 
HETATM 1471 O O   . HOH I 5 .   ? 5.001   14.132  -3.781  1.00 40.09 ? 1508 HOH A O   1 
HETATM 1472 O O   . HOH I 5 .   ? 4.621   1.669   -16.162 1.00 35.58 ? 1509 HOH A O   1 
HETATM 1473 O O   . HOH I 5 .   ? -5.295  11.653  8.932   1.00 38.82 ? 1510 HOH A O   1 
HETATM 1474 O O   . HOH I 5 .   ? -8.705  -0.648  -8.687  1.00 33.26 ? 1511 HOH A O   1 
HETATM 1475 O O   . HOH I 5 .   ? -15.050 18.501  2.795   1.00 46.51 ? 1512 HOH A O   1 
HETATM 1476 O O   . HOH I 5 .   ? 24.199  4.842   -8.041  1.00 19.88 ? 1513 HOH A O   1 
HETATM 1477 O O   . HOH I 5 .   ? 13.088  -5.025  -13.447 0.48 38.72 ? 1514 HOH A O   1 
HETATM 1478 O O   . HOH I 5 .   ? 12.755  0.172   6.022   1.00 49.32 ? 1515 HOH A O   1 
HETATM 1479 O O   . HOH I 5 .   ? 5.633   -6.245  8.606   1.00 41.89 ? 1516 HOH A O   1 
HETATM 1480 O O   . HOH I 5 .   ? 11.400  -0.475  8.181   1.00 47.52 ? 1517 HOH A O   1 
HETATM 1481 O O   . HOH I 5 .   ? 12.774  -6.900  -12.347 0.48 51.32 ? 1518 HOH A O   1 
HETATM 1482 O O   . HOH I 5 .   ? 1.496   11.098  -8.205  1.00 40.04 ? 1519 HOH A O   1 
HETATM 1483 O O   . HOH I 5 .   ? -28.661 9.569   13.215  1.00 59.58 ? 1520 HOH A O   1 
HETATM 1484 O O   . HOH I 5 .   ? -14.083 -5.673  11.581  1.00 46.47 ? 1521 HOH A O   1 
HETATM 1485 O O   . HOH I 5 .   ? 9.233   -10.820 8.652   1.00 34.12 ? 1522 HOH A O   1 
HETATM 1486 O O   . HOH I 5 .   ? 5.846   16.463  0.274   1.00 38.96 ? 1523 HOH A O   1 
HETATM 1487 O O   . HOH I 5 .   ? 4.863   16.624  -2.232  1.00 43.87 ? 1524 HOH A O   1 
HETATM 1488 O O   . HOH I 5 .   ? -6.576  -2.771  -11.158 1.00 51.68 ? 1525 HOH A O   1 
# 
